data_5FJI
#
_entry.id   5FJI
#
_cell.length_a   88.519
_cell.length_b   129.673
_cell.length_c   217.717
_cell.angle_alpha   90.00
_cell.angle_beta   90.00
_cell.angle_gamma   90.00
#
_symmetry.space_group_name_H-M   'P 21 21 21'
#
loop_
_entity.id
_entity.type
_entity.pdbx_description
1 polymer BETA-GLUCOSIDASE
2 branched alpha-D-mannopyranose-(1-2)-alpha-D-mannopyranose-(1-3)-alpha-D-mannopyranose-(1-6)-[alpha-D-mannopyranose-(1-3)]beta-D-mannopyranose-(1-4)-2-acetamido-2-deoxy-beta-D-glucopyranose-(1-4)-2-acetamido-2-deoxy-beta-D-glucopyranose
3 branched alpha-D-mannopyranose-(1-2)-alpha-D-mannopyranose-(1-2)-alpha-D-mannopyranose-(1-3)-beta-D-mannopyranose-(1-4)-2-acetamido-2-deoxy-beta-D-glucopyranose-(1-4)-2-acetamido-2-deoxy-beta-D-glucopyranose
4 branched beta-D-mannopyranose-(1-4)-2-acetamido-2-deoxy-beta-D-glucopyranose-(1-4)-2-acetamido-2-deoxy-beta-D-glucopyranose
5 branched alpha-D-mannopyranose-(1-2)-alpha-D-mannopyranose-(1-2)-alpha-D-mannopyranose-(1-3)-[alpha-D-mannopyranose-(1-2)-alpha-D-mannopyranose-(1-3)-[alpha-D-mannopyranose-(1-2)-alpha-D-mannopyranose-(1-6)]alpha-D-mannopyranose-(1-6)]beta-D-mannopyranose-(1-4)-2-acetamido-2-deoxy-beta-D-glucopyranose-(1-4)-2-acetamido-2-deoxy-beta-D-glucopyranose
6 branched alpha-D-mannopyranose-(1-3)-beta-D-mannopyranose-(1-4)-2-acetamido-2-deoxy-beta-D-glucopyranose-(1-4)-2-acetamido-2-deoxy-beta-D-glucopyranose
7 branched alpha-D-mannopyranose-(1-2)-alpha-D-mannopyranose-(1-6)-[alpha-D-mannopyranose-(1-3)]alpha-D-mannopyranose-(1-6)-[alpha-D-mannopyranose-(1-2)-alpha-D-mannopyranose-(1-3)]beta-D-mannopyranose-(1-4)-2-acetamido-2-deoxy-beta-D-glucopyranose-(1-4)-2-acetamido-2-deoxy-beta-D-glucopyranose
8 branched alpha-D-mannopyranose-(1-2)-alpha-D-mannopyranose-(1-3)-beta-D-mannopyranose-(1-4)-2-acetamido-2-deoxy-beta-D-glucopyranose-(1-4)-2-acetamido-2-deoxy-beta-D-glucopyranose
9 non-polymer 2-acetamido-2-deoxy-beta-D-glucopyranose
10 non-polymer 1,2-ETHANEDIOL
11 non-polymer IMIDAZOLE
12 water water
#
_entity_poly.entity_id   1
_entity_poly.type   'polypeptide(L)'
_entity_poly.pdbx_seq_one_letter_code
;QELAFSPPFYPSPWADGQGEWADAHRRAVEIVSQMTLAEKVNLTTGTGWEMDRCVGQTGSVPRLGINWGLCGQDSPLGIR
FSDLNSAFPAGTNVAATWDKTLAYLRGKAMGEEFNDKGVDILLGPAAGPLGKYPDGGRIWEGFSPDPVLTGVLFAETIKG
IQDAGVIATAKHYILNEQEHFRQVGEAQGYGYNITETISSNVDDKTMHELYLWPFADAVRAGVGAVMCSYNQINNSYGCQ
NSQTLNKLLKAELGFQGFVMSDWSAHHSGVGAALAGLDMSMPGDISFDDGLSFWGTNLTVSVLNGTVPAWRVDDMAVRIM
TAYYKVGRDRLRIPPNFSSWTRDEYGWEHSAVSEGAWTKVNDFVNVQRSHSQIIREIGAASTVLLKNTGALPLTGKEVKV
GVLGEDAGSNPWGANGCPDRGCDNGTLAMAWGSGTANFPYLVTPEQAIQREVISNGGNVFAVTDNGALSQMADVASQSSV
SLVFVNADSGEGFISVDGNEGDRKNLTLWKNGEAVIDTVVSHCNNTIVVIHSVGPVLIDRWYDNPNVTAIIWAGLPGQES
GNSLVDVLYGRVNPSAKTPFTWGKTRESYGAPLLTEPNNGNGAPQDDFNEGVFIDYRHFDKRNETPIYEFGHGLSYTTFG
YSHLRVQALNSSSSAYVPTSGETKPAPTYGEIGSAADYLYPEGLKRITKFIYPWLNSTDLEDSSDDPNYGWEDSEYIPEG
ARDGSPQPLLKAGGAPGGNPTLYQDLVRVSATITNTGNVAGYEVPQLYVSLGGPNEPRVVLRKFDRIFLAPGEQKVWTTT
LNRRDLANWDVEAQDWVITKYPKKVHVGSSSRKLPLRAPLPRVY
;
_entity_poly.pdbx_strand_id   A,B
#
loop_
_chem_comp.id
_chem_comp.type
_chem_comp.name
_chem_comp.formula
BMA D-saccharide, beta linking beta-D-mannopyranose 'C6 H12 O6'
EDO non-polymer 1,2-ETHANEDIOL 'C2 H6 O2'
IMD non-polymer IMIDAZOLE 'C3 H5 N2 1'
MAN D-saccharide, alpha linking alpha-D-mannopyranose 'C6 H12 O6'
NAG D-saccharide, beta linking 2-acetamido-2-deoxy-beta-D-glucopyranose 'C8 H15 N O6'
#
# COMPACT_ATOMS: atom_id res chain seq x y z
N GLU A 2 -2.93 -54.28 -22.92
CA GLU A 2 -2.02 -53.18 -23.07
C GLU A 2 -2.13 -52.32 -21.79
N LEU A 3 -3.32 -51.80 -21.50
CA LEU A 3 -3.49 -50.79 -20.44
C LEU A 3 -3.15 -51.28 -19.02
N ALA A 4 -2.57 -50.43 -18.16
CA ALA A 4 -2.42 -50.70 -16.71
C ALA A 4 -3.72 -51.18 -16.08
N PHE A 5 -3.60 -52.15 -15.21
CA PHE A 5 -4.71 -52.84 -14.64
C PHE A 5 -4.58 -52.76 -13.11
N SER A 6 -5.72 -52.56 -12.41
CA SER A 6 -5.76 -52.55 -10.94
C SER A 6 -6.48 -53.82 -10.41
N PRO A 7 -5.72 -54.86 -10.03
CA PRO A 7 -6.42 -56.10 -9.62
C PRO A 7 -7.32 -56.01 -8.38
N PRO A 8 -8.27 -56.96 -8.25
CA PRO A 8 -9.22 -56.83 -7.14
C PRO A 8 -8.58 -57.15 -5.79
N PHE A 9 -8.92 -56.40 -4.73
CA PHE A 9 -8.69 -56.89 -3.37
C PHE A 9 -9.95 -56.71 -2.53
N TYR A 10 -10.54 -57.84 -2.14
CA TYR A 10 -11.81 -57.91 -1.42
C TYR A 10 -11.76 -59.00 -0.39
N PRO A 11 -12.56 -58.93 0.68
CA PRO A 11 -13.52 -57.84 0.99
C PRO A 11 -12.86 -56.57 1.56
N SER A 12 -13.68 -55.50 1.70
CA SER A 12 -13.32 -54.31 2.34
C SER A 12 -13.15 -54.53 3.84
N PRO A 13 -11.92 -54.30 4.39
CA PRO A 13 -11.67 -54.64 5.77
C PRO A 13 -12.50 -53.88 6.72
N TRP A 14 -12.97 -54.58 7.77
CA TRP A 14 -13.84 -53.97 8.78
C TRP A 14 -12.92 -53.49 9.90
N ALA A 15 -13.34 -52.42 10.54
CA ALA A 15 -12.63 -51.89 11.69
C ALA A 15 -12.49 -52.93 12.84
N ASP A 16 -11.37 -52.88 13.55
CA ASP A 16 -11.11 -53.90 14.57
C ASP A 16 -11.08 -53.35 16.02
N GLY A 17 -11.19 -52.06 16.22
CA GLY A 17 -11.07 -51.48 17.54
C GLY A 17 -9.80 -51.80 18.37
N GLN A 18 -8.66 -51.94 17.72
N GLN A 18 -8.65 -51.96 17.72
CA GLN A 18 -7.46 -52.31 18.43
CA GLN A 18 -7.41 -52.30 18.45
C GLN A 18 -6.65 -51.06 18.81
C GLN A 18 -6.67 -51.06 18.84
N GLY A 19 -5.87 -51.18 19.88
CA GLY A 19 -4.86 -50.22 20.22
C GLY A 19 -5.43 -48.91 20.64
N GLU A 20 -4.89 -47.82 20.09
CA GLU A 20 -5.36 -46.49 20.55
C GLU A 20 -6.78 -46.16 20.09
N TRP A 21 -7.33 -46.96 19.18
CA TRP A 21 -8.66 -46.81 18.65
C TRP A 21 -9.75 -47.54 19.46
N ALA A 22 -9.38 -48.34 20.48
CA ALA A 22 -10.37 -49.17 21.19
C ALA A 22 -11.58 -48.37 21.81
N ASP A 23 -11.28 -47.26 22.46
CA ASP A 23 -12.32 -46.48 23.13
C ASP A 23 -13.26 -45.82 22.17
N ALA A 24 -12.70 -45.18 21.16
CA ALA A 24 -13.55 -44.47 20.20
C ALA A 24 -14.40 -45.47 19.38
N HIS A 25 -13.80 -46.62 19.03
CA HIS A 25 -14.54 -47.69 18.30
C HIS A 25 -15.64 -48.29 19.18
N ARG A 26 -15.39 -48.44 20.46
CA ARG A 26 -16.43 -48.91 21.37
C ARG A 26 -17.60 -47.92 21.42
N ARG A 27 -17.32 -46.64 21.60
CA ARG A 27 -18.38 -45.63 21.62
C ARG A 27 -19.11 -45.62 20.24
N ALA A 28 -18.35 -45.79 19.17
CA ALA A 28 -19.00 -45.88 17.85
C ALA A 28 -19.96 -47.09 17.70
N VAL A 29 -19.52 -48.25 18.15
CA VAL A 29 -20.35 -49.42 18.10
C VAL A 29 -21.60 -49.24 18.93
N GLU A 30 -21.47 -48.67 20.13
CA GLU A 30 -22.59 -48.38 21.01
C GLU A 30 -23.68 -47.51 20.32
N ILE A 31 -23.29 -46.44 19.64
CA ILE A 31 -24.27 -45.61 18.97
C ILE A 31 -24.79 -46.21 17.64
N VAL A 32 -23.91 -46.84 16.85
CA VAL A 32 -24.34 -47.42 15.59
C VAL A 32 -25.31 -48.61 15.83
N SER A 33 -25.09 -49.35 16.89
CA SER A 33 -26.01 -50.43 17.28
C SER A 33 -27.46 -49.97 17.55
N GLN A 34 -27.62 -48.70 17.88
CA GLN A 34 -28.91 -48.09 18.04
C GLN A 34 -29.56 -47.52 16.78
N MET A 35 -28.79 -47.40 15.68
CA MET A 35 -29.24 -46.72 14.46
C MET A 35 -30.04 -47.63 13.55
N THR A 36 -31.04 -47.05 12.94
CA THR A 36 -31.75 -47.71 11.83
C THR A 36 -30.93 -47.55 10.53
N LEU A 37 -31.36 -48.24 9.46
CA LEU A 37 -30.62 -48.18 8.23
C LEU A 37 -30.61 -46.73 7.64
N ALA A 38 -31.73 -46.02 7.70
CA ALA A 38 -31.75 -44.69 7.14
C ALA A 38 -30.84 -43.73 7.93
N GLU A 39 -30.69 -43.95 9.24
CA GLU A 39 -29.80 -43.17 10.05
C GLU A 39 -28.32 -43.40 9.65
N LYS A 40 -27.94 -44.69 9.52
CA LYS A 40 -26.67 -45.03 9.05
C LYS A 40 -26.37 -44.38 7.70
N VAL A 41 -27.29 -44.54 6.75
CA VAL A 41 -27.10 -43.99 5.41
C VAL A 41 -26.92 -42.44 5.47
N ASN A 42 -27.63 -41.80 6.38
CA ASN A 42 -27.48 -40.35 6.55
C ASN A 42 -26.04 -39.93 6.86
N LEU A 43 -25.32 -40.74 7.63
CA LEU A 43 -23.94 -40.42 7.97
C LEU A 43 -23.03 -40.56 6.81
N THR A 44 -23.32 -41.55 5.95
CA THR A 44 -22.48 -41.80 4.81
C THR A 44 -22.65 -40.86 3.64
N THR A 45 -23.76 -40.12 3.61
CA THR A 45 -24.10 -39.40 2.44
C THR A 45 -24.32 -37.91 2.67
N GLY A 46 -23.57 -37.06 1.95
CA GLY A 46 -23.83 -35.63 2.01
C GLY A 46 -25.23 -35.22 1.52
N THR A 47 -25.75 -34.05 1.93
CA THR A 47 -27.09 -33.70 1.62
C THR A 47 -27.22 -32.93 0.31
N GLY A 48 -26.15 -32.70 -0.40
CA GLY A 48 -26.20 -32.06 -1.72
C GLY A 48 -25.41 -30.76 -1.75
N TRP A 49 -24.91 -30.37 -2.92
CA TRP A 49 -24.10 -29.18 -3.04
C TRP A 49 -24.89 -27.92 -2.66
N GLU A 50 -24.30 -27.16 -1.76
CA GLU A 50 -24.84 -25.94 -1.23
C GLU A 50 -26.22 -26.09 -0.57
N MET A 51 -26.51 -27.25 0.02
CA MET A 51 -27.77 -27.43 0.71
C MET A 51 -27.75 -27.03 2.20
N ASP A 52 -26.57 -26.83 2.79
CA ASP A 52 -26.43 -26.50 4.20
C ASP A 52 -25.28 -25.40 4.28
N ARG A 53 -24.61 -25.29 5.41
CA ARG A 53 -23.64 -24.19 5.63
C ARG A 53 -22.24 -24.47 5.08
N CYS A 54 -21.84 -25.74 5.16
CA CYS A 54 -20.46 -26.17 4.91
C CYS A 54 -20.30 -26.76 3.49
N VAL A 55 -19.08 -26.77 3.03
CA VAL A 55 -18.82 -27.25 1.68
CA VAL A 55 -18.72 -27.26 1.72
C VAL A 55 -19.28 -28.68 1.56
N GLY A 56 -19.22 -29.43 2.66
CA GLY A 56 -19.84 -30.79 2.76
C GLY A 56 -20.56 -30.93 4.08
N GLN A 57 -21.75 -31.52 4.05
CA GLN A 57 -22.47 -31.82 5.20
C GLN A 57 -23.32 -33.08 5.12
N THR A 58 -23.16 -33.97 6.10
CA THR A 58 -23.87 -35.23 6.08
C THR A 58 -25.29 -35.02 6.47
N GLY A 59 -26.06 -36.10 6.29
CA GLY A 59 -27.37 -36.16 6.99
C GLY A 59 -27.24 -36.15 8.52
N SER A 60 -28.33 -35.92 9.22
CA SER A 60 -28.33 -35.89 10.69
C SER A 60 -28.97 -37.18 11.31
N VAL A 61 -28.78 -37.39 12.62
CA VAL A 61 -29.38 -38.48 13.34
C VAL A 61 -29.96 -37.86 14.60
N PRO A 62 -30.99 -36.99 14.44
CA PRO A 62 -31.52 -36.27 15.57
C PRO A 62 -32.14 -37.17 16.65
N ARG A 63 -32.70 -38.35 16.29
CA ARG A 63 -33.24 -39.24 17.32
C ARG A 63 -32.15 -39.62 18.35
N LEU A 64 -30.86 -39.73 17.95
CA LEU A 64 -29.79 -40.09 18.84
C LEU A 64 -28.87 -38.92 19.18
N GLY A 65 -29.32 -37.70 19.03
CA GLY A 65 -28.50 -36.52 19.49
C GLY A 65 -27.49 -35.99 18.50
N ILE A 66 -27.48 -36.49 17.24
CA ILE A 66 -26.59 -35.87 16.17
C ILE A 66 -27.50 -34.94 15.45
N ASN A 67 -27.58 -33.72 15.97
CA ASN A 67 -28.72 -32.85 15.68
C ASN A 67 -28.54 -31.99 14.49
N TRP A 68 -27.34 -31.94 13.93
CA TRP A 68 -27.14 -31.39 12.61
C TRP A 68 -26.03 -32.28 12.01
N GLY A 69 -25.96 -32.29 10.67
CA GLY A 69 -25.05 -33.20 9.94
C GLY A 69 -23.60 -32.85 10.27
N LEU A 70 -22.72 -33.79 10.03
CA LEU A 70 -21.29 -33.54 10.20
C LEU A 70 -20.85 -32.56 9.12
N CYS A 71 -20.16 -31.51 9.52
CA CYS A 71 -19.77 -30.38 8.64
C CYS A 71 -18.27 -30.46 8.29
N GLY A 72 -17.97 -30.60 7.01
CA GLY A 72 -16.61 -30.63 6.44
C GLY A 72 -16.31 -29.32 5.70
N GLN A 73 -15.15 -28.72 5.98
CA GLN A 73 -14.79 -27.43 5.37
C GLN A 73 -13.29 -27.46 4.95
N ASP A 74 -13.00 -26.95 3.78
CA ASP A 74 -11.64 -26.58 3.33
C ASP A 74 -11.17 -25.44 4.29
N SER A 75 -9.88 -25.11 4.34
CA SER A 75 -8.75 -25.64 3.60
C SER A 75 -7.61 -26.00 4.56
N PRO A 76 -6.56 -26.62 4.00
CA PRO A 76 -5.30 -26.90 4.73
C PRO A 76 -4.52 -25.71 5.20
N LEU A 77 -4.93 -24.47 4.87
CA LEU A 77 -4.25 -23.30 5.41
C LEU A 77 -5.17 -22.26 6.03
N GLY A 78 -6.38 -22.67 6.37
CA GLY A 78 -7.34 -21.77 7.01
C GLY A 78 -8.73 -22.01 6.50
N ILE A 79 -9.68 -21.61 7.29
CA ILE A 79 -11.08 -21.86 6.91
C ILE A 79 -11.47 -21.12 5.65
N ARG A 80 -12.00 -21.87 4.68
CA ARG A 80 -12.46 -21.35 3.44
C ARG A 80 -13.92 -20.77 3.53
N PHE A 81 -14.22 -19.77 2.71
CA PHE A 81 -15.61 -19.28 2.50
C PHE A 81 -16.19 -18.77 3.83
N SER A 82 -15.35 -18.10 4.65
CA SER A 82 -15.81 -17.64 5.91
C SER A 82 -15.40 -16.16 6.16
N ASP A 83 -15.45 -15.76 7.41
CA ASP A 83 -15.00 -14.40 7.84
C ASP A 83 -14.43 -14.44 9.22
N LEU A 84 -13.71 -13.36 9.59
CA LEU A 84 -13.18 -13.19 10.93
C LEU A 84 -12.30 -14.40 11.34
N ASN A 85 -11.51 -14.90 10.37
CA ASN A 85 -10.62 -16.00 10.52
C ASN A 85 -9.21 -15.64 10.04
N SER A 86 -8.25 -16.50 10.23
CA SER A 86 -6.86 -16.19 9.87
C SER A 86 -6.54 -16.92 8.57
N ALA A 87 -5.48 -16.41 7.91
CA ALA A 87 -4.94 -17.00 6.68
C ALA A 87 -3.47 -17.38 6.91
N PHE A 88 -3.26 -18.67 7.04
CA PHE A 88 -1.99 -19.24 7.44
C PHE A 88 -1.05 -19.41 6.23
N PRO A 89 0.26 -19.59 6.52
CA PRO A 89 1.17 -19.87 5.43
C PRO A 89 0.82 -21.22 4.81
N ALA A 90 1.10 -21.35 3.51
CA ALA A 90 0.84 -22.59 2.83
C ALA A 90 1.73 -23.77 3.32
N GLY A 91 1.29 -24.97 2.98
CA GLY A 91 2.01 -26.16 3.33
C GLY A 91 3.47 -26.09 2.90
N THR A 92 3.74 -25.61 1.68
CA THR A 92 5.11 -25.55 1.21
C THR A 92 6.03 -24.67 2.14
N ASN A 93 5.48 -23.64 2.72
CA ASN A 93 6.19 -22.86 3.72
C ASN A 93 6.43 -23.65 4.97
N VAL A 94 5.46 -24.47 5.38
CA VAL A 94 5.66 -25.28 6.54
C VAL A 94 6.85 -26.25 6.33
N ALA A 95 6.92 -26.85 5.13
CA ALA A 95 8.00 -27.74 4.80
C ALA A 95 9.35 -26.96 4.86
N ALA A 96 9.36 -25.71 4.37
CA ALA A 96 10.59 -24.90 4.35
C ALA A 96 11.10 -24.55 5.79
N THR A 97 10.24 -24.61 6.80
CA THR A 97 10.69 -24.39 8.17
C THR A 97 11.50 -25.54 8.71
N TRP A 98 11.25 -26.75 8.18
CA TRP A 98 11.83 -28.01 8.71
C TRP A 98 11.59 -28.15 10.23
N ASP A 99 10.49 -27.58 10.72
CA ASP A 99 10.25 -27.53 12.14
C ASP A 99 8.94 -28.24 12.53
N LYS A 100 9.10 -29.38 13.16
CA LYS A 100 7.98 -30.22 13.67
C LYS A 100 7.06 -29.41 14.60
N THR A 101 7.64 -28.67 15.54
CA THR A 101 6.85 -27.94 16.48
C THR A 101 5.97 -26.83 15.80
N LEU A 102 6.56 -26.12 14.83
CA LEU A 102 5.79 -25.12 14.10
C LEU A 102 4.68 -25.78 13.22
N ALA A 103 4.94 -26.96 12.67
CA ALA A 103 3.89 -27.62 11.97
C ALA A 103 2.73 -27.99 12.94
N TYR A 104 3.08 -28.51 14.12
CA TYR A 104 2.08 -28.88 15.13
C TYR A 104 1.27 -27.64 15.57
N LEU A 105 1.94 -26.57 15.90
CA LEU A 105 1.24 -25.39 16.39
C LEU A 105 0.31 -24.73 15.35
N ARG A 106 0.71 -24.73 14.09
CA ARG A 106 -0.11 -24.25 13.01
C ARG A 106 -1.37 -25.12 12.94
N GLY A 107 -1.19 -26.44 13.04
CA GLY A 107 -2.35 -27.36 12.99
C GLY A 107 -3.28 -27.09 14.14
N LYS A 108 -2.75 -26.85 15.31
CA LYS A 108 -3.53 -26.63 16.44
C LYS A 108 -4.34 -25.28 16.31
N ALA A 109 -3.65 -24.24 15.88
CA ALA A 109 -4.26 -22.96 15.64
C ALA A 109 -5.41 -23.05 14.62
N MET A 110 -5.18 -23.75 13.51
CA MET A 110 -6.23 -23.98 12.55
C MET A 110 -7.36 -24.76 13.14
N GLY A 111 -7.08 -25.83 13.86
CA GLY A 111 -8.16 -26.62 14.50
C GLY A 111 -9.07 -25.78 15.43
N GLU A 112 -8.44 -24.87 16.14
CA GLU A 112 -9.20 -24.01 17.05
C GLU A 112 -10.13 -23.14 16.27
N GLU A 113 -9.68 -22.63 15.11
CA GLU A 113 -10.54 -21.77 14.32
C GLU A 113 -11.74 -22.55 13.72
N PHE A 114 -11.45 -23.71 13.19
CA PHE A 114 -12.47 -24.55 12.61
C PHE A 114 -13.50 -24.98 13.67
N ASN A 115 -13.00 -25.36 14.80
CA ASN A 115 -13.89 -25.75 15.89
C ASN A 115 -14.85 -24.63 16.25
N ASP A 116 -14.28 -23.43 16.39
CA ASP A 116 -15.03 -22.25 16.87
C ASP A 116 -16.03 -21.72 15.86
N LYS A 117 -15.92 -22.18 14.60
CA LYS A 117 -16.90 -21.88 13.57
C LYS A 117 -17.97 -22.98 13.45
N GLY A 118 -17.86 -24.06 14.21
CA GLY A 118 -18.84 -25.11 14.15
C GLY A 118 -18.50 -26.19 13.18
N VAL A 119 -17.24 -26.35 12.80
CA VAL A 119 -16.86 -27.33 11.79
C VAL A 119 -16.37 -28.61 12.47
N ASP A 120 -16.81 -29.78 11.95
CA ASP A 120 -16.39 -31.05 12.49
C ASP A 120 -15.14 -31.64 11.86
N ILE A 121 -14.94 -31.44 10.54
CA ILE A 121 -13.92 -32.12 9.77
C ILE A 121 -13.16 -31.04 8.95
N LEU A 122 -11.83 -30.94 9.14
CA LEU A 122 -11.01 -30.09 8.32
C LEU A 122 -10.57 -30.87 7.08
N LEU A 123 -10.83 -30.30 5.90
CA LEU A 123 -10.50 -30.99 4.64
C LEU A 123 -9.02 -30.77 4.30
N GLY A 124 -8.16 -31.46 5.05
CA GLY A 124 -6.74 -31.32 4.95
C GLY A 124 -6.14 -31.89 6.22
N PRO A 125 -4.83 -31.92 6.32
CA PRO A 125 -3.89 -31.32 5.36
C PRO A 125 -3.59 -32.27 4.21
N ALA A 126 -2.65 -31.89 3.36
CA ALA A 126 -2.39 -32.59 2.12
C ALA A 126 -0.96 -33.13 2.00
N ALA A 127 -0.80 -34.36 1.47
CA ALA A 127 0.45 -34.94 1.04
C ALA A 127 0.31 -35.61 -0.35
N GLY A 128 -0.74 -35.26 -1.07
CA GLY A 128 -1.00 -35.73 -2.42
C GLY A 128 -1.71 -34.56 -3.08
N PRO A 129 -1.12 -33.88 -4.07
CA PRO A 129 0.19 -34.19 -4.70
C PRO A 129 1.39 -34.12 -3.78
N LEU A 130 2.27 -35.09 -3.93
CA LEU A 130 3.52 -35.07 -3.23
C LEU A 130 4.41 -34.03 -3.84
N GLY A 131 4.49 -33.96 -5.18
CA GLY A 131 5.44 -33.00 -5.83
C GLY A 131 6.30 -33.54 -6.96
N LYS A 132 5.91 -34.66 -7.57
CA LYS A 132 6.52 -35.16 -8.80
C LYS A 132 6.72 -34.09 -9.88
N TYR A 133 5.80 -33.17 -10.07
CA TYR A 133 5.90 -32.22 -11.11
C TYR A 133 6.18 -30.85 -10.48
N PRO A 134 7.24 -30.13 -10.93
CA PRO A 134 7.52 -28.81 -10.27
C PRO A 134 6.53 -27.72 -10.69
N ASP A 135 5.86 -28.00 -11.80
CA ASP A 135 4.80 -27.17 -12.38
C ASP A 135 3.39 -27.70 -12.06
N GLY A 136 3.28 -28.71 -11.19
CA GLY A 136 1.94 -29.22 -10.80
C GLY A 136 1.17 -28.14 -10.07
N GLY A 137 -0.09 -27.98 -10.40
CA GLY A 137 -0.81 -26.81 -9.90
C GLY A 137 -1.02 -26.71 -8.40
N ARG A 138 -1.03 -27.86 -7.68
CA ARG A 138 -1.41 -27.90 -6.25
C ARG A 138 -0.27 -28.35 -5.32
N ILE A 139 0.98 -28.34 -5.83
CA ILE A 139 2.10 -28.85 -5.08
C ILE A 139 2.32 -28.05 -3.77
N TRP A 140 1.98 -26.75 -3.83
CA TRP A 140 2.15 -25.85 -2.69
C TRP A 140 1.24 -26.19 -1.52
N GLU A 141 0.16 -26.89 -1.78
CA GLU A 141 -0.82 -27.19 -0.67
C GLU A 141 -0.32 -28.22 0.29
N GLY A 142 0.56 -29.07 -0.24
CA GLY A 142 1.18 -30.19 0.45
C GLY A 142 2.46 -29.69 1.14
N PHE A 143 3.50 -30.49 1.19
CA PHE A 143 4.72 -30.12 1.91
C PHE A 143 5.93 -30.08 1.01
N SER A 144 6.40 -31.25 0.58
CA SER A 144 7.62 -31.38 -0.15
C SER A 144 7.56 -32.62 -1.04
N PRO A 145 8.31 -32.63 -2.14
CA PRO A 145 8.45 -33.88 -2.89
C PRO A 145 9.15 -34.99 -2.14
N ASP A 146 9.89 -34.65 -1.06
CA ASP A 146 10.48 -35.71 -0.27
C ASP A 146 9.46 -36.37 0.64
N PRO A 147 9.46 -37.72 0.69
CA PRO A 147 8.34 -38.32 1.43
C PRO A 147 8.51 -38.27 2.97
N VAL A 148 9.74 -38.23 3.42
CA VAL A 148 10.03 -38.18 4.84
C VAL A 148 9.79 -36.80 5.42
N LEU A 149 10.30 -35.74 4.80
CA LEU A 149 9.95 -34.37 5.22
C LEU A 149 8.42 -34.18 5.25
N THR A 150 7.73 -34.57 4.17
CA THR A 150 6.28 -34.50 4.10
C THR A 150 5.62 -35.33 5.20
N GLY A 151 5.99 -36.63 5.30
CA GLY A 151 5.28 -37.49 6.27
C GLY A 151 5.39 -37.00 7.70
N VAL A 152 6.59 -36.54 8.10
CA VAL A 152 6.78 -36.02 9.45
C VAL A 152 5.92 -34.75 9.68
N LEU A 153 5.98 -33.80 8.79
CA LEU A 153 5.25 -32.53 9.03
C LEU A 153 3.75 -32.67 8.84
N PHE A 154 3.35 -33.50 7.88
CA PHE A 154 1.91 -33.96 7.69
C PHE A 154 1.35 -34.55 8.99
N ALA A 155 2.05 -35.48 9.58
CA ALA A 155 1.67 -36.07 10.81
C ALA A 155 1.59 -35.05 11.98
N GLU A 156 2.58 -34.14 12.09
CA GLU A 156 2.49 -33.13 13.15
C GLU A 156 1.31 -32.21 12.94
N THR A 157 1.02 -31.85 11.70
CA THR A 157 -0.10 -30.96 11.42
C THR A 157 -1.44 -31.63 11.82
N ILE A 158 -1.54 -32.91 11.48
CA ILE A 158 -2.72 -33.75 11.87
C ILE A 158 -2.91 -33.80 13.38
N LYS A 159 -1.83 -34.01 14.09
CA LYS A 159 -1.92 -34.07 15.55
C LYS A 159 -2.34 -32.77 16.15
N GLY A 160 -1.89 -31.64 15.57
CA GLY A 160 -2.39 -30.33 16.09
C GLY A 160 -3.88 -30.06 15.85
N ILE A 161 -4.32 -30.35 14.64
CA ILE A 161 -5.70 -30.20 14.27
C ILE A 161 -6.55 -31.04 15.22
N GLN A 162 -6.18 -32.34 15.37
CA GLN A 162 -6.99 -33.28 16.15
C GLN A 162 -6.92 -33.06 17.66
N ASP A 163 -5.79 -32.55 18.15
CA ASP A 163 -5.70 -32.13 19.53
C ASP A 163 -6.64 -30.94 19.80
N ALA A 164 -6.92 -30.11 18.82
CA ALA A 164 -7.86 -29.03 18.95
C ALA A 164 -9.30 -29.48 18.84
N GLY A 165 -9.58 -30.79 18.60
CA GLY A 165 -10.95 -31.24 18.63
C GLY A 165 -11.68 -31.39 17.27
N VAL A 166 -10.93 -31.36 16.14
CA VAL A 166 -11.51 -31.36 14.80
C VAL A 166 -10.91 -32.59 14.10
N ILE A 167 -11.71 -33.27 13.30
CA ILE A 167 -11.26 -34.44 12.53
C ILE A 167 -10.41 -33.92 11.33
N ALA A 168 -9.18 -34.39 11.22
CA ALA A 168 -8.34 -34.13 10.07
C ALA A 168 -8.62 -35.11 8.95
N THR A 169 -8.45 -34.63 7.72
CA THR A 169 -8.67 -35.43 6.52
C THR A 169 -7.41 -35.49 5.66
N ALA A 170 -6.66 -36.60 5.69
CA ALA A 170 -5.46 -36.75 4.88
C ALA A 170 -5.85 -36.81 3.39
N LYS A 171 -5.33 -35.86 2.58
CA LYS A 171 -5.71 -35.82 1.19
C LYS A 171 -4.53 -35.55 0.29
N HIS A 172 -4.63 -35.71 -1.01
CA HIS A 172 -5.63 -36.52 -1.80
C HIS A 172 -5.05 -37.88 -2.04
N TYR A 173 -5.79 -38.93 -1.70
CA TYR A 173 -5.27 -40.30 -1.70
C TYR A 173 -5.79 -40.98 -3.00
N ILE A 174 -4.99 -41.10 -4.07
CA ILE A 174 -3.54 -40.92 -4.09
C ILE A 174 -3.15 -40.76 -5.56
N LEU A 175 -2.00 -40.18 -5.81
CA LEU A 175 -1.39 -39.98 -7.14
C LEU A 175 -1.97 -38.93 -7.99
N ASN A 176 -2.67 -37.97 -7.39
CA ASN A 176 -3.20 -36.83 -8.13
C ASN A 176 -2.07 -35.79 -8.21
N GLU A 177 -1.06 -36.10 -8.98
CA GLU A 177 0.11 -35.22 -9.11
C GLU A 177 -0.04 -33.96 -10.01
N GLN A 178 -1.02 -33.97 -10.90
CA GLN A 178 -1.23 -32.83 -11.75
C GLN A 178 -2.70 -32.48 -11.82
N GLU A 179 -2.99 -31.27 -12.30
CA GLU A 179 -4.36 -30.88 -12.56
C GLU A 179 -4.94 -31.27 -13.92
N HIS A 180 -4.14 -31.21 -14.99
CA HIS A 180 -4.69 -31.57 -16.32
C HIS A 180 -5.33 -32.97 -16.30
N PHE A 181 -6.57 -33.03 -16.81
CA PHE A 181 -7.37 -34.22 -17.02
C PHE A 181 -7.83 -34.86 -15.74
N ARG A 182 -7.86 -34.10 -14.65
CA ARG A 182 -8.26 -34.68 -13.40
C ARG A 182 -9.78 -34.95 -13.34
N GLN A 183 -10.54 -34.21 -14.11
CA GLN A 183 -11.99 -34.33 -14.18
C GLN A 183 -12.46 -34.19 -15.64
N VAL A 184 -13.40 -35.06 -16.03
CA VAL A 184 -13.89 -35.11 -17.42
C VAL A 184 -14.59 -33.82 -17.86
N GLY A 185 -15.55 -33.36 -17.08
CA GLY A 185 -16.33 -32.11 -17.43
C GLY A 185 -15.42 -30.90 -17.53
N GLU A 186 -14.55 -30.76 -16.56
CA GLU A 186 -13.60 -29.70 -16.59
C GLU A 186 -12.62 -29.78 -17.76
N ALA A 187 -12.14 -30.97 -18.07
CA ALA A 187 -11.30 -31.13 -19.26
C ALA A 187 -12.04 -30.76 -20.55
N GLN A 188 -13.25 -31.27 -20.67
CA GLN A 188 -14.07 -30.91 -21.83
C GLN A 188 -14.31 -29.39 -21.94
N GLY A 189 -14.47 -28.69 -20.83
CA GLY A 189 -14.58 -27.21 -20.83
C GLY A 189 -13.32 -26.52 -21.31
N TYR A 190 -12.15 -27.15 -21.16
CA TYR A 190 -10.94 -26.59 -21.68
C TYR A 190 -10.68 -27.05 -23.13
N GLY A 191 -11.60 -27.79 -23.74
CA GLY A 191 -11.52 -28.16 -25.17
C GLY A 191 -10.92 -29.52 -25.40
N TYR A 192 -10.81 -30.34 -24.38
CA TYR A 192 -10.18 -31.67 -24.54
C TYR A 192 -11.26 -32.73 -24.66
N ASN A 193 -11.06 -33.66 -25.60
CA ASN A 193 -12.02 -34.72 -25.80
C ASN A 193 -11.56 -36.00 -25.08
N ILE A 194 -11.92 -36.13 -23.82
CA ILE A 194 -11.70 -37.33 -23.04
C ILE A 194 -12.99 -37.70 -22.32
N THR A 195 -13.15 -38.99 -22.04
CA THR A 195 -14.36 -39.51 -21.39
C THR A 195 -14.10 -40.18 -20.04
N GLU A 196 -12.83 -40.30 -19.63
CA GLU A 196 -12.48 -40.73 -18.27
C GLU A 196 -11.28 -39.87 -17.77
N THR A 197 -11.06 -39.84 -16.46
CA THR A 197 -10.01 -39.02 -15.91
C THR A 197 -8.67 -39.71 -16.11
N ILE A 198 -7.60 -38.90 -16.05
CA ILE A 198 -6.24 -39.36 -16.07
C ILE A 198 -6.01 -40.59 -15.20
N SER A 199 -5.26 -41.58 -15.71
CA SER A 199 -4.82 -42.70 -14.90
C SER A 199 -3.32 -42.55 -14.54
N SER A 200 -3.02 -42.48 -13.24
CA SER A 200 -1.66 -42.55 -12.70
C SER A 200 -1.28 -44.01 -12.58
N ASN A 201 -0.27 -44.43 -13.33
CA ASN A 201 0.16 -45.81 -13.35
C ASN A 201 1.52 -45.99 -12.70
N VAL A 202 1.60 -46.68 -11.59
CA VAL A 202 2.81 -46.74 -10.77
C VAL A 202 3.07 -48.18 -10.32
N ASP A 203 4.34 -48.56 -10.30
CA ASP A 203 4.78 -49.87 -9.85
C ASP A 203 4.62 -49.97 -8.31
N ASP A 204 4.54 -51.21 -7.82
CA ASP A 204 4.30 -51.49 -6.35
C ASP A 204 5.40 -51.01 -5.39
N LYS A 205 6.67 -51.09 -5.83
CA LYS A 205 7.80 -50.59 -5.01
C LYS A 205 7.79 -49.06 -4.85
N THR A 206 7.53 -48.36 -5.97
CA THR A 206 7.46 -46.92 -5.94
C THR A 206 6.31 -46.48 -5.10
N MET A 207 5.18 -47.14 -5.25
CA MET A 207 3.99 -46.80 -4.44
C MET A 207 4.36 -46.83 -2.94
N HIS A 208 4.97 -47.94 -2.51
CA HIS A 208 5.32 -48.11 -1.09
C HIS A 208 6.43 -47.17 -0.60
N GLU A 209 7.46 -46.97 -1.40
CA GLU A 209 8.60 -46.20 -0.94
C GLU A 209 8.45 -44.68 -1.15
N LEU A 210 7.53 -44.21 -1.99
CA LEU A 210 7.39 -42.77 -2.26
C LEU A 210 5.99 -42.30 -1.91
N TYR A 211 4.98 -42.62 -2.70
CA TYR A 211 3.68 -41.88 -2.56
C TYR A 211 2.87 -42.29 -1.35
N LEU A 212 2.98 -43.57 -0.96
CA LEU A 212 2.22 -44.05 0.17
C LEU A 212 2.76 -43.69 1.51
N TRP A 213 4.10 -43.55 1.54
CA TRP A 213 4.82 -43.33 2.77
C TRP A 213 4.25 -42.26 3.68
N PRO A 214 4.05 -41.05 3.18
CA PRO A 214 3.42 -40.04 4.08
C PRO A 214 2.00 -40.34 4.57
N PHE A 215 1.21 -41.10 3.78
CA PHE A 215 -0.08 -41.60 4.27
C PHE A 215 0.07 -42.63 5.39
N ALA A 216 1.10 -43.47 5.32
CA ALA A 216 1.44 -44.31 6.45
C ALA A 216 1.69 -43.48 7.72
N ASP A 217 2.46 -42.42 7.58
CA ASP A 217 2.69 -41.53 8.72
C ASP A 217 1.37 -40.92 9.27
N ALA A 218 0.53 -40.50 8.35
CA ALA A 218 -0.75 -39.89 8.74
C ALA A 218 -1.65 -40.88 9.49
N VAL A 219 -1.65 -42.12 9.03
CA VAL A 219 -2.46 -43.11 9.68
C VAL A 219 -1.91 -43.40 11.09
N ARG A 220 -0.59 -43.52 11.17
CA ARG A 220 0.06 -43.83 12.45
C ARG A 220 -0.13 -42.68 13.42
N ALA A 221 -0.21 -41.44 12.92
CA ALA A 221 -0.46 -40.30 13.75
C ALA A 221 -1.88 -40.19 14.23
N GLY A 222 -2.77 -41.04 13.75
CA GLY A 222 -4.14 -41.11 14.22
C GLY A 222 -5.17 -40.31 13.41
N VAL A 223 -4.87 -40.01 12.16
CA VAL A 223 -5.76 -39.26 11.29
C VAL A 223 -7.16 -39.95 11.26
N GLY A 224 -8.24 -39.15 11.39
CA GLY A 224 -9.58 -39.69 11.44
C GLY A 224 -10.17 -40.06 10.07
N ALA A 225 -9.85 -39.29 9.04
CA ALA A 225 -10.37 -39.45 7.72
C ALA A 225 -9.30 -39.37 6.67
N VAL A 226 -9.64 -39.93 5.53
CA VAL A 226 -8.77 -39.88 4.33
C VAL A 226 -9.65 -39.53 3.14
N MET A 227 -9.20 -38.59 2.29
CA MET A 227 -9.99 -38.19 1.12
C MET A 227 -9.41 -38.82 -0.13
N CYS A 228 -10.23 -39.59 -0.85
CA CYS A 228 -9.80 -40.31 -2.08
C CYS A 228 -9.84 -39.38 -3.26
N SER A 229 -9.05 -39.63 -4.30
CA SER A 229 -8.83 -38.64 -5.37
C SER A 229 -9.70 -38.80 -6.62
N TYR A 230 -9.60 -37.76 -7.45
CA TYR A 230 -10.31 -37.67 -8.72
C TYR A 230 -9.70 -38.54 -9.84
N ASN A 231 -8.39 -38.65 -9.85
CA ASN A 231 -7.72 -39.52 -10.83
C ASN A 231 -7.97 -40.98 -10.65
N GLN A 232 -7.67 -41.75 -11.70
CA GLN A 232 -7.60 -43.21 -11.58
C GLN A 232 -6.17 -43.63 -11.20
N ILE A 233 -6.06 -44.84 -10.66
CA ILE A 233 -4.80 -45.51 -10.40
C ILE A 233 -4.85 -46.84 -11.13
N ASN A 234 -3.93 -47.05 -12.08
CA ASN A 234 -4.02 -48.18 -13.01
C ASN A 234 -5.46 -48.41 -13.52
N ASN A 235 -6.07 -47.34 -14.01
CA ASN A 235 -7.40 -47.36 -14.63
C ASN A 235 -8.56 -47.83 -13.72
N SER A 236 -8.47 -47.56 -12.44
CA SER A 236 -9.60 -47.71 -11.51
C SER A 236 -9.63 -46.43 -10.67
N TYR A 237 -10.77 -45.78 -10.68
CA TYR A 237 -10.99 -44.50 -10.00
C TYR A 237 -10.60 -44.54 -8.53
N GLY A 238 -9.91 -43.49 -8.11
CA GLY A 238 -9.49 -43.38 -6.73
C GLY A 238 -10.51 -43.62 -5.64
N CYS A 239 -11.77 -43.24 -5.89
CA CYS A 239 -12.84 -43.49 -4.87
C CYS A 239 -13.55 -44.85 -5.04
N GLN A 240 -12.95 -45.74 -5.80
CA GLN A 240 -13.44 -47.09 -5.82
C GLN A 240 -12.34 -48.08 -6.23
N ASN A 241 -11.15 -47.81 -5.75
CA ASN A 241 -9.95 -48.56 -6.14
C ASN A 241 -9.66 -49.50 -5.00
N SER A 242 -9.98 -50.76 -5.18
CA SER A 242 -9.87 -51.71 -4.12
C SER A 242 -8.40 -51.97 -3.70
N GLN A 243 -7.41 -51.86 -4.61
CA GLN A 243 -6.04 -51.89 -4.19
C GLN A 243 -5.72 -50.77 -3.19
N THR A 244 -6.01 -49.52 -3.55
CA THR A 244 -5.51 -48.44 -2.70
C THR A 244 -6.32 -48.34 -1.44
N LEU A 245 -7.65 -48.53 -1.54
CA LEU A 245 -8.56 -48.35 -0.37
C LEU A 245 -8.61 -49.60 0.50
N ASN A 246 -8.96 -50.74 -0.07
CA ASN A 246 -9.09 -51.93 0.72
C ASN A 246 -7.74 -52.49 1.11
N LYS A 247 -6.85 -52.72 0.14
CA LYS A 247 -5.58 -53.39 0.44
C LYS A 247 -4.55 -52.46 1.13
N LEU A 248 -4.14 -51.36 0.49
CA LEU A 248 -3.03 -50.58 1.01
C LEU A 248 -3.46 -49.80 2.23
N LEU A 249 -4.53 -49.03 2.14
CA LEU A 249 -4.94 -48.18 3.28
C LEU A 249 -5.52 -48.96 4.47
N LYS A 250 -6.49 -49.85 4.20
CA LYS A 250 -7.18 -50.52 5.26
C LYS A 250 -6.54 -51.87 5.70
N ALA A 251 -6.11 -52.76 4.78
CA ALA A 251 -5.51 -54.00 5.18
C ALA A 251 -4.05 -53.85 5.60
N GLU A 252 -3.25 -53.04 4.89
CA GLU A 252 -1.81 -52.95 5.15
C GLU A 252 -1.56 -51.85 6.19
N LEU A 253 -2.05 -50.62 5.92
CA LEU A 253 -1.79 -49.51 6.88
C LEU A 253 -2.66 -49.57 8.08
N GLY A 254 -3.64 -50.49 8.10
CA GLY A 254 -4.46 -50.74 9.26
C GLY A 254 -5.39 -49.56 9.64
N PHE A 255 -5.82 -48.75 8.68
CA PHE A 255 -6.53 -47.52 8.95
C PHE A 255 -7.92 -47.84 9.53
N GLN A 256 -8.26 -47.17 10.63
CA GLN A 256 -9.50 -47.41 11.40
C GLN A 256 -10.53 -46.32 11.27
N GLY A 257 -10.18 -45.25 10.54
CA GLY A 257 -11.12 -44.21 10.27
C GLY A 257 -11.92 -44.32 8.99
N PHE A 258 -12.43 -43.19 8.49
CA PHE A 258 -13.25 -43.24 7.31
C PHE A 258 -12.66 -42.62 6.04
N VAL A 259 -13.03 -43.21 4.88
CA VAL A 259 -12.65 -42.68 3.60
C VAL A 259 -13.80 -41.84 3.01
N MET A 260 -13.50 -40.59 2.68
CA MET A 260 -14.44 -39.62 2.14
C MET A 260 -14.06 -39.31 0.68
N SER A 261 -15.05 -39.18 -0.18
CA SER A 261 -14.75 -38.84 -1.58
C SER A 261 -14.31 -37.36 -1.69
N ASP A 262 -13.50 -37.08 -2.71
CA ASP A 262 -13.38 -35.71 -3.16
C ASP A 262 -14.74 -35.36 -3.82
N TRP A 263 -14.91 -34.07 -4.17
CA TRP A 263 -16.24 -33.55 -4.49
C TRP A 263 -16.73 -33.94 -5.91
N SER A 264 -17.75 -34.83 -5.98
CA SER A 264 -18.12 -35.49 -7.24
C SER A 264 -17.07 -36.47 -7.72
N ALA A 265 -16.25 -37.02 -6.83
CA ALA A 265 -15.27 -38.07 -7.19
C ALA A 265 -15.84 -39.49 -7.01
N HIS A 266 -17.06 -39.57 -6.51
CA HIS A 266 -17.75 -40.85 -6.28
C HIS A 266 -18.42 -41.23 -7.60
N HIS A 267 -18.13 -42.43 -8.11
CA HIS A 267 -18.61 -42.88 -9.42
C HIS A 267 -19.46 -44.15 -9.49
N SER A 268 -19.83 -44.74 -8.35
CA SER A 268 -20.79 -45.86 -8.36
C SER A 268 -21.29 -46.07 -6.95
N GLY A 269 -22.52 -46.58 -6.82
CA GLY A 269 -23.06 -46.92 -5.49
C GLY A 269 -22.40 -48.20 -4.94
N VAL A 270 -22.81 -49.31 -5.47
CA VAL A 270 -22.34 -50.61 -4.98
C VAL A 270 -20.83 -50.75 -5.13
N GLY A 271 -20.31 -50.42 -6.31
CA GLY A 271 -18.89 -50.65 -6.63
C GLY A 271 -18.01 -49.93 -5.57
N ALA A 272 -18.34 -48.67 -5.29
CA ALA A 272 -17.51 -47.86 -4.38
C ALA A 272 -17.63 -48.38 -2.95
N ALA A 273 -18.84 -48.64 -2.49
CA ALA A 273 -19.03 -49.14 -1.16
C ALA A 273 -18.23 -50.42 -0.96
N LEU A 274 -18.23 -51.30 -1.94
CA LEU A 274 -17.58 -52.58 -1.73
C LEU A 274 -16.03 -52.44 -1.88
N ALA A 275 -15.60 -51.41 -2.60
CA ALA A 275 -14.17 -51.15 -2.85
C ALA A 275 -13.52 -50.27 -1.76
N GLY A 276 -14.29 -49.92 -0.74
CA GLY A 276 -13.75 -49.24 0.45
C GLY A 276 -14.13 -47.81 0.72
N LEU A 277 -15.01 -47.22 -0.07
CA LEU A 277 -15.45 -45.85 0.27
C LEU A 277 -16.44 -45.90 1.44
N ASP A 278 -16.40 -44.82 2.26
CA ASP A 278 -17.26 -44.71 3.46
C ASP A 278 -18.18 -43.47 3.48
N MET A 279 -17.85 -42.42 2.76
CA MET A 279 -18.62 -41.18 2.80
C MET A 279 -18.60 -40.46 1.43
N SER A 280 -19.80 -40.08 0.97
CA SER A 280 -19.95 -39.52 -0.35
C SER A 280 -20.18 -38.03 -0.20
N MET A 281 -19.30 -37.20 -0.77
CA MET A 281 -19.40 -35.77 -0.66
C MET A 281 -19.36 -35.10 -2.04
N PRO A 282 -20.24 -34.10 -2.29
CA PRO A 282 -21.12 -33.46 -1.31
C PRO A 282 -22.46 -34.19 -1.20
N GLY A 283 -22.54 -35.36 -1.87
CA GLY A 283 -23.66 -36.29 -1.70
C GLY A 283 -24.47 -36.63 -2.94
N ASP A 284 -24.50 -35.71 -3.87
CA ASP A 284 -25.11 -35.88 -5.15
C ASP A 284 -24.18 -36.50 -6.18
N ILE A 285 -24.75 -36.96 -7.28
CA ILE A 285 -23.96 -37.57 -8.35
C ILE A 285 -23.07 -36.44 -8.96
N SER A 286 -23.73 -35.37 -9.42
CA SER A 286 -23.06 -34.14 -9.75
C SER A 286 -23.81 -33.02 -9.05
N PHE A 287 -23.17 -31.86 -8.94
CA PHE A 287 -23.69 -30.77 -8.06
C PHE A 287 -25.14 -30.40 -8.38
N ASP A 288 -26.01 -30.52 -7.38
CA ASP A 288 -27.41 -30.14 -7.52
C ASP A 288 -28.19 -30.88 -8.60
N ASP A 289 -27.84 -32.13 -8.86
CA ASP A 289 -28.69 -32.86 -9.75
C ASP A 289 -29.79 -33.62 -9.02
N GLY A 290 -29.82 -33.65 -7.69
CA GLY A 290 -30.89 -34.28 -6.94
C GLY A 290 -30.82 -35.85 -6.91
N LEU A 291 -29.77 -36.43 -7.46
CA LEU A 291 -29.58 -37.84 -7.52
C LEU A 291 -28.38 -38.20 -6.66
N SER A 292 -28.30 -39.45 -6.21
CA SER A 292 -27.15 -39.90 -5.43
C SER A 292 -26.82 -41.33 -5.73
N PHE A 293 -25.51 -41.64 -5.82
CA PHE A 293 -25.12 -43.03 -5.83
C PHE A 293 -25.45 -43.75 -4.55
N TRP A 294 -25.48 -43.00 -3.45
CA TRP A 294 -25.87 -43.53 -2.12
C TRP A 294 -27.18 -42.87 -1.73
N GLY A 295 -27.34 -42.34 -0.51
CA GLY A 295 -28.69 -41.95 -0.11
C GLY A 295 -29.67 -43.11 -0.34
N THR A 296 -30.83 -42.79 -0.90
CA THR A 296 -31.86 -43.79 -1.27
C THR A 296 -31.23 -45.01 -1.91
N ASN A 297 -30.29 -44.81 -2.84
CA ASN A 297 -29.70 -45.96 -3.53
C ASN A 297 -28.89 -46.91 -2.60
N LEU A 298 -28.25 -46.33 -1.59
CA LEU A 298 -27.55 -47.13 -0.59
C LEU A 298 -28.54 -47.88 0.30
N THR A 299 -29.62 -47.22 0.74
CA THR A 299 -30.68 -47.91 1.49
C THR A 299 -31.17 -49.11 0.68
N VAL A 300 -31.46 -48.87 -0.59
CA VAL A 300 -31.98 -49.92 -1.45
C VAL A 300 -30.93 -51.04 -1.66
N SER A 301 -29.67 -50.67 -1.83
CA SER A 301 -28.57 -51.66 -2.06
CA SER A 301 -28.58 -51.66 -2.06
C SER A 301 -28.42 -52.60 -0.87
N VAL A 302 -28.70 -52.10 0.33
CA VAL A 302 -28.64 -52.93 1.53
C VAL A 302 -29.95 -53.76 1.65
N LEU A 303 -31.10 -53.12 1.44
CA LEU A 303 -32.36 -53.87 1.51
C LEU A 303 -32.47 -54.93 0.48
N ASN A 304 -31.85 -54.77 -0.69
CA ASN A 304 -31.97 -55.80 -1.70
C ASN A 304 -30.88 -56.87 -1.58
N GLY A 305 -30.09 -56.81 -0.53
CA GLY A 305 -29.08 -57.84 -0.27
C GLY A 305 -27.71 -57.67 -0.97
N THR A 306 -27.48 -56.62 -1.79
CA THR A 306 -26.26 -56.54 -2.56
C THR A 306 -25.07 -56.05 -1.68
N VAL A 307 -25.22 -54.89 -1.06
CA VAL A 307 -24.24 -54.39 -0.13
C VAL A 307 -24.56 -55.03 1.21
N PRO A 308 -23.69 -55.93 1.71
CA PRO A 308 -24.05 -56.56 2.96
C PRO A 308 -24.23 -55.54 4.11
N ALA A 309 -25.01 -55.91 5.12
CA ALA A 309 -25.18 -55.09 6.31
C ALA A 309 -23.86 -54.78 6.99
N TRP A 310 -22.93 -55.73 7.01
CA TRP A 310 -21.65 -55.48 7.68
C TRP A 310 -20.88 -54.33 7.06
N ARG A 311 -21.07 -54.08 5.77
CA ARG A 311 -20.34 -53.04 5.06
C ARG A 311 -20.89 -51.67 5.40
N VAL A 312 -22.18 -51.48 5.31
CA VAL A 312 -22.79 -50.17 5.72
C VAL A 312 -22.62 -49.95 7.20
N ASP A 313 -22.67 -51.01 8.00
CA ASP A 313 -22.45 -50.89 9.44
C ASP A 313 -21.02 -50.43 9.66
N ASP A 314 -20.08 -50.99 8.94
CA ASP A 314 -18.69 -50.56 9.03
C ASP A 314 -18.44 -49.10 8.60
N MET A 315 -19.13 -48.64 7.54
CA MET A 315 -19.07 -47.26 7.19
C MET A 315 -19.43 -46.35 8.38
N ALA A 316 -20.59 -46.61 8.95
CA ALA A 316 -21.09 -45.79 10.06
C ALA A 316 -20.21 -45.91 11.28
N VAL A 317 -19.70 -47.09 11.57
CA VAL A 317 -18.72 -47.25 12.68
C VAL A 317 -17.44 -46.45 12.48
N ARG A 318 -16.85 -46.50 11.27
CA ARG A 318 -15.59 -45.73 10.95
C ARG A 318 -15.82 -44.20 11.12
N ILE A 319 -16.97 -43.74 10.63
CA ILE A 319 -17.32 -42.31 10.73
C ILE A 319 -17.44 -41.93 12.22
N MET A 320 -18.25 -42.69 12.98
CA MET A 320 -18.48 -42.38 14.37
C MET A 320 -17.23 -42.55 15.24
N THR A 321 -16.33 -43.47 14.83
CA THR A 321 -15.07 -43.62 15.53
C THR A 321 -14.24 -42.32 15.41
N ALA A 322 -14.14 -41.74 14.23
CA ALA A 322 -13.43 -40.46 14.07
C ALA A 322 -14.05 -39.38 14.91
N TYR A 323 -15.37 -39.35 14.92
CA TYR A 323 -16.16 -38.37 15.68
C TYR A 323 -15.85 -38.41 17.19
N TYR A 324 -15.86 -39.61 17.73
CA TYR A 324 -15.52 -39.83 19.13
C TYR A 324 -13.99 -39.66 19.45
N LYS A 325 -13.12 -40.06 18.55
CA LYS A 325 -11.68 -39.95 18.78
C LYS A 325 -11.26 -38.51 19.09
N VAL A 326 -11.80 -37.52 18.39
CA VAL A 326 -11.40 -36.12 18.65
C VAL A 326 -12.38 -35.37 19.57
N GLY A 327 -13.44 -36.03 20.05
CA GLY A 327 -14.36 -35.38 21.00
C GLY A 327 -15.43 -34.52 20.39
N ARG A 328 -15.85 -34.78 19.15
CA ARG A 328 -16.90 -33.98 18.56
C ARG A 328 -18.19 -34.02 19.39
N ASP A 329 -18.45 -35.13 20.09
CA ASP A 329 -19.66 -35.21 20.88
C ASP A 329 -19.72 -34.14 21.98
N ARG A 330 -18.60 -33.72 22.51
N ARG A 330 -18.57 -33.75 22.52
CA ARG A 330 -18.62 -32.65 23.52
CA ARG A 330 -18.44 -32.70 23.55
C ARG A 330 -18.33 -31.26 22.97
C ARG A 330 -18.31 -31.30 22.98
N LEU A 331 -17.64 -31.18 21.84
CA LEU A 331 -17.26 -29.89 21.32
C LEU A 331 -18.16 -29.27 20.29
N ARG A 332 -18.98 -30.06 19.57
CA ARG A 332 -19.59 -29.56 18.37
C ARG A 332 -20.68 -28.55 18.67
N ILE A 333 -20.70 -27.44 17.91
CA ILE A 333 -21.76 -26.45 17.91
C ILE A 333 -22.23 -26.27 16.49
N PRO A 334 -23.45 -25.79 16.27
CA PRO A 334 -23.88 -25.65 14.88
C PRO A 334 -22.96 -24.63 14.07
N PRO A 335 -22.68 -24.89 12.80
CA PRO A 335 -21.90 -23.89 12.02
C PRO A 335 -22.52 -22.54 12.14
N ASN A 336 -21.70 -21.53 12.44
CA ASN A 336 -22.18 -20.20 12.68
C ASN A 336 -21.87 -19.18 11.56
N PHE A 337 -21.59 -19.69 10.39
CA PHE A 337 -21.34 -18.93 9.22
C PHE A 337 -21.96 -19.70 8.03
N SER A 338 -21.94 -19.09 6.85
CA SER A 338 -22.35 -19.71 5.60
C SER A 338 -21.20 -19.64 4.62
N SER A 339 -20.90 -20.79 3.97
CA SER A 339 -20.00 -20.80 2.84
C SER A 339 -20.44 -20.01 1.61
N TRP A 340 -21.75 -19.74 1.48
CA TRP A 340 -22.32 -19.35 0.19
C TRP A 340 -22.66 -17.86 0.13
N THR A 341 -22.62 -17.16 1.24
CA THR A 341 -22.82 -15.75 1.23
C THR A 341 -22.08 -15.18 2.44
N ARG A 342 -21.62 -13.94 2.33
CA ARG A 342 -21.19 -13.17 3.49
C ARG A 342 -22.26 -12.32 4.12
N ASP A 343 -23.45 -12.26 3.57
CA ASP A 343 -24.54 -11.49 4.15
C ASP A 343 -25.05 -12.13 5.46
N GLU A 344 -25.65 -11.30 6.30
CA GLU A 344 -26.16 -11.75 7.53
C GLU A 344 -27.31 -12.76 7.35
N TYR A 345 -28.16 -12.47 6.39
CA TYR A 345 -29.39 -13.28 6.09
C TYR A 345 -29.30 -13.95 4.74
N GLY A 346 -29.92 -15.15 4.67
CA GLY A 346 -29.93 -15.96 3.48
C GLY A 346 -30.90 -17.09 3.58
N TRP A 347 -31.08 -17.81 2.49
CA TRP A 347 -31.94 -18.99 2.53
C TRP A 347 -31.20 -20.12 3.21
N GLU A 348 -31.93 -20.90 4.02
CA GLU A 348 -31.36 -22.04 4.74
C GLU A 348 -30.70 -23.05 3.77
N HIS A 349 -31.35 -23.26 2.63
CA HIS A 349 -30.81 -24.17 1.57
C HIS A 349 -30.49 -23.29 0.37
N SER A 350 -29.25 -22.89 0.31
CA SER A 350 -28.81 -21.88 -0.62
C SER A 350 -28.98 -22.29 -2.09
N ALA A 351 -28.69 -23.53 -2.41
CA ALA A 351 -28.71 -23.97 -3.78
C ALA A 351 -30.04 -23.81 -4.47
N VAL A 352 -31.13 -23.93 -3.75
CA VAL A 352 -32.43 -23.89 -4.36
C VAL A 352 -33.34 -22.78 -3.76
N SER A 353 -32.77 -21.91 -2.94
CA SER A 353 -33.50 -20.85 -2.24
C SER A 353 -34.71 -21.37 -1.50
N GLU A 354 -34.53 -22.40 -0.69
CA GLU A 354 -35.65 -22.97 0.08
C GLU A 354 -35.31 -23.01 1.55
N GLY A 355 -36.24 -23.51 2.34
CA GLY A 355 -36.16 -23.52 3.81
C GLY A 355 -36.41 -22.13 4.32
N ALA A 356 -35.99 -21.87 5.52
CA ALA A 356 -36.25 -20.52 6.15
C ALA A 356 -35.32 -19.44 5.64
N TRP A 357 -35.84 -18.21 5.55
CA TRP A 357 -35.05 -17.00 5.35
C TRP A 357 -34.57 -16.66 6.73
N THR A 358 -33.27 -16.79 6.96
CA THR A 358 -32.76 -16.81 8.33
C THR A 358 -31.32 -16.22 8.40
N LYS A 359 -30.90 -15.98 9.63
CA LYS A 359 -29.59 -15.45 9.94
C LYS A 359 -28.57 -16.60 9.69
N VAL A 360 -27.79 -16.49 8.64
CA VAL A 360 -26.81 -17.54 8.27
C VAL A 360 -25.34 -17.19 8.63
N ASN A 361 -25.07 -15.96 9.05
CA ASN A 361 -23.80 -15.56 9.48
C ASN A 361 -23.92 -14.87 10.82
N ASP A 362 -23.19 -15.40 11.79
CA ASP A 362 -23.19 -14.82 13.16
C ASP A 362 -22.00 -13.91 13.42
N PHE A 363 -21.04 -13.89 12.49
CA PHE A 363 -19.88 -12.99 12.66
C PHE A 363 -19.07 -13.28 13.91
N VAL A 364 -18.74 -14.53 14.08
CA VAL A 364 -17.98 -14.93 15.25
C VAL A 364 -16.48 -14.83 14.99
N ASN A 365 -15.77 -14.02 15.77
CA ASN A 365 -14.36 -13.85 15.54
C ASN A 365 -13.59 -15.05 16.12
N VAL A 366 -12.82 -15.75 15.31
CA VAL A 366 -12.08 -16.92 15.81
C VAL A 366 -10.56 -16.81 15.71
N GLN A 367 -10.08 -15.61 15.44
CA GLN A 367 -8.64 -15.36 15.24
C GLN A 367 -7.73 -15.53 16.44
N ARG A 368 -8.25 -15.26 17.63
CA ARG A 368 -7.50 -15.21 18.85
C ARG A 368 -6.20 -14.42 18.56
N SER A 369 -5.06 -14.91 18.98
CA SER A 369 -3.76 -14.34 18.63
C SER A 369 -2.98 -15.19 17.63
N HIS A 370 -3.70 -15.85 16.75
CA HIS A 370 -3.08 -16.71 15.75
C HIS A 370 -2.22 -15.95 14.74
N SER A 371 -2.36 -14.63 14.65
CA SER A 371 -1.40 -13.86 13.89
C SER A 371 0.09 -14.05 14.31
N GLN A 372 0.36 -14.38 15.56
CA GLN A 372 1.69 -14.59 16.08
C GLN A 372 2.32 -15.86 15.47
N ILE A 373 1.62 -17.00 15.50
CA ILE A 373 2.16 -18.20 14.87
C ILE A 373 2.33 -18.00 13.37
N ILE A 374 1.46 -17.24 12.75
CA ILE A 374 1.57 -16.99 11.28
C ILE A 374 2.81 -16.19 10.98
N ARG A 375 3.02 -15.09 11.70
CA ARG A 375 4.19 -14.25 11.57
C ARG A 375 5.51 -15.07 11.78
N GLU A 376 5.49 -15.87 12.81
CA GLU A 376 6.58 -16.75 13.17
C GLU A 376 6.93 -17.74 12.08
N ILE A 377 5.92 -18.39 11.53
CA ILE A 377 6.17 -19.37 10.53
C ILE A 377 6.62 -18.72 9.26
N GLY A 378 6.04 -17.56 8.91
CA GLY A 378 6.50 -16.83 7.74
C GLY A 378 7.99 -16.51 7.83
N ALA A 379 8.44 -16.06 8.98
CA ALA A 379 9.87 -15.78 9.14
C ALA A 379 10.74 -17.03 9.10
N ALA A 380 10.30 -18.11 9.74
CA ALA A 380 11.03 -19.35 9.72
C ALA A 380 10.93 -20.12 8.39
N SER A 381 10.16 -19.66 7.45
CA SER A 381 10.04 -20.23 6.09
C SER A 381 10.64 -19.30 5.02
N THR A 382 11.36 -18.23 5.44
CA THR A 382 11.98 -17.33 4.49
C THR A 382 13.40 -17.89 4.22
N VAL A 383 13.55 -18.54 3.06
CA VAL A 383 14.77 -19.17 2.69
C VAL A 383 15.71 -18.13 2.09
N LEU A 384 16.87 -17.99 2.73
CA LEU A 384 17.96 -17.19 2.21
C LEU A 384 18.79 -18.08 1.30
N LEU A 385 18.61 -17.92 -0.02
CA LEU A 385 19.30 -18.72 -1.00
C LEU A 385 20.71 -18.22 -1.31
N LYS A 386 20.87 -16.89 -1.38
CA LYS A 386 22.11 -16.27 -1.75
C LYS A 386 22.31 -15.05 -0.80
N ASN A 387 23.54 -14.80 -0.31
CA ASN A 387 23.82 -13.60 0.42
C ASN A 387 25.29 -13.25 0.39
N THR A 388 25.66 -12.30 -0.42
CA THR A 388 27.06 -11.94 -0.50
C THR A 388 27.31 -10.74 0.40
N GLY A 389 26.53 -10.55 1.44
CA GLY A 389 26.78 -9.43 2.40
C GLY A 389 25.73 -8.34 2.36
N ALA A 390 24.66 -8.47 1.60
CA ALA A 390 23.63 -7.46 1.60
C ALA A 390 22.80 -7.50 2.94
N LEU A 391 22.71 -8.68 3.55
CA LEU A 391 21.80 -8.90 4.66
C LEU A 391 22.57 -9.38 5.90
N PRO A 392 22.13 -8.96 7.10
CA PRO A 392 20.92 -8.25 7.31
C PRO A 392 21.09 -6.75 7.02
N LEU A 393 19.98 -6.07 6.79
CA LEU A 393 19.95 -4.66 6.78
C LEU A 393 20.20 -4.13 8.19
N THR A 394 20.82 -2.95 8.30
CA THR A 394 21.25 -2.41 9.61
C THR A 394 20.38 -1.23 10.07
N GLY A 395 19.54 -0.65 9.22
CA GLY A 395 18.85 0.58 9.61
C GLY A 395 19.65 1.82 9.27
N LYS A 396 20.87 1.68 8.78
CA LYS A 396 21.66 2.82 8.31
C LYS A 396 21.53 3.08 6.82
N GLU A 397 20.70 2.30 6.10
CA GLU A 397 20.53 2.54 4.69
C GLU A 397 19.86 3.92 4.47
N VAL A 398 20.51 4.76 3.65
CA VAL A 398 20.05 6.15 3.43
C VAL A 398 18.83 6.23 2.57
N LYS A 399 18.81 5.47 1.47
CA LYS A 399 17.68 5.35 0.58
C LYS A 399 17.42 3.90 0.21
N VAL A 400 16.13 3.50 0.33
CA VAL A 400 15.74 2.10 0.08
C VAL A 400 14.72 2.11 -1.04
N GLY A 401 14.96 1.32 -2.07
CA GLY A 401 13.98 1.08 -3.09
C GLY A 401 13.22 -0.20 -2.93
N VAL A 402 11.90 -0.15 -3.13
CA VAL A 402 11.05 -1.36 -3.09
C VAL A 402 10.37 -1.45 -4.47
N LEU A 403 10.74 -2.44 -5.26
CA LEU A 403 10.34 -2.49 -6.65
C LEU A 403 9.58 -3.78 -6.94
N GLY A 404 8.45 -3.66 -7.58
CA GLY A 404 7.75 -4.78 -8.13
C GLY A 404 6.36 -4.86 -7.57
N GLU A 405 5.42 -5.19 -8.43
CA GLU A 405 4.02 -5.40 -8.06
C GLU A 405 3.84 -6.41 -6.91
N ASP A 406 4.68 -7.41 -6.85
CA ASP A 406 4.62 -8.37 -5.77
C ASP A 406 4.91 -7.79 -4.37
N ALA A 407 5.40 -6.56 -4.28
CA ALA A 407 5.56 -5.89 -3.02
C ALA A 407 4.27 -5.21 -2.52
N GLY A 408 3.33 -4.97 -3.41
CA GLY A 408 2.25 -4.00 -3.18
C GLY A 408 0.93 -4.69 -2.92
N SER A 409 -0.12 -3.89 -2.82
CA SER A 409 -1.43 -4.36 -2.48
C SER A 409 -2.13 -4.91 -3.73
N ASN A 410 -3.03 -5.84 -3.53
CA ASN A 410 -4.02 -6.23 -4.58
C ASN A 410 -5.02 -5.07 -4.68
N PRO A 411 -5.12 -4.40 -5.83
CA PRO A 411 -6.00 -3.19 -5.79
C PRO A 411 -7.51 -3.55 -5.76
N TRP A 412 -7.85 -4.84 -5.97
CA TRP A 412 -9.21 -5.32 -5.75
C TRP A 412 -9.51 -5.75 -4.30
N GLY A 413 -8.56 -5.53 -3.36
CA GLY A 413 -8.69 -5.93 -1.97
C GLY A 413 -8.09 -7.29 -1.79
N ALA A 414 -7.63 -7.61 -0.58
CA ALA A 414 -6.93 -8.90 -0.36
C ALA A 414 -7.83 -10.09 -0.78
N ASN A 415 -9.14 -9.95 -0.59
CA ASN A 415 -10.11 -10.98 -1.01
C ASN A 415 -10.85 -10.66 -2.29
N GLY A 416 -10.25 -9.87 -3.18
CA GLY A 416 -10.98 -9.33 -4.28
C GLY A 416 -11.14 -10.30 -5.45
N CYS A 417 -10.46 -11.43 -5.47
CA CYS A 417 -10.67 -12.43 -6.54
C CYS A 417 -11.18 -13.75 -5.93
N PRO A 418 -12.35 -14.25 -6.38
CA PRO A 418 -12.86 -15.50 -5.83
C PRO A 418 -11.79 -16.62 -5.85
N ASP A 419 -11.67 -17.33 -4.74
CA ASP A 419 -10.68 -18.41 -4.58
C ASP A 419 -9.21 -18.03 -4.88
N ARG A 420 -8.94 -16.73 -4.67
CA ARG A 420 -7.67 -16.11 -4.95
C ARG A 420 -7.20 -16.34 -6.42
N GLY A 421 -8.15 -16.40 -7.35
CA GLY A 421 -7.85 -16.71 -8.74
C GLY A 421 -7.33 -15.52 -9.56
N CYS A 422 -6.20 -14.98 -9.12
CA CYS A 422 -5.53 -13.91 -9.79
C CYS A 422 -4.13 -13.82 -9.26
N ASP A 423 -3.32 -12.94 -9.86
CA ASP A 423 -1.95 -12.73 -9.35
C ASP A 423 -1.70 -11.27 -9.22
N ASN A 424 -2.54 -10.61 -8.44
CA ASN A 424 -2.53 -9.15 -8.31
C ASN A 424 -1.92 -8.76 -6.95
N GLY A 425 -0.92 -7.90 -6.96
CA GLY A 425 -0.24 -7.55 -5.74
C GLY A 425 0.61 -8.66 -5.22
N THR A 426 0.94 -8.54 -3.95
CA THR A 426 1.80 -9.53 -3.34
C THR A 426 1.13 -10.91 -3.28
N LEU A 427 1.95 -11.96 -3.58
CA LEU A 427 1.45 -13.30 -3.61
C LEU A 427 1.62 -13.96 -2.26
N ALA A 428 0.56 -14.03 -1.48
CA ALA A 428 0.62 -14.61 -0.15
C ALA A 428 -0.20 -15.89 -0.03
N MET A 429 -0.99 -16.19 -1.09
CA MET A 429 -1.89 -17.37 -1.15
C MET A 429 -2.15 -17.68 -2.60
N ALA A 430 -1.97 -18.95 -2.98
CA ALA A 430 -2.24 -19.43 -4.35
C ALA A 430 -3.76 -19.79 -4.51
N TRP A 431 -4.21 -20.40 -5.62
CA TRP A 431 -5.63 -20.38 -5.91
C TRP A 431 -6.31 -21.73 -5.82
N GLY A 432 -7.62 -21.67 -5.64
CA GLY A 432 -8.48 -22.85 -5.66
C GLY A 432 -9.20 -23.13 -4.40
N SER A 433 -9.44 -24.43 -4.15
CA SER A 433 -10.12 -24.81 -2.91
C SER A 433 -9.21 -24.78 -1.70
N GLY A 434 -7.89 -24.77 -1.92
CA GLY A 434 -6.91 -24.68 -0.82
C GLY A 434 -6.67 -23.29 -0.24
N THR A 435 -7.74 -22.53 -0.12
CA THR A 435 -7.67 -21.10 0.23
C THR A 435 -8.56 -20.75 1.41
N ALA A 436 -8.31 -19.57 1.94
CA ALA A 436 -9.11 -18.98 3.01
C ALA A 436 -9.25 -17.53 2.70
N ASN A 437 -10.23 -16.89 3.30
CA ASN A 437 -10.32 -15.42 3.15
C ASN A 437 -9.40 -14.74 4.18
N PHE A 438 -8.66 -13.71 3.75
CA PHE A 438 -7.78 -12.99 4.65
C PHE A 438 -8.60 -12.14 5.61
N PRO A 439 -8.13 -11.95 6.85
CA PRO A 439 -8.70 -10.84 7.66
C PRO A 439 -8.09 -9.47 7.37
N TYR A 440 -6.95 -9.50 6.72
CA TYR A 440 -6.15 -8.38 6.29
C TYR A 440 -4.93 -8.98 5.59
N LEU A 441 -4.12 -8.17 4.91
CA LEU A 441 -2.84 -8.67 4.35
C LEU A 441 -1.78 -7.61 4.41
N VAL A 442 -0.75 -7.87 5.21
CA VAL A 442 0.36 -6.94 5.43
C VAL A 442 1.34 -7.18 4.29
N THR A 443 1.49 -6.20 3.44
CA THR A 443 2.38 -6.30 2.27
C THR A 443 3.81 -5.98 2.57
N PRO A 444 4.73 -6.48 1.75
CA PRO A 444 6.11 -6.05 1.89
C PRO A 444 6.31 -4.56 1.79
N GLU A 445 5.60 -3.91 0.89
CA GLU A 445 5.69 -2.46 0.82
C GLU A 445 5.38 -1.78 2.18
N GLN A 446 4.27 -2.18 2.79
CA GLN A 446 3.85 -1.57 4.07
C GLN A 446 4.87 -1.78 5.14
N ALA A 447 5.31 -3.04 5.29
CA ALA A 447 6.20 -3.39 6.37
C ALA A 447 7.60 -2.81 6.15
N ILE A 448 8.13 -2.87 4.94
CA ILE A 448 9.45 -2.29 4.69
C ILE A 448 9.40 -0.74 4.85
N GLN A 449 8.37 -0.11 4.33
CA GLN A 449 8.29 1.32 4.47
C GLN A 449 8.26 1.74 5.97
N ARG A 450 7.42 1.08 6.77
N ARG A 450 7.42 1.08 6.77
N ARG A 450 7.43 1.07 6.76
CA ARG A 450 7.33 1.37 8.19
CA ARG A 450 7.33 1.38 8.16
CA ARG A 450 7.34 1.39 8.16
C ARG A 450 8.69 1.29 8.85
C ARG A 450 8.70 1.29 8.85
C ARG A 450 8.70 1.29 8.85
N GLU A 451 9.39 0.19 8.58
CA GLU A 451 10.68 -0.03 9.15
C GLU A 451 11.81 0.96 8.68
N VAL A 452 11.84 1.25 7.41
CA VAL A 452 12.82 2.22 6.91
C VAL A 452 12.59 3.60 7.54
N ILE A 453 11.32 4.00 7.57
CA ILE A 453 11.00 5.30 8.12
C ILE A 453 11.45 5.41 9.59
N SER A 454 11.18 4.34 10.34
CA SER A 454 11.51 4.27 11.75
CA SER A 454 11.52 4.30 11.77
C SER A 454 13.04 4.38 11.98
N ASN A 455 13.83 3.95 11.00
CA ASN A 455 15.28 4.11 11.07
C ASN A 455 15.84 5.39 10.41
N GLY A 456 15.01 6.33 9.94
CA GLY A 456 15.50 7.58 9.31
C GLY A 456 15.86 7.44 7.83
N GLY A 457 15.61 6.26 7.20
CA GLY A 457 15.84 6.11 5.80
C GLY A 457 14.72 6.81 4.99
N ASN A 458 15.05 7.09 3.72
CA ASN A 458 14.06 7.48 2.75
C ASN A 458 13.69 6.17 2.00
N VAL A 459 12.46 6.08 1.56
CA VAL A 459 11.94 4.86 0.96
C VAL A 459 10.87 5.13 -0.09
N PHE A 460 11.01 4.42 -1.21
CA PHE A 460 10.16 4.59 -2.41
C PHE A 460 9.76 3.24 -2.96
N ALA A 461 8.50 3.12 -3.28
CA ALA A 461 7.99 1.84 -3.77
C ALA A 461 7.39 2.02 -5.15
N VAL A 462 7.91 1.30 -6.12
CA VAL A 462 7.41 1.34 -7.52
C VAL A 462 6.80 -0.04 -7.80
N THR A 463 5.46 -0.09 -7.91
CA THR A 463 4.71 -1.34 -7.96
C THR A 463 3.95 -1.58 -9.28
N ASP A 464 4.18 -0.75 -10.29
CA ASP A 464 3.66 -0.97 -11.65
C ASP A 464 4.79 -1.61 -12.49
N ASN A 465 4.59 -2.87 -12.88
CA ASN A 465 5.67 -3.62 -13.54
C ASN A 465 5.87 -3.24 -15.00
N GLY A 466 5.07 -2.27 -15.49
CA GLY A 466 5.33 -1.57 -16.74
C GLY A 466 6.15 -0.34 -16.59
N ALA A 467 6.37 0.14 -15.35
CA ALA A 467 7.00 1.44 -15.14
C ALA A 467 8.52 1.25 -14.99
N LEU A 468 9.14 0.72 -16.02
CA LEU A 468 10.52 0.25 -15.91
C LEU A 468 11.50 1.44 -15.76
N SER A 469 11.27 2.55 -16.44
CA SER A 469 12.20 3.68 -16.29
C SER A 469 12.10 4.29 -14.85
N GLN A 470 10.89 4.26 -14.31
CA GLN A 470 10.69 4.79 -12.98
C GLN A 470 11.40 3.86 -11.95
N MET A 471 11.32 2.51 -12.16
CA MET A 471 12.10 1.59 -11.37
C MET A 471 13.61 1.83 -11.49
N ALA A 472 14.08 2.01 -12.70
CA ALA A 472 15.53 2.23 -12.96
C ALA A 472 16.03 3.44 -12.19
N ASP A 473 15.27 4.53 -12.21
CA ASP A 473 15.69 5.72 -11.48
C ASP A 473 15.77 5.51 -9.97
N VAL A 474 14.76 4.84 -9.41
CA VAL A 474 14.74 4.58 -7.98
C VAL A 474 15.94 3.63 -7.65
N ALA A 475 16.10 2.58 -8.44
CA ALA A 475 17.22 1.67 -8.23
C ALA A 475 18.57 2.43 -8.27
N SER A 476 18.76 3.33 -9.24
CA SER A 476 19.99 4.08 -9.34
C SER A 476 20.27 4.95 -8.15
N GLN A 477 19.23 5.46 -7.55
CA GLN A 477 19.38 6.35 -6.41
C GLN A 477 19.46 5.61 -5.08
N SER A 478 19.14 4.33 -5.03
CA SER A 478 19.07 3.64 -3.74
C SER A 478 20.39 3.09 -3.19
N SER A 479 20.46 2.96 -1.87
CA SER A 479 21.54 2.23 -1.16
C SER A 479 21.32 0.71 -1.32
N VAL A 480 20.08 0.28 -1.30
CA VAL A 480 19.71 -1.14 -1.49
C VAL A 480 18.38 -1.10 -2.21
N SER A 481 18.24 -1.99 -3.20
CA SER A 481 16.97 -2.16 -3.88
C SER A 481 16.45 -3.54 -3.62
N LEU A 482 15.21 -3.62 -3.18
CA LEU A 482 14.57 -4.90 -2.93
C LEU A 482 13.52 -5.13 -4.02
N VAL A 483 13.74 -6.12 -4.85
CA VAL A 483 12.85 -6.33 -5.98
C VAL A 483 12.02 -7.60 -5.73
N PHE A 484 10.72 -7.50 -5.96
CA PHE A 484 9.74 -8.52 -5.62
C PHE A 484 9.16 -9.10 -6.86
N VAL A 485 9.18 -10.45 -6.94
CA VAL A 485 8.65 -11.12 -8.12
C VAL A 485 7.94 -12.41 -7.65
N ASN A 486 7.11 -12.97 -8.52
CA ASN A 486 6.34 -14.10 -8.15
C ASN A 486 5.97 -15.03 -9.32
N ALA A 487 5.46 -16.20 -8.89
CA ALA A 487 4.90 -17.20 -9.80
C ALA A 487 3.83 -17.98 -9.09
N ASP A 488 2.67 -18.13 -9.75
CA ASP A 488 1.43 -18.60 -9.13
C ASP A 488 0.95 -19.89 -9.82
N SER A 489 0.03 -20.60 -9.16
CA SER A 489 -0.59 -21.82 -9.76
C SER A 489 -1.77 -22.14 -8.87
N GLY A 490 -2.53 -23.16 -9.23
CA GLY A 490 -3.61 -23.55 -8.37
C GLY A 490 -4.40 -24.73 -8.84
N GLU A 491 -5.58 -24.87 -8.23
CA GLU A 491 -6.47 -25.96 -8.63
C GLU A 491 -7.05 -25.73 -10.03
N GLY A 492 -7.21 -26.80 -10.78
CA GLY A 492 -7.61 -26.70 -12.22
C GLY A 492 -8.99 -26.19 -12.59
N PHE A 493 -9.92 -25.90 -11.64
CA PHE A 493 -11.18 -25.33 -12.01
C PHE A 493 -11.02 -23.83 -12.29
N ILE A 494 -9.84 -23.27 -12.06
CA ILE A 494 -9.52 -21.92 -12.42
C ILE A 494 -8.29 -21.86 -13.34
N SER A 495 -8.38 -21.06 -14.40
CA SER A 495 -7.28 -20.81 -15.32
C SER A 495 -7.00 -19.31 -15.31
N VAL A 496 -5.74 -18.95 -15.03
CA VAL A 496 -5.32 -17.50 -15.08
C VAL A 496 -4.25 -17.45 -16.16
N ASP A 497 -4.48 -16.61 -17.16
CA ASP A 497 -3.55 -16.40 -18.26
C ASP A 497 -3.03 -17.70 -18.88
N GLY A 498 -3.91 -18.66 -19.08
CA GLY A 498 -3.53 -19.89 -19.84
C GLY A 498 -2.92 -20.95 -18.89
N ASN A 499 -2.82 -20.68 -17.57
CA ASN A 499 -2.33 -21.67 -16.60
C ASN A 499 -3.58 -22.37 -16.06
N GLU A 500 -3.87 -23.59 -16.57
CA GLU A 500 -5.07 -24.31 -16.21
C GLU A 500 -4.80 -25.14 -14.95
N GLY A 501 -4.71 -24.42 -13.82
CA GLY A 501 -4.20 -24.97 -12.60
C GLY A 501 -2.68 -25.15 -12.58
N ASP A 502 -2.22 -26.14 -13.31
CA ASP A 502 -0.83 -26.36 -13.54
C ASP A 502 -0.21 -25.13 -14.19
N ARG A 503 1.06 -24.89 -13.93
CA ARG A 503 1.73 -23.80 -14.55
C ARG A 503 2.24 -24.14 -15.97
N LYS A 504 2.07 -23.22 -16.93
CA LYS A 504 2.58 -23.47 -18.28
C LYS A 504 4.08 -23.22 -18.41
N ASN A 505 4.76 -22.60 -17.45
CA ASN A 505 6.20 -22.55 -17.47
C ASN A 505 6.68 -22.40 -16.04
N LEU A 506 8.00 -22.38 -15.86
CA LEU A 506 8.58 -22.23 -14.56
C LEU A 506 9.27 -20.89 -14.43
N THR A 507 8.85 -19.85 -15.15
CA THR A 507 9.50 -18.58 -15.08
C THR A 507 8.54 -17.56 -14.42
N LEU A 508 8.99 -16.33 -14.31
CA LEU A 508 8.27 -15.33 -13.51
C LEU A 508 7.05 -14.75 -14.18
N TRP A 509 6.08 -14.38 -13.33
CA TRP A 509 4.84 -13.77 -13.81
C TRP A 509 4.94 -12.24 -13.84
N LYS A 510 3.92 -11.60 -14.38
CA LYS A 510 3.74 -10.16 -14.32
C LYS A 510 4.93 -9.28 -14.78
N ASN A 511 5.63 -9.74 -15.79
CA ASN A 511 6.78 -9.05 -16.31
C ASN A 511 7.98 -9.09 -15.41
N GLY A 512 8.03 -10.07 -14.50
CA GLY A 512 9.09 -10.09 -13.50
C GLY A 512 10.55 -10.21 -14.02
N GLU A 513 10.72 -10.88 -15.16
CA GLU A 513 12.05 -11.03 -15.77
C GLU A 513 12.64 -9.65 -16.20
N ALA A 514 11.83 -8.83 -16.83
CA ALA A 514 12.24 -7.49 -17.18
C ALA A 514 12.44 -6.57 -15.97
N VAL A 515 11.62 -6.75 -14.93
CA VAL A 515 11.77 -6.01 -13.70
C VAL A 515 13.11 -6.25 -13.08
N ILE A 516 13.46 -7.52 -12.91
CA ILE A 516 14.76 -7.87 -12.42
C ILE A 516 15.83 -7.22 -13.29
N ASP A 517 15.70 -7.36 -14.62
CA ASP A 517 16.78 -6.87 -15.48
C ASP A 517 16.99 -5.34 -15.30
N THR A 518 15.91 -4.59 -15.21
CA THR A 518 15.98 -3.18 -15.02
C THR A 518 16.65 -2.81 -13.71
N VAL A 519 16.26 -3.45 -12.64
CA VAL A 519 16.78 -3.09 -11.31
C VAL A 519 18.25 -3.48 -11.21
N VAL A 520 18.55 -4.75 -11.58
CA VAL A 520 19.90 -5.22 -11.44
C VAL A 520 20.88 -4.42 -12.29
N SER A 521 20.47 -3.99 -13.50
CA SER A 521 21.39 -3.20 -14.33
C SER A 521 21.59 -1.76 -13.80
N HIS A 522 20.81 -1.34 -12.81
CA HIS A 522 20.99 0.05 -12.25
C HIS A 522 21.37 0.10 -10.78
N CYS A 523 21.42 -1.06 -10.11
CA CYS A 523 21.73 -1.08 -8.70
C CYS A 523 22.67 -2.28 -8.39
N ASN A 524 23.83 -1.95 -7.83
CA ASN A 524 24.82 -2.99 -7.54
C ASN A 524 24.59 -3.64 -6.18
N ASN A 525 23.49 -3.29 -5.50
CA ASN A 525 23.08 -3.93 -4.25
C ASN A 525 21.59 -4.31 -4.31
N THR A 526 21.28 -5.25 -5.24
CA THR A 526 19.93 -5.70 -5.49
C THR A 526 19.62 -7.01 -4.72
N ILE A 527 18.57 -6.99 -3.91
CA ILE A 527 18.06 -8.20 -3.22
C ILE A 527 16.78 -8.65 -3.92
N VAL A 528 16.75 -9.87 -4.40
CA VAL A 528 15.56 -10.40 -5.08
C VAL A 528 14.75 -11.25 -4.12
N VAL A 529 13.46 -10.91 -3.93
CA VAL A 529 12.58 -11.68 -3.12
C VAL A 529 11.51 -12.34 -4.02
N ILE A 530 11.46 -13.65 -3.99
CA ILE A 530 10.52 -14.45 -4.76
C ILE A 530 9.40 -14.98 -3.82
N HIS A 531 8.13 -14.70 -4.13
CA HIS A 531 6.97 -15.39 -3.56
C HIS A 531 6.45 -16.33 -4.65
N SER A 532 6.37 -17.63 -4.36
CA SER A 532 5.97 -18.53 -5.40
C SER A 532 5.44 -19.86 -4.84
N VAL A 533 4.70 -20.56 -5.70
CA VAL A 533 4.14 -21.86 -5.40
C VAL A 533 5.18 -22.99 -5.39
N GLY A 534 6.37 -22.72 -5.90
CA GLY A 534 7.30 -23.80 -6.13
C GLY A 534 8.50 -23.27 -6.84
N PRO A 535 9.33 -24.15 -7.38
CA PRO A 535 10.54 -23.69 -8.09
C PRO A 535 10.32 -22.71 -9.28
N VAL A 536 11.26 -21.79 -9.47
CA VAL A 536 11.34 -20.92 -10.54
C VAL A 536 12.74 -21.15 -11.13
N LEU A 537 12.87 -21.07 -12.48
CA LEU A 537 14.12 -21.17 -13.17
C LEU A 537 14.83 -19.83 -13.05
N ILE A 538 15.91 -19.79 -12.30
CA ILE A 538 16.65 -18.51 -12.06
C ILE A 538 18.04 -18.43 -12.66
N ASP A 539 18.40 -19.45 -13.45
CA ASP A 539 19.72 -19.51 -14.04
C ASP A 539 20.16 -18.22 -14.74
N ARG A 540 19.25 -17.54 -15.40
CA ARG A 540 19.60 -16.41 -16.21
C ARG A 540 20.15 -15.25 -15.40
N TRP A 541 19.79 -15.12 -14.11
CA TRP A 541 20.13 -13.91 -13.36
C TRP A 541 20.73 -14.13 -11.99
N TYR A 542 20.65 -15.34 -11.44
CA TYR A 542 21.04 -15.54 -10.04
C TYR A 542 22.48 -15.23 -9.76
N ASP A 543 23.32 -15.42 -10.75
CA ASP A 543 24.73 -15.29 -10.53
C ASP A 543 25.28 -13.93 -10.98
N ASN A 544 24.42 -12.98 -11.27
CA ASN A 544 24.85 -11.63 -11.57
C ASN A 544 25.43 -11.05 -10.30
N PRO A 545 26.60 -10.43 -10.36
CA PRO A 545 27.20 -9.93 -9.09
C PRO A 545 26.45 -8.74 -8.46
N ASN A 546 25.60 -8.08 -9.22
CA ASN A 546 24.74 -7.06 -8.62
C ASN A 546 23.58 -7.64 -7.78
N VAL A 547 23.27 -8.91 -7.97
CA VAL A 547 22.30 -9.60 -7.13
C VAL A 547 23.02 -10.01 -5.86
N THR A 548 22.88 -9.25 -4.81
CA THR A 548 23.60 -9.47 -3.60
C THR A 548 22.89 -10.38 -2.58
N ALA A 549 21.60 -10.62 -2.73
CA ALA A 549 20.95 -11.65 -1.97
C ALA A 549 19.71 -12.09 -2.75
N ILE A 550 19.29 -13.33 -2.48
CA ILE A 550 18.10 -13.88 -3.07
C ILE A 550 17.37 -14.63 -1.97
N ILE A 551 16.08 -14.35 -1.86
CA ILE A 551 15.17 -14.95 -0.88
C ILE A 551 13.99 -15.65 -1.62
N TRP A 552 13.63 -16.86 -1.19
CA TRP A 552 12.36 -17.52 -1.51
C TRP A 552 11.51 -17.56 -0.26
N ALA A 553 10.37 -16.84 -0.31
CA ALA A 553 9.50 -16.73 0.87
C ALA A 553 8.16 -17.46 0.69
N GLY A 554 7.94 -18.17 -0.40
CA GLY A 554 6.76 -19.03 -0.49
C GLY A 554 5.47 -18.19 -0.51
N LEU A 555 4.46 -18.67 0.23
CA LEU A 555 3.10 -18.15 0.23
C LEU A 555 2.78 -17.92 1.73
N PRO A 556 3.20 -16.77 2.26
CA PRO A 556 3.25 -16.62 3.72
C PRO A 556 1.97 -16.29 4.50
N GLY A 557 0.85 -16.11 3.82
CA GLY A 557 -0.36 -15.82 4.57
C GLY A 557 -0.35 -14.32 5.01
N GLN A 558 -1.21 -14.03 5.95
CA GLN A 558 -1.65 -12.67 6.21
C GLN A 558 -0.58 -11.73 6.76
N GLU A 559 0.49 -12.27 7.33
CA GLU A 559 1.54 -11.45 7.94
C GLU A 559 2.79 -11.31 7.06
N SER A 560 2.61 -11.53 5.75
CA SER A 560 3.72 -11.61 4.79
C SER A 560 4.80 -10.56 5.03
N GLY A 561 4.44 -9.30 4.97
CA GLY A 561 5.44 -8.27 5.08
C GLY A 561 6.18 -8.24 6.37
N ASN A 562 5.47 -8.45 7.47
CA ASN A 562 6.06 -8.46 8.82
C ASN A 562 6.99 -9.67 9.03
N SER A 563 6.64 -10.82 8.50
CA SER A 563 7.53 -11.95 8.56
C SER A 563 8.84 -11.62 7.82
N LEU A 564 8.69 -11.01 6.66
CA LEU A 564 9.84 -10.73 5.82
C LEU A 564 10.75 -9.72 6.52
N VAL A 565 10.20 -8.61 7.04
CA VAL A 565 11.09 -7.60 7.69
C VAL A 565 11.79 -8.18 8.92
N ASP A 566 11.12 -9.07 9.67
CA ASP A 566 11.78 -9.74 10.81
C ASP A 566 13.13 -10.38 10.35
N VAL A 567 13.16 -11.02 9.19
CA VAL A 567 14.38 -11.64 8.65
C VAL A 567 15.34 -10.61 8.01
N LEU A 568 14.80 -9.64 7.27
CA LEU A 568 15.62 -8.64 6.62
C LEU A 568 16.46 -7.86 7.59
N TYR A 569 15.88 -7.54 8.74
CA TYR A 569 16.60 -6.78 9.73
C TYR A 569 17.25 -7.65 10.78
N GLY A 570 17.15 -8.95 10.67
CA GLY A 570 17.85 -9.82 11.60
C GLY A 570 17.25 -9.94 13.00
N ARG A 571 15.99 -9.50 13.24
CA ARG A 571 15.31 -9.92 14.44
C ARG A 571 15.17 -11.46 14.45
N VAL A 572 14.91 -12.08 13.30
CA VAL A 572 15.00 -13.53 13.16
C VAL A 572 16.17 -13.81 12.21
N ASN A 573 17.02 -14.72 12.62
CA ASN A 573 18.15 -15.20 11.81
C ASN A 573 17.55 -16.28 10.90
N PRO A 574 17.54 -16.07 9.60
CA PRO A 574 16.92 -17.07 8.79
C PRO A 574 17.51 -18.45 8.97
N SER A 575 16.62 -19.42 8.95
CA SER A 575 17.00 -20.85 9.13
C SER A 575 16.27 -21.78 8.13
N ALA A 576 15.36 -21.27 7.36
CA ALA A 576 14.63 -22.11 6.43
C ALA A 576 15.57 -22.76 5.36
N LYS A 577 15.22 -23.96 4.92
CA LYS A 577 15.93 -24.61 3.85
C LYS A 577 14.95 -25.00 2.76
N THR A 578 15.39 -24.90 1.51
CA THR A 578 14.50 -25.21 0.43
C THR A 578 13.97 -26.67 0.52
N PRO A 579 12.67 -26.84 0.43
CA PRO A 579 12.06 -28.21 0.49
C PRO A 579 11.89 -28.86 -0.90
N PHE A 580 12.46 -28.19 -1.91
CA PHE A 580 12.59 -28.69 -3.25
C PHE A 580 13.89 -28.17 -3.88
N THR A 581 14.24 -28.78 -5.01
CA THR A 581 15.45 -28.40 -5.79
C THR A 581 15.18 -27.21 -6.72
N TRP A 582 16.16 -26.33 -6.88
CA TRP A 582 16.16 -25.22 -7.85
C TRP A 582 17.12 -25.68 -8.97
N GLY A 583 16.52 -26.18 -10.06
CA GLY A 583 17.24 -26.63 -11.21
C GLY A 583 17.59 -25.61 -12.25
N LYS A 584 18.52 -26.00 -13.12
CA LYS A 584 18.85 -25.12 -14.25
C LYS A 584 17.81 -24.97 -15.33
N THR A 585 17.08 -26.01 -15.65
CA THR A 585 16.13 -26.04 -16.74
C THR A 585 14.89 -26.85 -16.30
N ARG A 586 13.77 -26.74 -17.03
CA ARG A 586 12.60 -27.55 -16.70
C ARG A 586 12.91 -29.02 -16.85
N GLU A 587 13.69 -29.35 -17.87
CA GLU A 587 14.00 -30.78 -18.25
C GLU A 587 14.85 -31.43 -17.14
N SER A 588 15.60 -30.63 -16.38
N SER A 588 15.58 -30.62 -16.38
CA SER A 588 16.38 -31.15 -15.29
CA SER A 588 16.36 -31.11 -15.25
C SER A 588 15.55 -31.87 -14.23
C SER A 588 15.55 -31.87 -14.23
N TYR A 589 14.27 -31.54 -14.09
CA TYR A 589 13.42 -32.16 -13.10
C TYR A 589 12.83 -33.54 -13.48
N GLY A 590 12.83 -33.86 -14.76
CA GLY A 590 12.28 -35.10 -15.26
C GLY A 590 11.14 -34.82 -16.23
N ALA A 591 10.15 -35.70 -16.22
CA ALA A 591 9.16 -35.73 -17.35
C ALA A 591 8.22 -34.50 -17.27
N PRO A 592 7.80 -33.98 -18.42
CA PRO A 592 6.82 -32.90 -18.43
C PRO A 592 5.47 -33.36 -17.95
N LEU A 593 4.66 -32.39 -17.53
CA LEU A 593 3.22 -32.63 -17.36
C LEU A 593 2.57 -33.33 -18.56
N LEU A 594 1.56 -34.15 -18.32
CA LEU A 594 0.75 -34.70 -19.38
C LEU A 594 -0.36 -33.73 -19.73
N THR A 595 -0.20 -33.05 -20.87
CA THR A 595 -1.11 -31.94 -21.26
C THR A 595 -1.78 -32.15 -22.61
N GLU A 596 -1.59 -33.31 -23.24
CA GLU A 596 -2.30 -33.71 -24.43
C GLU A 596 -2.82 -35.13 -24.24
N PRO A 597 -4.06 -35.38 -24.60
CA PRO A 597 -4.53 -36.76 -24.46
C PRO A 597 -3.72 -37.74 -25.25
N ASN A 598 -3.37 -38.89 -24.68
CA ASN A 598 -2.51 -39.85 -25.38
C ASN A 598 -3.10 -41.24 -25.44
N ASN A 599 -4.40 -41.39 -25.23
CA ASN A 599 -5.08 -42.71 -25.32
C ASN A 599 -6.44 -42.51 -26.00
N GLY A 600 -6.40 -41.88 -27.17
CA GLY A 600 -7.61 -41.58 -27.91
C GLY A 600 -8.42 -40.60 -27.10
N ASN A 601 -9.71 -40.88 -26.99
CA ASN A 601 -10.54 -40.16 -26.10
C ASN A 601 -10.88 -40.95 -24.81
N GLY A 602 -10.11 -42.00 -24.52
CA GLY A 602 -10.12 -42.68 -23.24
C GLY A 602 -9.31 -41.92 -22.20
N ALA A 603 -9.18 -42.53 -21.03
CA ALA A 603 -8.35 -41.96 -19.93
C ALA A 603 -6.90 -41.71 -20.43
N PRO A 604 -6.42 -40.47 -20.35
CA PRO A 604 -4.99 -40.22 -20.58
C PRO A 604 -4.19 -41.08 -19.61
N GLN A 605 -3.06 -41.62 -20.07
CA GLN A 605 -2.23 -42.55 -19.29
C GLN A 605 -0.96 -41.88 -18.82
N ASP A 606 -0.78 -41.73 -17.51
CA ASP A 606 0.40 -41.06 -16.92
C ASP A 606 1.28 -42.11 -16.25
N ASP A 607 2.24 -42.66 -17.00
CA ASP A 607 3.15 -43.72 -16.50
C ASP A 607 4.25 -43.10 -15.66
N PHE A 608 4.37 -43.47 -14.39
CA PHE A 608 5.33 -42.87 -13.43
C PHE A 608 6.66 -43.62 -13.65
N ASN A 609 7.24 -43.45 -14.81
CA ASN A 609 8.43 -44.21 -15.22
C ASN A 609 9.69 -43.93 -14.45
N GLU A 610 9.80 -42.77 -13.81
CA GLU A 610 10.97 -42.42 -12.99
C GLU A 610 11.02 -43.16 -11.65
N GLY A 611 9.91 -43.83 -11.26
CA GLY A 611 9.82 -44.55 -9.99
C GLY A 611 10.10 -43.62 -8.80
N VAL A 612 11.04 -44.00 -7.91
CA VAL A 612 11.31 -43.14 -6.73
C VAL A 612 12.14 -41.86 -7.03
N PHE A 613 12.56 -41.70 -8.28
CA PHE A 613 13.54 -40.68 -8.61
C PHE A 613 12.82 -39.37 -9.04
N ILE A 614 12.31 -38.68 -8.05
CA ILE A 614 11.79 -37.32 -8.26
C ILE A 614 12.62 -36.32 -7.45
N ASP A 615 12.49 -35.04 -7.79
CA ASP A 615 13.24 -33.92 -7.19
C ASP A 615 14.69 -34.36 -7.02
N TYR A 616 15.27 -34.20 -5.83
CA TYR A 616 16.71 -34.36 -5.69
C TYR A 616 17.18 -35.73 -6.07
N ARG A 617 16.32 -36.77 -5.91
CA ARG A 617 16.76 -38.11 -6.27
C ARG A 617 17.05 -38.17 -7.74
N HIS A 618 16.27 -37.45 -8.51
CA HIS A 618 16.46 -37.44 -9.98
C HIS A 618 17.74 -36.69 -10.38
N PHE A 619 17.93 -35.51 -9.77
CA PHE A 619 19.14 -34.75 -10.01
C PHE A 619 20.39 -35.55 -9.65
N ASP A 620 20.35 -36.25 -8.50
CA ASP A 620 21.49 -37.09 -8.05
C ASP A 620 21.74 -38.28 -9.02
N LYS A 621 20.70 -38.91 -9.49
CA LYS A 621 20.87 -40.08 -10.37
C LYS A 621 21.42 -39.68 -11.72
N ARG A 622 20.99 -38.55 -12.25
N ARG A 622 21.00 -38.55 -12.25
CA ARG A 622 21.52 -38.03 -13.49
CA ARG A 622 21.57 -38.05 -13.49
C ARG A 622 22.86 -37.26 -13.30
C ARG A 622 22.87 -37.25 -13.31
N ASN A 623 23.37 -37.16 -12.08
CA ASN A 623 24.57 -36.39 -11.78
C ASN A 623 24.50 -34.91 -12.29
N GLU A 624 23.31 -34.33 -12.21
N GLU A 624 23.32 -34.32 -12.22
CA GLU A 624 23.04 -32.95 -12.58
CA GLU A 624 23.14 -32.95 -12.61
C GLU A 624 23.38 -32.06 -11.36
C GLU A 624 23.40 -32.06 -11.38
N THR A 625 23.90 -30.85 -11.61
CA THR A 625 24.20 -29.93 -10.54
C THR A 625 23.06 -28.92 -10.45
N PRO A 626 22.32 -28.90 -9.34
CA PRO A 626 21.30 -27.88 -9.15
C PRO A 626 21.90 -26.50 -8.96
N ILE A 627 21.12 -25.47 -9.18
CA ILE A 627 21.53 -24.15 -8.71
C ILE A 627 21.53 -24.15 -7.18
N TYR A 628 20.43 -24.60 -6.54
CA TYR A 628 20.34 -24.74 -5.10
C TYR A 628 19.71 -26.09 -4.82
N GLU A 629 20.40 -26.92 -4.08
CA GLU A 629 19.97 -28.28 -3.83
C GLU A 629 18.91 -28.36 -2.77
N PHE A 630 18.16 -29.45 -2.78
CA PHE A 630 17.24 -29.75 -1.73
C PHE A 630 17.98 -29.67 -0.38
N GLY A 631 17.40 -28.98 0.59
CA GLY A 631 17.98 -28.81 1.89
C GLY A 631 18.91 -27.61 2.06
N HIS A 632 19.12 -26.80 1.02
CA HIS A 632 19.99 -25.61 1.10
C HIS A 632 19.28 -24.40 1.68
N GLY A 633 19.94 -23.71 2.61
CA GLY A 633 19.54 -22.39 3.02
C GLY A 633 20.69 -21.79 3.82
N LEU A 634 20.77 -20.48 3.80
CA LEU A 634 21.87 -19.77 4.52
C LEU A 634 21.38 -19.21 5.82
N SER A 635 22.34 -18.78 6.65
CA SER A 635 22.08 -18.16 7.92
C SER A 635 22.95 -16.92 8.04
N TYR A 636 22.68 -16.02 8.99
CA TYR A 636 23.62 -14.95 9.32
C TYR A 636 24.78 -15.41 10.18
N THR A 637 24.79 -16.69 10.57
CA THR A 637 25.94 -17.29 11.19
C THR A 637 26.38 -18.53 10.36
N THR A 638 27.39 -19.26 10.85
CA THR A 638 27.85 -20.50 10.24
C THR A 638 27.73 -21.62 11.23
N PHE A 639 27.64 -22.86 10.71
CA PHE A 639 27.54 -24.05 11.53
C PHE A 639 28.54 -25.07 11.14
N GLY A 640 29.13 -25.75 12.08
CA GLY A 640 30.13 -26.81 11.82
C GLY A 640 29.59 -28.17 12.33
N TYR A 641 30.04 -29.24 11.68
CA TYR A 641 29.58 -30.61 11.96
C TYR A 641 30.78 -31.47 12.32
N SER A 642 30.71 -32.28 13.39
CA SER A 642 31.87 -33.15 13.80
C SER A 642 31.39 -34.32 14.59
N HIS A 643 32.30 -35.25 14.86
CA HIS A 643 32.16 -36.29 15.87
CA HIS A 643 32.13 -36.26 15.90
C HIS A 643 30.93 -37.18 15.58
N LEU A 644 30.85 -37.64 14.34
CA LEU A 644 29.83 -38.64 13.96
C LEU A 644 29.99 -39.93 14.71
N ARG A 645 28.97 -40.45 15.37
CA ARG A 645 29.06 -41.73 16.06
C ARG A 645 27.86 -42.58 15.69
N VAL A 646 28.10 -43.86 15.45
CA VAL A 646 27.08 -44.78 14.99
C VAL A 646 27.12 -46.02 15.86
N GLN A 647 25.97 -46.49 16.36
CA GLN A 647 25.92 -47.64 17.21
C GLN A 647 24.70 -48.48 16.91
N ALA A 648 24.92 -49.75 16.59
CA ALA A 648 23.85 -50.69 16.44
C ALA A 648 23.12 -50.90 17.78
N LEU A 649 21.82 -51.00 17.74
CA LEU A 649 21.00 -51.42 18.84
C LEU A 649 20.26 -52.82 18.65
N ASN A 650 20.37 -53.60 17.57
CA ASN A 650 19.48 -54.81 17.46
C ASN A 650 19.58 -55.66 18.76
N SER A 651 18.58 -56.46 19.10
CA SER A 651 18.58 -57.16 20.40
C SER A 651 17.80 -58.44 20.34
N ALA A 655 13.61 -57.86 16.43
CA ALA A 655 13.45 -58.61 15.14
C ALA A 655 12.08 -58.28 14.49
N TYR A 656 12.04 -58.24 13.14
CA TYR A 656 10.80 -58.11 12.40
C TYR A 656 9.94 -59.38 12.59
N VAL A 657 8.63 -59.18 12.78
CA VAL A 657 7.71 -60.31 12.96
C VAL A 657 6.61 -60.10 11.91
N PRO A 658 6.75 -60.77 10.73
CA PRO A 658 5.69 -60.65 9.70
C PRO A 658 4.31 -61.01 10.34
N THR A 659 3.28 -60.17 10.13
CA THR A 659 1.99 -60.44 10.73
C THR A 659 1.31 -61.71 10.12
N SER A 660 0.75 -62.56 10.97
CA SER A 660 0.17 -63.84 10.53
CA SER A 660 0.18 -63.85 10.55
C SER A 660 -1.07 -64.10 11.36
N GLY A 661 -2.12 -64.63 10.73
CA GLY A 661 -3.38 -64.90 11.42
C GLY A 661 -4.55 -64.45 10.57
N GLU A 662 -5.64 -64.25 11.26
CA GLU A 662 -6.93 -63.93 10.66
C GLU A 662 -7.61 -62.78 11.32
N THR A 663 -8.46 -62.08 10.55
CA THR A 663 -9.40 -61.11 11.13
C THR A 663 -10.52 -61.84 11.88
N LYS A 664 -11.31 -61.04 12.59
CA LYS A 664 -12.63 -61.54 13.08
C LYS A 664 -13.58 -61.66 11.88
N PRO A 665 -14.69 -62.39 12.03
CA PRO A 665 -15.75 -62.27 11.01
C PRO A 665 -16.32 -60.87 11.05
N ALA A 666 -16.88 -60.41 9.95
CA ALA A 666 -17.43 -59.05 9.88
C ALA A 666 -18.61 -58.92 10.80
N PRO A 667 -18.59 -57.95 11.71
CA PRO A 667 -19.70 -57.81 12.62
C PRO A 667 -20.89 -57.05 12.02
N THR A 668 -22.08 -57.21 12.59
CA THR A 668 -23.22 -56.37 12.28
C THR A 668 -23.77 -55.73 13.58
N TYR A 669 -24.22 -54.49 13.47
CA TYR A 669 -24.68 -53.72 14.57
C TYR A 669 -25.96 -52.99 14.15
N GLY A 670 -27.04 -53.16 14.92
CA GLY A 670 -28.30 -52.50 14.63
C GLY A 670 -29.14 -53.29 13.62
N GLU A 671 -30.43 -53.43 13.89
CA GLU A 671 -31.34 -54.23 13.04
C GLU A 671 -31.63 -53.50 11.75
N ILE A 672 -31.55 -54.19 10.62
CA ILE A 672 -31.82 -53.56 9.34
C ILE A 672 -33.33 -53.26 9.01
N GLY A 673 -34.22 -54.16 9.34
CA GLY A 673 -35.66 -53.89 9.09
C GLY A 673 -35.97 -54.05 7.60
N SER A 674 -37.01 -53.42 7.13
CA SER A 674 -37.43 -53.61 5.74
C SER A 674 -37.90 -52.28 5.18
N ALA A 675 -38.20 -52.26 3.89
CA ALA A 675 -38.52 -51.04 3.14
C ALA A 675 -39.64 -50.23 3.77
N ALA A 676 -40.63 -50.90 4.35
CA ALA A 676 -41.73 -50.21 5.05
C ALA A 676 -41.28 -49.34 6.21
N ASP A 677 -40.09 -49.58 6.77
CA ASP A 677 -39.52 -48.74 7.83
C ASP A 677 -38.88 -47.46 7.30
N TYR A 678 -38.66 -47.36 5.98
CA TYR A 678 -37.80 -46.29 5.44
C TYR A 678 -38.46 -45.45 4.39
N LEU A 679 -39.78 -45.27 4.48
CA LEU A 679 -40.49 -44.33 3.61
C LEU A 679 -40.28 -42.92 4.09
N TYR A 680 -40.44 -41.97 3.21
CA TYR A 680 -40.39 -40.55 3.59
C TYR A 680 -41.48 -40.28 4.62
N PRO A 681 -41.16 -39.72 5.77
CA PRO A 681 -42.24 -39.43 6.75
C PRO A 681 -43.39 -38.58 6.21
N GLU A 682 -44.61 -38.92 6.61
CA GLU A 682 -45.82 -38.13 6.27
C GLU A 682 -45.62 -36.71 6.87
N GLY A 683 -45.94 -35.71 6.07
CA GLY A 683 -45.73 -34.33 6.52
C GLY A 683 -44.37 -33.75 6.42
N LEU A 684 -43.35 -34.52 6.02
CA LEU A 684 -42.08 -33.90 5.68
C LEU A 684 -42.13 -33.18 4.34
N LYS A 685 -41.82 -31.88 4.32
CA LYS A 685 -41.70 -31.10 3.10
C LYS A 685 -40.34 -31.45 2.47
N ARG A 686 -40.31 -32.15 1.34
CA ARG A 686 -39.02 -32.47 0.71
CA ARG A 686 -39.02 -32.47 0.72
C ARG A 686 -38.43 -31.23 0.08
N ILE A 687 -37.20 -30.92 0.43
CA ILE A 687 -36.50 -29.82 -0.22
C ILE A 687 -36.04 -30.25 -1.61
N THR A 688 -36.29 -29.41 -2.58
CA THR A 688 -35.90 -29.70 -4.00
C THR A 688 -34.40 -30.04 -4.08
N LYS A 689 -34.12 -31.20 -4.65
CA LYS A 689 -32.78 -31.70 -4.90
C LYS A 689 -31.94 -32.07 -3.69
N PHE A 690 -32.53 -31.96 -2.48
CA PHE A 690 -31.84 -32.31 -1.26
C PHE A 690 -31.66 -33.84 -1.28
N ILE A 691 -30.52 -34.33 -0.83
CA ILE A 691 -30.27 -35.77 -0.78
C ILE A 691 -30.72 -36.39 0.59
N TYR A 692 -31.70 -37.27 0.49
CA TYR A 692 -32.27 -37.98 1.61
C TYR A 692 -31.95 -39.53 1.54
N PRO A 693 -32.15 -40.25 2.65
CA PRO A 693 -31.96 -41.70 2.69
C PRO A 693 -33.19 -42.59 2.38
N TRP A 694 -34.35 -41.97 2.22
CA TRP A 694 -35.62 -42.60 2.25
C TRP A 694 -36.12 -43.04 0.88
N LEU A 695 -37.15 -43.84 0.89
CA LEU A 695 -37.70 -44.52 -0.31
C LEU A 695 -39.07 -43.94 -0.67
N ASN A 696 -39.26 -43.71 -1.96
CA ASN A 696 -40.56 -43.27 -2.46
C ASN A 696 -41.61 -44.34 -2.25
N SER A 697 -41.23 -45.61 -2.29
CA SER A 697 -42.18 -46.69 -2.06
C SER A 697 -41.47 -47.97 -1.62
N THR A 698 -42.21 -49.01 -1.22
CA THR A 698 -41.58 -50.25 -0.84
C THR A 698 -41.07 -51.02 -2.05
N ASP A 699 -41.38 -50.56 -3.26
CA ASP A 699 -40.80 -51.18 -4.47
C ASP A 699 -39.37 -50.66 -4.62
N LEU A 700 -38.40 -51.54 -4.36
CA LEU A 700 -36.97 -51.11 -4.32
C LEU A 700 -36.46 -50.69 -5.71
N GLU A 701 -36.80 -51.49 -6.73
CA GLU A 701 -36.42 -51.13 -8.06
C GLU A 701 -36.93 -49.74 -8.51
N ASP A 702 -38.18 -49.39 -8.20
CA ASP A 702 -38.75 -48.09 -8.55
C ASP A 702 -38.14 -46.97 -7.70
N SER A 703 -37.80 -47.24 -6.44
CA SER A 703 -37.21 -46.19 -5.57
C SER A 703 -35.77 -45.85 -5.97
N SER A 704 -35.03 -46.86 -6.44
CA SER A 704 -33.70 -46.66 -6.96
C SER A 704 -33.72 -46.02 -8.35
N ASP A 705 -34.46 -46.67 -9.27
CA ASP A 705 -34.57 -46.24 -10.63
C ASP A 705 -33.24 -46.37 -11.42
N ASP A 706 -32.30 -47.17 -10.95
CA ASP A 706 -31.05 -47.35 -11.71
C ASP A 706 -31.45 -47.99 -13.05
N PRO A 707 -30.94 -47.50 -14.18
CA PRO A 707 -31.30 -48.05 -15.47
C PRO A 707 -30.86 -49.48 -15.72
N ASN A 708 -29.88 -49.96 -14.92
CA ASN A 708 -29.41 -51.37 -14.96
C ASN A 708 -29.70 -52.18 -13.71
N TYR A 709 -30.72 -51.73 -12.97
CA TYR A 709 -31.07 -52.33 -11.70
C TYR A 709 -31.25 -53.84 -11.77
N GLY A 710 -30.61 -54.56 -10.86
CA GLY A 710 -31.00 -55.90 -10.56
C GLY A 710 -30.27 -56.99 -11.25
N TRP A 711 -29.08 -56.73 -11.76
CA TRP A 711 -28.28 -57.81 -12.34
C TRP A 711 -27.84 -58.89 -11.33
N GLU A 712 -27.57 -60.10 -11.80
N GLU A 712 -27.56 -60.10 -11.81
CA GLU A 712 -26.83 -61.08 -11.01
CA GLU A 712 -26.81 -61.11 -11.04
C GLU A 712 -25.49 -60.47 -10.55
C GLU A 712 -25.49 -60.49 -10.56
N ASP A 713 -25.14 -60.70 -9.29
CA ASP A 713 -23.95 -60.08 -8.68
C ASP A 713 -22.67 -60.27 -9.52
N SER A 714 -22.46 -61.50 -10.00
CA SER A 714 -21.23 -61.80 -10.70
C SER A 714 -21.12 -61.09 -12.07
N GLU A 715 -22.20 -60.51 -12.61
CA GLU A 715 -22.09 -59.70 -13.84
C GLU A 715 -21.37 -58.38 -13.62
N TYR A 716 -21.30 -57.89 -12.38
CA TYR A 716 -20.74 -56.51 -12.19
C TYR A 716 -20.02 -56.28 -10.84
N ILE A 717 -19.88 -57.32 -10.01
CA ILE A 717 -19.25 -57.22 -8.70
C ILE A 717 -18.10 -58.28 -8.64
N PRO A 718 -16.87 -57.89 -8.26
CA PRO A 718 -15.81 -58.89 -8.20
C PRO A 718 -16.00 -59.90 -7.07
N GLU A 719 -15.37 -61.05 -7.24
CA GLU A 719 -15.47 -62.16 -6.28
C GLU A 719 -14.87 -61.73 -4.95
N GLY A 720 -15.51 -62.17 -3.87
CA GLY A 720 -15.07 -61.83 -2.51
C GLY A 720 -15.61 -60.51 -1.97
N ALA A 721 -16.21 -59.67 -2.83
CA ALA A 721 -16.68 -58.29 -2.41
C ALA A 721 -17.80 -58.32 -1.39
N ARG A 722 -18.51 -59.45 -1.28
CA ARG A 722 -19.54 -59.63 -0.28
C ARG A 722 -19.22 -60.62 0.85
N ASP A 723 -17.96 -61.05 0.94
CA ASP A 723 -17.56 -62.15 1.85
C ASP A 723 -17.21 -61.55 3.22
N GLY A 724 -18.06 -61.77 4.19
CA GLY A 724 -17.82 -61.31 5.57
C GLY A 724 -17.15 -62.34 6.47
N SER A 725 -16.60 -63.42 5.91
CA SER A 725 -15.90 -64.36 6.72
C SER A 725 -14.48 -63.85 7.12
N PRO A 726 -13.84 -64.52 8.09
CA PRO A 726 -12.46 -64.13 8.47
C PRO A 726 -11.49 -64.15 7.32
N GLN A 727 -10.63 -63.16 7.30
CA GLN A 727 -9.68 -62.95 6.20
C GLN A 727 -8.24 -63.06 6.70
N PRO A 728 -7.34 -63.50 5.84
CA PRO A 728 -5.93 -63.51 6.28
C PRO A 728 -5.35 -62.09 6.50
N LEU A 729 -4.55 -61.93 7.54
CA LEU A 729 -3.82 -60.68 7.84
C LEU A 729 -2.61 -60.56 6.91
N LEU A 730 -2.38 -59.37 6.39
CA LEU A 730 -1.22 -59.15 5.54
C LEU A 730 0.09 -59.05 6.37
N LYS A 731 1.20 -59.59 5.83
CA LYS A 731 2.44 -59.65 6.56
C LYS A 731 2.91 -58.24 6.92
N ALA A 732 2.75 -57.28 6.01
CA ALA A 732 3.26 -55.91 6.27
C ALA A 732 2.24 -55.04 7.04
N GLY A 733 1.10 -55.64 7.40
CA GLY A 733 0.12 -54.98 8.26
C GLY A 733 0.34 -55.31 9.69
N GLY A 734 -0.63 -54.92 10.50
CA GLY A 734 -0.69 -55.25 11.92
C GLY A 734 -1.03 -54.16 12.92
N ALA A 735 -0.96 -52.90 12.56
CA ALA A 735 -1.31 -51.77 13.45
C ALA A 735 -1.43 -50.54 12.51
N PRO A 736 -2.01 -49.44 13.00
CA PRO A 736 -2.07 -48.25 12.15
C PRO A 736 -0.69 -47.76 11.75
N GLY A 737 -0.45 -47.65 10.43
CA GLY A 737 0.86 -47.28 9.93
C GLY A 737 1.68 -48.46 9.47
N GLY A 738 1.09 -49.66 9.61
CA GLY A 738 1.74 -50.95 9.21
C GLY A 738 2.27 -51.74 10.37
N ASN A 739 2.86 -52.90 10.04
CA ASN A 739 3.42 -53.80 11.04
C ASN A 739 4.22 -53.03 12.11
N PRO A 740 3.89 -53.21 13.39
CA PRO A 740 4.56 -52.37 14.41
C PRO A 740 6.07 -52.63 14.57
N THR A 741 6.54 -53.82 14.14
CA THR A 741 7.94 -54.11 14.15
C THR A 741 8.74 -53.28 13.10
N LEU A 742 8.07 -52.62 12.14
CA LEU A 742 8.72 -51.63 11.33
C LEU A 742 9.30 -50.47 12.13
N TYR A 743 8.76 -50.18 13.30
CA TYR A 743 9.11 -48.97 14.05
C TYR A 743 10.09 -49.22 15.16
N GLN A 744 10.64 -50.42 15.21
CA GLN A 744 11.70 -50.73 16.19
C GLN A 744 13.00 -50.03 15.77
N ASP A 745 13.69 -49.47 16.78
CA ASP A 745 14.92 -48.74 16.54
C ASP A 745 16.06 -49.76 16.36
N LEU A 746 16.86 -49.58 15.33
CA LEU A 746 17.98 -50.49 15.04
C LEU A 746 19.37 -49.86 15.16
N VAL A 747 19.49 -48.54 14.92
CA VAL A 747 20.77 -47.86 14.95
C VAL A 747 20.60 -46.49 15.57
N ARG A 748 21.53 -46.09 16.43
CA ARG A 748 21.60 -44.74 17.01
C ARG A 748 22.74 -44.00 16.37
N VAL A 749 22.51 -42.74 16.05
CA VAL A 749 23.45 -41.88 15.33
C VAL A 749 23.51 -40.55 16.05
N SER A 750 24.73 -40.08 16.33
CA SER A 750 25.00 -38.77 16.94
C SER A 750 25.95 -37.98 16.08
N ALA A 751 25.74 -36.66 16.04
CA ALA A 751 26.63 -35.72 15.40
C ALA A 751 26.62 -34.45 16.21
N THR A 752 27.77 -33.83 16.31
CA THR A 752 27.90 -32.57 17.04
C THR A 752 27.76 -31.39 16.07
N ILE A 753 26.88 -30.44 16.42
CA ILE A 753 26.63 -29.25 15.63
C ILE A 753 27.10 -28.06 16.44
N THR A 754 27.91 -27.21 15.84
CA THR A 754 28.50 -26.03 16.52
C THR A 754 28.17 -24.76 15.77
N ASN A 755 27.80 -23.70 16.47
CA ASN A 755 27.61 -22.38 15.83
C ASN A 755 29.04 -21.80 15.79
N THR A 756 29.62 -21.77 14.60
CA THR A 756 30.98 -21.36 14.38
C THR A 756 31.04 -19.86 13.97
N GLY A 757 29.93 -19.13 14.04
CA GLY A 757 29.90 -17.71 13.68
C GLY A 757 29.60 -16.82 14.88
N ASN A 758 29.10 -15.62 14.62
CA ASN A 758 28.97 -14.58 15.64
C ASN A 758 27.57 -14.21 15.98
N VAL A 759 26.56 -14.87 15.40
CA VAL A 759 25.17 -14.51 15.63
C VAL A 759 24.42 -15.77 16.07
N ALA A 760 23.56 -15.65 17.10
CA ALA A 760 22.71 -16.80 17.47
C ALA A 760 21.80 -17.18 16.33
N GLY A 761 21.48 -18.47 16.22
CA GLY A 761 20.43 -18.85 15.33
C GLY A 761 20.15 -20.34 15.29
N TYR A 762 19.09 -20.69 14.60
CA TYR A 762 18.75 -22.09 14.35
C TYR A 762 19.50 -22.67 13.13
N GLU A 763 19.91 -23.92 13.26
CA GLU A 763 20.41 -24.75 12.14
C GLU A 763 19.43 -25.91 11.91
N VAL A 764 19.32 -26.38 10.67
CA VAL A 764 18.61 -27.55 10.32
C VAL A 764 19.59 -28.66 9.91
N PRO A 765 20.13 -29.42 10.86
CA PRO A 765 20.90 -30.58 10.45
C PRO A 765 20.00 -31.69 9.81
N GLN A 766 20.63 -32.47 8.89
CA GLN A 766 19.93 -33.42 8.09
C GLN A 766 20.74 -34.69 8.09
N LEU A 767 20.04 -35.82 8.13
CA LEU A 767 20.66 -37.12 8.09
C LEU A 767 20.06 -37.90 6.90
N TYR A 768 20.92 -38.41 6.02
CA TYR A 768 20.51 -39.07 4.82
C TYR A 768 21.10 -40.46 4.90
N VAL A 769 20.46 -41.45 4.27
CA VAL A 769 21.06 -42.79 4.18
C VAL A 769 21.24 -43.19 2.74
N SER A 770 22.19 -44.12 2.48
CA SER A 770 22.36 -44.79 1.20
C SER A 770 22.01 -46.27 1.43
N LEU A 771 20.91 -46.74 0.88
CA LEU A 771 20.42 -48.08 1.19
C LEU A 771 21.17 -49.16 0.37
N GLY A 772 21.84 -48.75 -0.69
CA GLY A 772 22.70 -49.61 -1.49
C GLY A 772 21.92 -50.37 -2.53
N GLY A 773 22.65 -50.90 -3.48
CA GLY A 773 22.04 -51.68 -4.56
C GLY A 773 21.82 -50.91 -5.85
N PRO A 774 21.65 -51.66 -6.98
CA PRO A 774 21.45 -51.04 -8.25
C PRO A 774 20.07 -50.37 -8.24
N ASN A 775 19.95 -49.31 -8.99
CA ASN A 775 18.76 -48.53 -8.83
C ASN A 775 18.15 -48.00 -7.45
N GLU A 776 18.91 -47.96 -6.37
N GLU A 776 18.92 -47.95 -6.38
CA GLU A 776 18.52 -47.18 -5.19
CA GLU A 776 18.52 -47.21 -5.20
C GLU A 776 19.12 -45.81 -5.30
C GLU A 776 19.12 -45.83 -5.29
N PRO A 777 18.41 -44.79 -4.82
CA PRO A 777 19.00 -43.47 -4.86
C PRO A 777 20.27 -43.40 -4.02
N ARG A 778 21.19 -42.55 -4.44
CA ARG A 778 22.47 -42.39 -3.80
C ARG A 778 22.26 -41.99 -2.32
N VAL A 779 21.42 -41.01 -2.10
CA VAL A 779 21.04 -40.59 -0.74
C VAL A 779 19.52 -40.31 -0.64
N VAL A 780 18.92 -40.67 0.49
CA VAL A 780 17.51 -40.31 0.77
C VAL A 780 17.47 -39.75 2.19
N LEU A 781 16.72 -38.67 2.37
CA LEU A 781 16.54 -38.03 3.68
C LEU A 781 15.85 -39.00 4.65
N ARG A 782 16.32 -39.06 5.88
CA ARG A 782 15.70 -39.89 6.95
C ARG A 782 15.42 -39.17 8.24
N LYS A 783 16.27 -38.19 8.63
CA LYS A 783 16.06 -37.45 9.90
C LYS A 783 16.43 -35.99 9.76
N PHE A 784 15.78 -35.16 10.55
CA PHE A 784 16.11 -33.74 10.59
C PHE A 784 15.56 -33.15 11.89
N ASP A 785 16.04 -31.95 12.25
CA ASP A 785 15.52 -31.23 13.40
C ASP A 785 15.90 -29.76 13.21
N ARG A 786 15.30 -28.87 14.00
CA ARG A 786 15.75 -27.48 13.96
C ARG A 786 16.23 -27.16 15.36
N ILE A 787 17.47 -26.76 15.51
CA ILE A 787 18.14 -26.65 16.79
C ILE A 787 18.75 -25.26 16.96
N PHE A 788 18.51 -24.65 18.08
CA PHE A 788 18.99 -23.33 18.38
C PHE A 788 20.36 -23.33 19.03
N LEU A 789 21.26 -22.50 18.50
CA LEU A 789 22.63 -22.40 19.05
C LEU A 789 23.11 -20.95 19.14
N ALA A 790 23.52 -20.59 20.34
CA ALA A 790 24.24 -19.32 20.58
C ALA A 790 25.64 -19.37 19.94
N PRO A 791 26.30 -18.20 19.74
CA PRO A 791 27.60 -18.23 19.15
C PRO A 791 28.56 -19.08 19.96
N GLY A 792 29.23 -19.99 19.30
CA GLY A 792 30.16 -20.89 19.95
C GLY A 792 29.57 -22.11 20.63
N GLU A 793 28.27 -22.18 20.77
CA GLU A 793 27.64 -23.29 21.45
C GLU A 793 27.66 -24.57 20.58
N GLN A 794 27.73 -25.72 21.25
CA GLN A 794 27.68 -27.04 20.59
C GLN A 794 26.53 -27.82 21.16
N LYS A 795 25.86 -28.64 20.35
CA LYS A 795 24.88 -29.59 20.85
C LYS A 795 25.13 -30.92 20.16
N VAL A 796 24.86 -32.01 20.86
CA VAL A 796 24.95 -33.34 20.30
C VAL A 796 23.55 -33.72 19.82
N TRP A 797 23.38 -33.86 18.50
CA TRP A 797 22.14 -34.27 17.90
C TRP A 797 22.12 -35.77 17.77
N THR A 798 21.21 -36.46 18.48
CA THR A 798 21.10 -37.91 18.41
C THR A 798 19.74 -38.37 17.91
N THR A 799 19.75 -39.29 16.96
CA THR A 799 18.54 -39.80 16.36
C THR A 799 18.67 -41.31 16.21
N THR A 800 17.56 -41.97 15.90
CA THR A 800 17.61 -43.39 15.71
C THR A 800 17.01 -43.67 14.34
N LEU A 801 17.58 -44.68 13.70
CA LEU A 801 17.05 -45.22 12.48
C LEU A 801 16.29 -46.52 12.83
N ASN A 802 15.04 -46.59 12.40
CA ASN A 802 14.26 -47.79 12.63
C ASN A 802 14.28 -48.74 11.44
N ARG A 803 13.60 -49.86 11.55
CA ARG A 803 13.61 -50.85 10.52
C ARG A 803 13.08 -50.32 9.20
N ARG A 804 11.96 -49.60 9.25
CA ARG A 804 11.40 -49.07 8.05
C ARG A 804 12.33 -48.05 7.38
N ASP A 805 13.05 -47.23 8.18
CA ASP A 805 14.06 -46.31 7.67
C ASP A 805 15.14 -46.98 6.76
N LEU A 806 15.43 -48.24 7.01
CA LEU A 806 16.53 -48.95 6.31
C LEU A 806 16.04 -50.00 5.35
N ALA A 807 14.75 -50.12 5.20
CA ALA A 807 14.15 -51.21 4.39
C ALA A 807 13.82 -50.78 2.97
N ASN A 808 13.64 -51.77 2.16
CA ASN A 808 13.06 -51.58 0.83
C ASN A 808 11.81 -52.46 0.70
N TRP A 809 10.89 -52.06 -0.17
CA TRP A 809 9.65 -52.85 -0.44
C TRP A 809 10.02 -53.95 -1.40
N ASP A 810 9.87 -55.17 -0.94
CA ASP A 810 10.19 -56.39 -1.71
C ASP A 810 8.87 -56.96 -2.29
N VAL A 811 8.70 -56.76 -3.55
CA VAL A 811 7.51 -57.07 -4.30
C VAL A 811 7.24 -58.58 -4.35
N GLU A 812 8.27 -59.39 -4.33
CA GLU A 812 8.09 -60.84 -4.33
C GLU A 812 7.61 -61.36 -3.02
N ALA A 813 8.12 -60.80 -1.93
CA ALA A 813 7.67 -61.17 -0.62
C ALA A 813 6.36 -60.46 -0.18
N GLN A 814 5.99 -59.36 -0.80
CA GLN A 814 4.96 -58.43 -0.31
C GLN A 814 5.23 -58.03 1.11
N ASP A 815 6.43 -57.52 1.31
CA ASP A 815 6.88 -57.12 2.66
C ASP A 815 8.07 -56.16 2.59
N TRP A 816 8.31 -55.45 3.68
CA TRP A 816 9.49 -54.61 3.83
C TRP A 816 10.64 -55.52 4.27
N VAL A 817 11.77 -55.43 3.59
CA VAL A 817 12.97 -56.24 3.84
C VAL A 817 14.20 -55.29 3.83
N ILE A 818 15.08 -55.36 4.82
CA ILE A 818 16.35 -54.70 4.79
C ILE A 818 17.27 -55.53 3.93
N THR A 819 17.75 -54.96 2.83
CA THR A 819 18.49 -55.80 1.84
C THR A 819 19.93 -56.03 2.33
N LYS A 820 20.59 -56.98 1.69
CA LYS A 820 21.97 -57.35 1.98
C LYS A 820 23.04 -56.33 1.47
N TYR A 821 22.63 -55.35 0.68
CA TYR A 821 23.57 -54.35 0.21
C TYR A 821 24.08 -53.53 1.42
N PRO A 822 25.39 -53.21 1.44
CA PRO A 822 26.00 -52.33 2.41
C PRO A 822 25.39 -50.92 2.40
N LYS A 823 25.14 -50.36 3.57
CA LYS A 823 24.49 -49.02 3.70
C LYS A 823 25.41 -48.02 4.36
N LYS A 824 25.12 -46.72 4.15
CA LYS A 824 25.90 -45.62 4.73
C LYS A 824 24.95 -44.56 5.25
N VAL A 825 25.42 -43.84 6.26
CA VAL A 825 24.75 -42.71 6.80
C VAL A 825 25.60 -41.47 6.59
N HIS A 826 24.91 -40.33 6.39
CA HIS A 826 25.53 -39.05 6.03
C HIS A 826 24.82 -37.99 6.85
N VAL A 827 25.57 -37.04 7.45
CA VAL A 827 24.98 -35.97 8.19
C VAL A 827 25.60 -34.66 7.68
N GLY A 828 24.77 -33.63 7.59
CA GLY A 828 25.24 -32.33 7.14
C GLY A 828 24.10 -31.30 7.02
N SER A 829 24.35 -30.24 6.21
CA SER A 829 23.51 -29.11 6.10
C SER A 829 22.60 -29.04 4.87
N SER A 830 22.74 -30.00 3.95
CA SER A 830 21.88 -30.13 2.77
C SER A 830 22.11 -31.51 2.16
N SER A 831 21.34 -31.81 1.09
CA SER A 831 21.48 -33.05 0.39
C SER A 831 22.83 -33.19 -0.32
N ARG A 832 23.53 -32.10 -0.52
CA ARG A 832 24.83 -32.15 -1.16
C ARG A 832 26.00 -31.80 -0.20
N LYS A 833 25.77 -31.11 0.90
CA LYS A 833 26.83 -30.77 1.85
C LYS A 833 26.73 -31.70 3.03
N LEU A 834 27.46 -32.82 2.90
CA LEU A 834 27.38 -33.90 3.83
C LEU A 834 28.77 -34.26 4.30
N PRO A 835 29.37 -33.41 5.17
CA PRO A 835 30.79 -33.71 5.56
C PRO A 835 30.93 -34.91 6.51
N LEU A 836 29.87 -35.42 7.17
CA LEU A 836 30.02 -36.57 8.06
C LEU A 836 29.47 -37.78 7.33
N ARG A 837 30.21 -38.87 7.33
N ARG A 837 30.20 -38.87 7.31
CA ARG A 837 29.73 -40.10 6.71
CA ARG A 837 29.67 -40.11 6.74
C ARG A 837 30.34 -41.32 7.37
C ARG A 837 30.33 -41.31 7.36
N ALA A 838 29.61 -42.43 7.37
CA ALA A 838 30.12 -43.66 7.92
C ALA A 838 29.32 -44.85 7.45
N PRO A 839 29.96 -46.05 7.45
CA PRO A 839 29.13 -47.25 7.14
C PRO A 839 28.10 -47.48 8.29
N LEU A 840 26.94 -48.01 7.95
CA LEU A 840 26.02 -48.48 8.94
C LEU A 840 26.39 -49.92 9.27
N PRO A 841 26.23 -50.28 10.51
CA PRO A 841 26.35 -51.68 10.86
C PRO A 841 25.22 -52.53 10.24
N ARG A 842 25.53 -53.82 10.03
CA ARG A 842 24.57 -54.74 9.46
C ARG A 842 23.48 -55.03 10.47
N VAL A 843 22.24 -54.67 10.12
CA VAL A 843 21.06 -54.95 10.96
C VAL A 843 19.97 -55.42 10.00
N TYR A 844 19.03 -56.26 10.47
CA TYR A 844 17.85 -56.77 9.69
C TYR A 844 16.51 -56.61 10.43
N GLU B 2 -12.05 52.45 -23.26
CA GLU B 2 -11.00 51.72 -23.99
C GLU B 2 -10.12 50.92 -23.05
N LEU B 3 -8.95 50.42 -23.47
CA LEU B 3 -8.12 49.49 -22.64
C LEU B 3 -7.61 50.05 -21.29
N ALA B 4 -7.67 49.25 -20.21
CA ALA B 4 -7.08 49.62 -18.91
C ALA B 4 -5.64 50.12 -19.05
N PHE B 5 -5.30 51.12 -18.27
CA PHE B 5 -4.06 51.81 -18.41
C PHE B 5 -3.40 51.88 -17.02
N SER B 6 -2.07 51.76 -16.99
CA SER B 6 -1.30 51.83 -15.75
C SER B 6 -0.43 53.09 -15.74
N PRO B 7 -0.84 54.15 -15.01
CA PRO B 7 -0.06 55.40 -15.11
C PRO B 7 1.34 55.31 -14.53
N PRO B 8 2.24 56.22 -14.97
CA PRO B 8 3.60 56.20 -14.47
C PRO B 8 3.72 56.66 -13.02
N PHE B 9 4.58 56.02 -12.25
CA PHE B 9 5.00 56.60 -10.94
C PHE B 9 6.53 56.42 -10.84
N TYR B 10 7.23 57.54 -10.83
CA TYR B 10 8.68 57.59 -10.91
C TYR B 10 9.19 58.77 -10.11
N PRO B 11 10.40 58.74 -9.58
CA PRO B 11 11.35 57.66 -9.69
C PRO B 11 11.05 56.45 -8.78
N SER B 12 11.79 55.37 -9.06
CA SER B 12 11.84 54.18 -8.21
C SER B 12 12.46 54.51 -6.85
N PRO B 13 11.67 54.46 -5.78
CA PRO B 13 12.16 54.88 -4.46
C PRO B 13 13.40 54.11 -3.98
N TRP B 14 14.33 54.85 -3.37
CA TRP B 14 15.57 54.29 -2.89
C TRP B 14 15.40 53.95 -1.45
N ALA B 15 16.11 52.92 -1.01
CA ALA B 15 16.08 52.47 0.37
C ALA B 15 16.51 53.55 1.37
N ASP B 16 15.96 53.55 2.56
CA ASP B 16 16.20 54.67 3.52
C ASP B 16 16.86 54.21 4.82
N GLY B 17 17.08 52.93 5.01
CA GLY B 17 17.62 52.43 6.23
C GLY B 17 16.96 52.82 7.56
N GLN B 18 15.65 52.94 7.57
CA GLN B 18 14.96 53.43 8.78
C GLN B 18 14.49 52.26 9.59
N GLY B 19 14.40 52.49 10.90
CA GLY B 19 13.70 51.54 11.81
C GLY B 19 14.43 50.25 11.94
N GLU B 20 13.72 49.15 11.80
CA GLU B 20 14.38 47.84 12.07
C GLU B 20 15.38 47.50 10.96
N TRP B 21 15.36 48.24 9.88
CA TRP B 21 16.23 47.97 8.72
C TRP B 21 17.59 48.69 8.82
N ALA B 22 17.78 49.56 9.81
CA ALA B 22 18.99 50.40 9.92
C ALA B 22 20.35 49.59 9.88
N ASP B 23 20.45 48.51 10.68
CA ASP B 23 21.67 47.75 10.79
C ASP B 23 21.97 47.04 9.48
N ALA B 24 20.99 46.39 8.91
CA ALA B 24 21.25 45.61 7.67
C ALA B 24 21.53 46.54 6.48
N HIS B 25 20.79 47.65 6.37
CA HIS B 25 21.05 48.64 5.35
C HIS B 25 22.43 49.24 5.50
N ARG B 26 22.86 49.50 6.74
CA ARG B 26 24.18 50.04 6.95
C ARG B 26 25.30 49.05 6.44
N ARG B 27 25.17 47.79 6.76
CA ARG B 27 26.12 46.80 6.26
C ARG B 27 26.02 46.73 4.75
N ALA B 28 24.82 46.82 4.19
CA ALA B 28 24.71 46.81 2.74
C ALA B 28 25.41 47.99 2.07
N VAL B 29 25.24 49.18 2.64
CA VAL B 29 25.94 50.30 2.12
C VAL B 29 27.45 50.09 2.23
N GLU B 30 27.93 49.59 3.34
CA GLU B 30 29.37 49.38 3.58
C GLU B 30 29.99 48.49 2.48
N ILE B 31 29.31 47.41 2.16
CA ILE B 31 29.81 46.50 1.13
C ILE B 31 29.62 47.01 -0.33
N VAL B 32 28.48 47.63 -0.61
CA VAL B 32 28.22 48.08 -1.94
C VAL B 32 29.15 49.29 -2.30
N SER B 33 29.51 50.12 -1.33
CA SER B 33 30.45 51.18 -1.50
C SER B 33 31.86 50.69 -1.94
N GLN B 34 32.17 49.44 -1.69
CA GLN B 34 33.38 48.81 -2.15
C GLN B 34 33.32 48.11 -3.52
N MET B 35 32.12 48.00 -4.10
CA MET B 35 31.91 47.22 -5.31
C MET B 35 32.14 48.02 -6.57
N THR B 36 32.68 47.36 -7.58
CA THR B 36 32.71 47.91 -8.91
C THR B 36 31.35 47.69 -9.59
N LEU B 37 31.17 48.28 -10.77
CA LEU B 37 29.91 48.12 -11.50
C LEU B 37 29.62 46.69 -11.89
N ALA B 38 30.64 45.96 -12.32
CA ALA B 38 30.38 44.56 -12.72
C ALA B 38 30.00 43.71 -11.55
N GLU B 39 30.53 44.07 -10.37
CA GLU B 39 30.18 43.35 -9.16
C GLU B 39 28.74 43.57 -8.78
N LYS B 40 28.31 44.85 -8.85
CA LYS B 40 26.92 45.21 -8.60
C LYS B 40 25.98 44.46 -9.58
N VAL B 41 26.33 44.47 -10.86
CA VAL B 41 25.50 43.88 -11.90
C VAL B 41 25.40 42.38 -11.64
N ASN B 42 26.49 41.78 -11.17
CA ASN B 42 26.45 40.34 -10.87
C ASN B 42 25.38 40.00 -9.84
N LEU B 43 25.19 40.85 -8.81
CA LEU B 43 24.16 40.57 -7.80
C LEU B 43 22.74 40.65 -8.40
N THR B 44 22.54 41.54 -9.34
CA THR B 44 21.23 41.79 -9.91
C THR B 44 20.77 40.75 -10.95
N THR B 45 21.70 39.92 -11.43
CA THR B 45 21.44 39.13 -12.65
C THR B 45 21.83 37.66 -12.45
N GLY B 46 20.88 36.77 -12.63
CA GLY B 46 21.11 35.38 -12.57
C GLY B 46 22.07 34.92 -13.68
N THR B 47 22.70 33.74 -13.54
CA THR B 47 23.75 33.37 -14.46
C THR B 47 23.22 32.52 -15.61
N GLY B 48 21.91 32.26 -15.66
CA GLY B 48 21.32 31.51 -16.78
C GLY B 48 20.70 30.19 -16.31
N TRP B 49 19.68 29.74 -17.01
CA TRP B 49 18.93 28.58 -16.59
C TRP B 49 19.80 27.35 -16.58
N GLU B 50 19.74 26.65 -15.45
CA GLU B 50 20.51 25.45 -15.19
C GLU B 50 22.03 25.58 -15.33
N MET B 51 22.56 26.75 -15.06
CA MET B 51 24.01 26.99 -15.15
C MET B 51 24.74 26.72 -13.81
N ASP B 52 24.01 26.59 -12.70
CA ASP B 52 24.60 26.36 -11.38
C ASP B 52 23.71 25.31 -10.67
N ARG B 53 23.71 25.27 -9.35
CA ARG B 53 22.99 24.24 -8.60
C ARG B 53 21.50 24.50 -8.39
N CYS B 54 21.17 25.78 -8.21
CA CYS B 54 19.85 26.18 -7.78
C CYS B 54 18.98 26.66 -8.95
N VAL B 55 17.65 26.67 -8.74
CA VAL B 55 16.67 27.10 -9.71
C VAL B 55 17.00 28.53 -10.18
N GLY B 56 17.52 29.34 -9.27
CA GLY B 56 18.07 30.64 -9.57
C GLY B 56 19.35 30.86 -8.84
N GLN B 57 20.33 31.46 -9.51
CA GLN B 57 21.57 31.79 -8.89
C GLN B 57 22.21 33.03 -9.50
N THR B 58 22.57 34.00 -8.66
CA THR B 58 23.16 35.27 -9.14
C THR B 58 24.65 35.06 -9.49
N GLY B 59 25.23 36.09 -10.08
CA GLY B 59 26.67 36.18 -10.14
C GLY B 59 27.29 36.29 -8.72
N SER B 60 28.58 36.08 -8.66
CA SER B 60 29.30 36.18 -7.40
C SER B 60 30.13 37.48 -7.28
N VAL B 61 30.62 37.77 -6.07
CA VAL B 61 31.52 38.90 -5.83
C VAL B 61 32.67 38.35 -4.98
N PRO B 62 33.49 37.47 -5.60
CA PRO B 62 34.51 36.78 -4.81
C PRO B 62 35.58 37.72 -4.23
N ARG B 63 35.85 38.86 -4.88
CA ARG B 63 36.84 39.81 -4.31
C ARG B 63 36.39 40.27 -2.93
N LEU B 64 35.08 40.37 -2.65
CA LEU B 64 34.59 40.85 -1.35
C LEU B 64 33.99 39.76 -0.50
N GLY B 65 34.31 38.52 -0.78
CA GLY B 65 33.88 37.44 0.11
C GLY B 65 32.49 36.88 -0.19
N ILE B 66 31.86 37.22 -1.34
CA ILE B 66 30.62 36.53 -1.79
C ILE B 66 31.03 35.50 -2.79
N ASN B 67 31.39 34.35 -2.27
CA ASN B 67 32.23 33.44 -3.04
C ASN B 67 31.51 32.54 -3.95
N TRP B 68 30.21 32.47 -3.82
CA TRP B 68 29.37 31.81 -4.83
C TRP B 68 28.10 32.66 -4.87
N GLY B 69 27.35 32.53 -5.96
CA GLY B 69 26.20 33.40 -6.17
C GLY B 69 25.07 33.13 -5.17
N LEU B 70 24.20 34.09 -5.02
CA LEU B 70 23.04 33.93 -4.12
C LEU B 70 22.10 32.87 -4.75
N CYS B 71 21.79 31.87 -3.97
CA CYS B 71 21.01 30.68 -4.43
C CYS B 71 19.54 30.80 -4.03
N GLY B 72 18.64 30.82 -5.01
CA GLY B 72 17.20 30.83 -4.81
C GLY B 72 16.58 29.51 -5.20
N GLN B 73 15.71 28.99 -4.35
CA GLN B 73 15.14 27.64 -4.62
C GLN B 73 13.67 27.65 -4.24
N ASP B 74 12.85 27.05 -5.07
CA ASP B 74 11.47 26.66 -4.70
C ASP B 74 11.49 25.61 -3.58
N SER B 75 10.41 25.33 -2.84
CA SER B 75 9.07 25.83 -2.95
C SER B 75 8.53 26.24 -1.62
N PRO B 76 7.32 26.86 -1.62
CA PRO B 76 6.61 27.21 -0.40
C PRO B 76 6.20 26.03 0.54
N LEU B 77 6.40 24.77 0.14
CA LEU B 77 6.10 23.67 0.99
C LEU B 77 7.22 22.67 1.14
N GLY B 78 8.43 23.09 0.80
CA GLY B 78 9.61 22.23 0.95
C GLY B 78 10.57 22.44 -0.21
N ILE B 79 11.80 22.05 0.00
CA ILE B 79 12.80 22.24 -1.02
C ILE B 79 12.57 21.37 -2.28
N ARG B 80 12.56 22.03 -3.42
CA ARG B 80 12.31 21.40 -4.71
C ARG B 80 13.58 20.80 -5.30
N PHE B 81 13.42 19.79 -6.13
CA PHE B 81 14.52 19.28 -6.92
C PHE B 81 15.74 18.89 -6.01
N SER B 82 15.45 18.34 -4.84
CA SER B 82 16.49 17.91 -3.99
C SER B 82 16.29 16.45 -3.51
N ASP B 83 16.93 16.12 -2.41
CA ASP B 83 16.83 14.81 -1.73
C ASP B 83 17.03 14.92 -0.24
N LEU B 84 16.60 13.87 0.46
CA LEU B 84 16.77 13.78 1.90
C LEU B 84 16.20 15.01 2.63
N ASN B 85 15.01 15.42 2.17
CA ASN B 85 14.28 16.59 2.61
C ASN B 85 12.85 16.21 2.94
N SER B 86 12.09 17.13 3.53
CA SER B 86 10.74 16.82 3.95
C SER B 86 9.80 17.48 2.96
N ALA B 87 8.56 16.97 2.95
CA ALA B 87 7.48 17.48 2.15
C ALA B 87 6.31 17.89 3.05
N PHE B 88 6.11 19.21 3.17
CA PHE B 88 5.25 19.80 4.15
C PHE B 88 3.83 19.94 3.58
N PRO B 89 2.82 20.02 4.46
CA PRO B 89 1.52 20.36 3.96
C PRO B 89 1.45 21.66 3.18
N ALA B 90 0.56 21.72 2.20
CA ALA B 90 0.41 22.92 1.37
C ALA B 90 -0.09 24.11 2.17
N GLY B 91 0.10 25.27 1.58
CA GLY B 91 -0.40 26.51 2.13
C GLY B 91 -1.89 26.48 2.51
N THR B 92 -2.71 25.89 1.64
CA THR B 92 -4.15 25.81 1.94
C THR B 92 -4.43 25.00 3.23
N ASN B 93 -3.61 23.96 3.52
CA ASN B 93 -3.65 23.28 4.79
C ASN B 93 -3.29 24.16 6.00
N VAL B 94 -2.27 24.96 5.80
CA VAL B 94 -1.89 25.88 6.87
C VAL B 94 -3.07 26.81 7.19
N ALA B 95 -3.72 27.35 6.16
CA ALA B 95 -4.87 28.23 6.38
C ALA B 95 -5.98 27.51 7.15
N ALA B 96 -6.19 26.22 6.82
CA ALA B 96 -7.23 25.43 7.46
C ALA B 96 -6.96 25.19 8.96
N THR B 97 -5.71 25.30 9.40
CA THR B 97 -5.41 25.21 10.80
C THR B 97 -5.89 26.40 11.60
N TRP B 98 -5.95 27.58 10.96
CA TRP B 98 -6.22 28.85 11.61
C TRP B 98 -5.27 29.13 12.82
N ASP B 99 -4.06 28.59 12.73
CA ASP B 99 -3.14 28.61 13.82
C ASP B 99 -1.79 29.32 13.46
N LYS B 100 -1.61 30.48 14.05
CA LYS B 100 -0.42 31.33 13.86
C LYS B 100 0.86 30.60 14.22
N THR B 101 0.87 29.94 15.37
CA THR B 101 2.03 29.25 15.81
C THR B 101 2.45 28.08 14.85
N LEU B 102 1.46 27.30 14.39
CA LEU B 102 1.79 26.25 13.43
C LEU B 102 2.35 26.85 12.14
N ALA B 103 1.77 27.97 11.70
CA ALA B 103 2.29 28.59 10.49
C ALA B 103 3.78 28.99 10.69
N TYR B 104 4.08 29.60 11.87
CA TYR B 104 5.45 30.03 12.20
C TYR B 104 6.38 28.81 12.22
N LEU B 105 5.98 27.76 12.89
CA LEU B 105 6.82 26.59 13.11
C LEU B 105 7.09 25.84 11.81
N ARG B 106 6.13 25.83 10.90
CA ARG B 106 6.32 25.20 9.59
C ARG B 106 7.35 26.04 8.77
N GLY B 107 7.24 27.37 8.88
CA GLY B 107 8.20 28.22 8.17
C GLY B 107 9.62 28.05 8.72
N LYS B 108 9.73 27.99 10.04
CA LYS B 108 10.99 27.74 10.69
C LYS B 108 11.63 26.34 10.28
N ALA B 109 10.78 25.29 10.26
CA ALA B 109 11.25 23.96 9.85
C ALA B 109 11.72 23.97 8.39
N MET B 110 10.96 24.61 7.51
CA MET B 110 11.37 24.78 6.13
C MET B 110 12.69 25.54 6.02
N GLY B 111 12.77 26.69 6.68
CA GLY B 111 13.98 27.47 6.63
C GLY B 111 15.22 26.67 7.03
N GLU B 112 15.08 25.86 8.08
CA GLU B 112 16.18 25.03 8.56
C GLU B 112 16.63 24.10 7.43
N GLU B 113 15.69 23.53 6.71
CA GLU B 113 16.07 22.56 5.61
C GLU B 113 16.79 23.30 4.46
N PHE B 114 16.27 24.47 4.07
CA PHE B 114 16.85 25.27 3.02
C PHE B 114 18.25 25.72 3.41
N ASN B 115 18.42 26.21 4.66
CA ASN B 115 19.70 26.67 5.11
C ASN B 115 20.73 25.52 5.06
N ASP B 116 20.32 24.35 5.52
CA ASP B 116 21.23 23.20 5.59
C ASP B 116 21.55 22.58 4.23
N LYS B 117 20.81 22.92 3.16
CA LYS B 117 21.15 22.58 1.80
C LYS B 117 21.98 23.64 1.09
N GLY B 118 22.23 24.74 1.76
CA GLY B 118 23.02 25.80 1.14
C GLY B 118 22.23 26.91 0.38
N VAL B 119 20.95 27.08 0.66
CA VAL B 119 20.14 27.95 -0.12
C VAL B 119 20.03 29.25 0.63
N ASP B 120 20.19 30.33 -0.11
CA ASP B 120 20.05 31.68 0.47
C ASP B 120 18.62 32.22 0.54
N ILE B 121 17.83 31.95 -0.50
CA ILE B 121 16.55 32.55 -0.70
C ILE B 121 15.46 31.45 -1.00
N LEU B 122 14.43 31.41 -0.16
CA LEU B 122 13.32 30.51 -0.35
C LEU B 122 12.35 31.23 -1.25
N LEU B 123 11.98 30.58 -2.35
CA LEU B 123 11.04 31.21 -3.34
C LEU B 123 9.56 31.02 -2.90
N GLY B 124 9.16 31.80 -1.89
CA GLY B 124 7.90 31.62 -1.18
C GLY B 124 8.00 32.24 0.19
N PRO B 125 6.93 32.31 0.94
CA PRO B 125 5.64 31.72 0.64
C PRO B 125 4.77 32.53 -0.32
N ALA B 126 3.53 32.14 -0.53
CA ALA B 126 2.67 32.80 -1.49
C ALA B 126 1.40 33.36 -0.90
N ALA B 127 0.96 34.51 -1.40
CA ALA B 127 -0.36 35.09 -1.15
C ALA B 127 -0.99 35.63 -2.47
N GLY B 128 -0.38 35.23 -3.60
CA GLY B 128 -0.86 35.60 -4.89
C GLY B 128 -0.57 34.37 -5.73
N PRO B 129 -1.55 33.64 -6.21
CA PRO B 129 -2.96 33.99 -6.17
C PRO B 129 -3.55 33.97 -4.79
N LEU B 130 -4.41 34.93 -4.52
CA LEU B 130 -5.12 34.99 -3.27
C LEU B 130 -6.22 33.93 -3.26
N GLY B 131 -6.97 33.79 -4.35
CA GLY B 131 -8.05 32.78 -4.40
C GLY B 131 -9.38 33.29 -4.97
N LYS B 132 -9.37 34.33 -5.81
CA LYS B 132 -10.54 34.76 -6.56
C LYS B 132 -11.24 33.62 -7.33
N TYR B 133 -10.51 32.70 -7.93
CA TYR B 133 -11.14 31.66 -8.69
C TYR B 133 -11.05 30.35 -7.92
N PRO B 134 -12.16 29.67 -7.66
CA PRO B 134 -12.04 28.40 -6.93
C PRO B 134 -11.36 27.28 -7.74
N ASP B 135 -11.34 27.45 -9.04
CA ASP B 135 -10.73 26.56 -10.02
C ASP B 135 -9.36 27.08 -10.49
N GLY B 136 -8.85 28.16 -9.84
CA GLY B 136 -7.51 28.64 -10.23
C GLY B 136 -6.46 27.57 -9.95
N GLY B 137 -5.53 27.39 -10.86
CA GLY B 137 -4.61 26.25 -10.71
C GLY B 137 -3.68 26.25 -9.50
N ARG B 138 -3.35 27.42 -8.95
CA ARG B 138 -2.33 27.56 -7.93
C ARG B 138 -2.82 28.07 -6.56
N ILE B 139 -4.11 28.06 -6.36
CA ILE B 139 -4.70 28.63 -5.16
C ILE B 139 -4.31 27.92 -3.90
N TRP B 140 -3.98 26.63 -4.03
CA TRP B 140 -3.50 25.78 -2.94
C TRP B 140 -2.10 26.14 -2.40
N GLU B 141 -1.31 26.89 -3.16
CA GLU B 141 0.02 27.24 -2.79
C GLU B 141 0.03 28.36 -1.75
N GLY B 142 -1.05 29.16 -1.79
CA GLY B 142 -1.22 30.37 -0.96
C GLY B 142 -1.90 29.95 0.31
N PHE B 143 -2.81 30.75 0.83
CA PHE B 143 -3.47 30.44 2.07
C PHE B 143 -4.97 30.34 1.84
N SER B 144 -5.61 31.47 1.67
CA SER B 144 -7.05 31.56 1.65
C SER B 144 -7.46 32.72 0.77
N PRO B 145 -8.63 32.66 0.15
CA PRO B 145 -9.18 33.90 -0.43
C PRO B 145 -9.43 35.07 0.54
N ASP B 146 -9.53 34.80 1.84
CA ASP B 146 -9.68 35.93 2.76
C ASP B 146 -8.33 36.63 2.97
N PRO B 147 -8.31 37.97 2.86
CA PRO B 147 -7.01 38.61 2.94
C PRO B 147 -6.41 38.66 4.36
N VAL B 148 -7.26 38.63 5.39
CA VAL B 148 -6.77 38.70 6.74
C VAL B 148 -6.20 37.35 7.18
N LEU B 149 -6.95 36.26 6.98
CA LEU B 149 -6.42 34.92 7.29
C LEU B 149 -5.09 34.68 6.55
N THR B 150 -5.06 35.03 5.27
CA THR B 150 -3.86 34.96 4.45
C THR B 150 -2.75 35.85 4.95
N GLY B 151 -3.02 37.13 5.15
CA GLY B 151 -1.94 38.02 5.61
C GLY B 151 -1.32 37.62 6.93
N VAL B 152 -2.13 37.24 7.94
CA VAL B 152 -1.60 36.80 9.22
C VAL B 152 -0.71 35.54 9.09
N LEU B 153 -1.17 34.51 8.41
CA LEU B 153 -0.44 33.30 8.33
C LEU B 153 0.77 33.44 7.42
N PHE B 154 0.67 34.24 6.35
CA PHE B 154 1.79 34.56 5.41
C PHE B 154 2.89 35.22 6.22
N ALA B 155 2.51 36.23 7.01
CA ALA B 155 3.49 36.92 7.83
C ALA B 155 4.21 35.96 8.83
N GLU B 156 3.43 35.04 9.48
CA GLU B 156 4.02 34.13 10.42
C GLU B 156 4.98 33.13 9.70
N THR B 157 4.58 32.70 8.52
CA THR B 157 5.45 31.81 7.71
C THR B 157 6.79 32.52 7.38
N ILE B 158 6.69 33.74 6.89
CA ILE B 158 7.87 34.57 6.56
C ILE B 158 8.78 34.69 7.78
N LYS B 159 8.20 34.99 8.95
CA LYS B 159 9.01 35.14 10.13
C LYS B 159 9.74 33.85 10.50
N GLY B 160 9.07 32.71 10.37
CA GLY B 160 9.75 31.45 10.66
C GLY B 160 10.92 31.19 9.72
N ILE B 161 10.69 31.33 8.45
CA ILE B 161 11.69 31.11 7.43
C ILE B 161 12.91 31.99 7.69
N GLN B 162 12.66 33.27 7.86
CA GLN B 162 13.73 34.23 8.09
C GLN B 162 14.40 34.09 9.45
N ASP B 163 13.68 33.63 10.46
CA ASP B 163 14.33 33.34 11.76
C ASP B 163 15.26 32.08 11.64
N ALA B 164 15.03 31.24 10.65
CA ALA B 164 15.96 30.16 10.39
C ALA B 164 17.15 30.63 9.52
N GLY B 165 17.24 31.88 9.09
CA GLY B 165 18.41 32.38 8.46
C GLY B 165 18.35 32.39 6.95
N VAL B 166 17.15 32.25 6.36
CA VAL B 166 16.97 32.21 4.90
C VAL B 166 16.10 33.39 4.51
N ILE B 167 16.39 34.04 3.36
CA ILE B 167 15.53 35.14 2.87
C ILE B 167 14.23 34.52 2.29
N ALA B 168 13.09 35.02 2.78
CA ALA B 168 11.81 34.71 2.24
C ALA B 168 11.46 35.66 1.08
N THR B 169 10.70 35.10 0.15
CA THR B 169 10.29 35.82 -1.11
C THR B 169 8.75 35.83 -1.20
N ALA B 170 8.11 36.95 -0.84
CA ALA B 170 6.65 37.07 -0.97
C ALA B 170 6.24 37.01 -2.44
N LYS B 171 5.39 36.05 -2.84
CA LYS B 171 5.04 35.89 -4.21
C LYS B 171 3.54 35.53 -4.38
N HIS B 172 2.94 35.62 -5.58
CA HIS B 172 3.42 36.35 -6.76
C HIS B 172 2.76 37.74 -6.78
N TYR B 173 3.57 38.76 -6.95
CA TYR B 173 3.15 40.17 -6.78
C TYR B 173 2.92 40.72 -8.20
N ILE B 174 1.69 40.79 -8.68
CA ILE B 174 0.41 40.66 -7.98
C ILE B 174 -0.68 40.47 -9.04
N LEU B 175 -1.80 39.85 -8.63
CA LEU B 175 -2.99 39.56 -9.43
C LEU B 175 -2.85 38.44 -10.44
N ASN B 176 -1.96 37.52 -10.18
CA ASN B 176 -1.84 36.29 -11.02
C ASN B 176 -2.83 35.26 -10.48
N GLU B 177 -4.11 35.55 -10.63
CA GLU B 177 -5.16 34.70 -10.06
C GLU B 177 -5.46 33.41 -10.82
N GLN B 178 -5.06 33.35 -12.07
CA GLN B 178 -5.29 32.12 -12.85
C GLN B 178 -4.06 31.76 -13.68
N GLU B 179 -4.05 30.54 -14.20
CA GLU B 179 -2.95 30.08 -15.02
C GLU B 179 -3.13 30.31 -16.54
N HIS B 180 -4.36 30.23 -17.04
CA HIS B 180 -4.60 30.52 -18.47
C HIS B 180 -4.05 31.93 -18.85
N PHE B 181 -3.25 31.91 -19.93
CA PHE B 181 -2.66 33.06 -20.61
C PHE B 181 -1.64 33.80 -19.76
N ARG B 182 -1.05 33.11 -18.78
CA ARG B 182 -0.07 33.77 -17.89
C ARG B 182 1.24 34.01 -18.67
N GLN B 183 1.48 33.23 -19.76
CA GLN B 183 2.72 33.31 -20.56
C GLN B 183 2.43 33.05 -22.03
N VAL B 184 3.03 33.86 -22.90
CA VAL B 184 2.74 33.83 -24.30
C VAL B 184 3.12 32.48 -24.94
N GLY B 185 4.37 32.06 -24.76
CA GLY B 185 4.91 30.82 -25.42
C GLY B 185 4.09 29.61 -24.95
N GLU B 186 3.80 29.56 -23.67
CA GLU B 186 3.01 28.50 -23.10
C GLU B 186 1.57 28.50 -23.67
N ALA B 187 0.95 29.70 -23.76
CA ALA B 187 -0.40 29.78 -24.33
C ALA B 187 -0.38 29.32 -25.79
N GLN B 188 0.62 29.78 -26.54
CA GLN B 188 0.76 29.34 -27.94
C GLN B 188 0.92 27.83 -28.08
N GLY B 189 1.63 27.19 -27.15
CA GLY B 189 1.78 25.73 -27.10
C GLY B 189 0.46 25.03 -26.82
N TYR B 190 -0.46 25.70 -26.11
CA TYR B 190 -1.80 25.15 -25.91
C TYR B 190 -2.77 25.52 -27.05
N GLY B 191 -2.28 26.14 -28.14
CA GLY B 191 -3.11 26.40 -29.34
C GLY B 191 -3.77 27.77 -29.31
N TYR B 192 -3.38 28.65 -28.40
CA TYR B 192 -4.02 29.96 -28.35
C TYR B 192 -3.17 31.01 -29.12
N ASN B 193 -3.82 31.89 -29.85
CA ASN B 193 -3.16 32.93 -30.58
C ASN B 193 -3.25 34.27 -29.80
N ILE B 194 -2.26 34.49 -28.91
CA ILE B 194 -2.10 35.74 -28.20
C ILE B 194 -0.63 36.11 -28.24
N THR B 195 -0.35 37.41 -28.16
CA THR B 195 1.00 37.92 -28.25
C THR B 195 1.49 38.65 -26.95
N GLU B 196 0.61 38.82 -25.98
CA GLU B 196 0.98 39.36 -24.65
C GLU B 196 0.23 38.56 -23.60
N THR B 197 0.68 38.62 -22.35
CA THR B 197 0.03 37.91 -21.31
C THR B 197 -1.22 38.60 -20.80
N ILE B 198 -2.07 37.82 -20.14
CA ILE B 198 -3.31 38.32 -19.53
C ILE B 198 -3.09 39.57 -18.74
N SER B 199 -4.02 40.54 -18.83
CA SER B 199 -3.99 41.72 -18.01
C SER B 199 -5.09 41.64 -16.95
N SER B 200 -4.68 41.64 -15.69
CA SER B 200 -5.61 41.72 -14.58
C SER B 200 -5.91 43.18 -14.32
N ASN B 201 -7.17 43.56 -14.45
CA ASN B 201 -7.55 45.00 -14.36
C ASN B 201 -8.42 45.24 -13.14
N VAL B 202 -7.90 46.03 -12.18
CA VAL B 202 -8.59 46.17 -10.87
C VAL B 202 -8.59 47.62 -10.40
N ASP B 203 -9.68 48.02 -9.73
CA ASP B 203 -9.86 49.38 -9.21
C ASP B 203 -8.95 49.56 -7.97
N ASP B 204 -8.69 50.80 -7.63
CA ASP B 204 -7.74 51.16 -6.59
C ASP B 204 -8.16 50.73 -5.19
N LYS B 205 -9.46 50.83 -4.90
CA LYS B 205 -9.95 50.44 -3.58
C LYS B 205 -9.83 48.90 -3.37
N THR B 206 -10.22 48.15 -4.40
CA THR B 206 -10.13 46.74 -4.34
C THR B 206 -8.66 46.30 -4.17
N MET B 207 -7.75 46.91 -4.90
CA MET B 207 -6.34 46.61 -4.78
C MET B 207 -5.91 46.77 -3.31
N HIS B 208 -6.20 47.90 -2.70
CA HIS B 208 -5.81 48.16 -1.35
C HIS B 208 -6.51 47.26 -0.31
N GLU B 209 -7.80 47.02 -0.44
CA GLU B 209 -8.55 46.32 0.58
C GLU B 209 -8.54 44.78 0.43
N LEU B 210 -8.11 44.24 -0.71
CA LEU B 210 -8.14 42.82 -0.91
C LEU B 210 -6.78 42.34 -1.31
N TYR B 211 -6.29 42.59 -2.54
CA TYR B 211 -5.06 41.87 -3.02
C TYR B 211 -3.77 42.31 -2.40
N LEU B 212 -3.65 43.58 -2.14
CA LEU B 212 -2.42 44.18 -1.60
C LEU B 212 -2.26 43.94 -0.11
N TRP B 213 -3.40 43.81 0.61
CA TRP B 213 -3.42 43.67 2.05
C TRP B 213 -2.47 42.60 2.65
N PRO B 214 -2.44 41.35 2.14
CA PRO B 214 -1.47 40.40 2.67
C PRO B 214 0.00 40.74 2.37
N PHE B 215 0.27 41.45 1.26
CA PHE B 215 1.60 41.95 0.99
C PHE B 215 2.04 43.04 1.94
N ALA B 216 1.13 43.93 2.35
CA ALA B 216 1.39 44.80 3.45
C ALA B 216 1.83 44.08 4.70
N ASP B 217 1.11 42.98 5.05
CA ASP B 217 1.46 42.17 6.16
C ASP B 217 2.88 41.58 6.04
N ALA B 218 3.20 41.09 4.84
CA ALA B 218 4.48 40.50 4.56
C ALA B 218 5.61 41.56 4.70
N VAL B 219 5.37 42.77 4.20
CA VAL B 219 6.37 43.80 4.30
C VAL B 219 6.61 44.19 5.78
N ARG B 220 5.51 44.36 6.52
CA ARG B 220 5.59 44.76 7.95
C ARG B 220 6.25 43.67 8.75
N ALA B 221 6.07 42.40 8.36
CA ALA B 221 6.73 41.30 9.00
C ALA B 221 8.25 41.18 8.68
N GLY B 222 8.75 42.01 7.78
CA GLY B 222 10.16 42.04 7.48
C GLY B 222 10.63 41.14 6.35
N VAL B 223 9.77 40.78 5.44
CA VAL B 223 10.13 39.95 4.25
C VAL B 223 11.28 40.62 3.51
N GLY B 224 12.29 39.84 3.11
CA GLY B 224 13.44 40.36 2.44
C GLY B 224 13.30 40.60 0.92
N ALA B 225 12.51 39.75 0.24
CA ALA B 225 12.29 39.83 -1.16
C ALA B 225 10.81 39.70 -1.54
N VAL B 226 10.49 40.18 -2.73
CA VAL B 226 9.14 40.06 -3.29
C VAL B 226 9.34 39.61 -4.72
N MET B 227 8.56 38.64 -5.16
CA MET B 227 8.65 38.19 -6.51
C MET B 227 7.52 38.78 -7.35
N CYS B 228 7.86 39.44 -8.46
CA CYS B 228 6.87 40.08 -9.35
C CYS B 228 6.36 39.04 -10.38
N SER B 229 5.12 39.23 -10.86
CA SER B 229 4.40 38.20 -11.59
C SER B 229 4.49 38.26 -13.12
N TYR B 230 3.98 37.17 -13.72
CA TYR B 230 3.94 36.99 -15.18
C TYR B 230 2.86 37.81 -15.88
N ASN B 231 1.70 37.99 -15.22
CA ASN B 231 0.60 38.70 -15.78
C ASN B 231 0.91 40.23 -15.84
N GLN B 232 0.09 40.93 -16.60
CA GLN B 232 0.09 42.37 -16.59
C GLN B 232 -0.93 42.82 -15.58
N ILE B 233 -0.73 44.04 -15.11
CA ILE B 233 -1.77 44.77 -14.28
C ILE B 233 -2.12 46.03 -15.08
N ASN B 234 -3.41 46.23 -15.43
CA ASN B 234 -3.85 47.32 -16.32
C ASN B 234 -2.88 47.49 -17.53
N ASN B 235 -2.53 46.36 -18.16
CA ASN B 235 -1.69 46.35 -19.36
C ASN B 235 -0.27 46.88 -19.19
N SER B 236 0.31 46.70 -18.00
CA SER B 236 1.74 46.89 -17.80
C SER B 236 2.25 45.65 -17.05
N TYR B 237 3.26 44.99 -17.61
CA TYR B 237 3.79 43.74 -17.04
C TYR B 237 4.16 43.86 -15.58
N GLY B 238 3.86 42.83 -14.80
CA GLY B 238 4.22 42.80 -13.38
C GLY B 238 5.64 43.14 -13.03
N CYS B 239 6.61 42.73 -13.88
CA CYS B 239 7.99 43.00 -13.56
C CYS B 239 8.52 44.30 -14.17
N GLN B 240 7.61 45.17 -14.61
CA GLN B 240 7.99 46.53 -14.92
C GLN B 240 6.78 47.44 -14.76
N ASN B 241 5.98 47.21 -13.69
CA ASN B 241 4.77 47.99 -13.45
C ASN B 241 5.09 49.07 -12.40
N SER B 242 5.29 50.32 -12.84
CA SER B 242 5.68 51.37 -11.91
C SER B 242 4.62 51.61 -10.81
N GLN B 243 3.32 51.43 -11.10
CA GLN B 243 2.34 51.58 -10.02
C GLN B 243 2.56 50.52 -8.95
N THR B 244 2.67 49.23 -9.31
CA THR B 244 2.68 48.23 -8.28
C THR B 244 4.05 48.19 -7.59
N LEU B 245 5.13 48.34 -8.36
CA LEU B 245 6.48 48.22 -7.80
C LEU B 245 6.93 49.55 -7.12
N ASN B 246 6.97 50.61 -7.87
CA ASN B 246 7.48 51.86 -7.31
C ASN B 246 6.47 52.46 -6.33
N LYS B 247 5.21 52.56 -6.70
CA LYS B 247 4.27 53.34 -5.86
C LYS B 247 3.73 52.50 -4.69
N LEU B 248 3.07 51.41 -4.99
CA LEU B 248 2.42 50.65 -3.96
C LEU B 248 3.41 49.94 -3.05
N LEU B 249 4.32 49.14 -3.62
CA LEU B 249 5.24 48.39 -2.80
C LEU B 249 6.32 49.25 -2.11
N LYS B 250 7.02 50.08 -2.88
CA LYS B 250 8.14 50.79 -2.37
C LYS B 250 7.74 52.16 -1.70
N ALA B 251 6.88 52.93 -2.30
CA ALA B 251 6.57 54.30 -1.77
C ALA B 251 5.53 54.22 -0.66
N GLU B 252 4.50 53.39 -0.84
CA GLU B 252 3.41 53.30 0.13
C GLU B 252 3.71 52.27 1.20
N LEU B 253 3.96 51.02 0.80
CA LEU B 253 4.28 50.02 1.81
C LEU B 253 5.69 50.13 2.37
N GLY B 254 6.52 51.01 1.81
CA GLY B 254 7.82 51.33 2.46
C GLY B 254 8.77 50.13 2.37
N PHE B 255 8.63 49.26 1.38
CA PHE B 255 9.44 48.04 1.30
C PHE B 255 10.95 48.38 1.10
N GLN B 256 11.82 47.76 1.92
CA GLN B 256 13.28 48.02 1.97
C GLN B 256 14.12 46.90 1.36
N GLY B 257 13.45 45.82 0.97
CA GLY B 257 14.09 44.70 0.33
C GLY B 257 14.14 44.76 -1.19
N PHE B 258 14.33 43.59 -1.82
CA PHE B 258 14.49 43.54 -3.24
C PHE B 258 13.34 42.86 -3.99
N VAL B 259 13.08 43.33 -5.20
CA VAL B 259 12.12 42.72 -6.09
C VAL B 259 12.83 41.84 -7.11
N MET B 260 12.40 40.55 -7.20
CA MET B 260 12.97 39.57 -8.06
C MET B 260 11.91 39.21 -9.10
N SER B 261 12.31 38.98 -10.37
CA SER B 261 11.38 38.55 -11.37
C SER B 261 10.97 37.07 -11.15
N ASP B 262 9.76 36.72 -11.57
CA ASP B 262 9.43 35.33 -11.81
C ASP B 262 10.27 34.91 -13.07
N TRP B 263 10.26 33.62 -13.36
CA TRP B 263 11.26 33.04 -14.21
C TRP B 263 10.94 33.32 -15.71
N SER B 264 11.78 34.14 -16.34
CA SER B 264 11.50 34.71 -17.64
C SER B 264 10.36 35.71 -17.62
N ALA B 265 10.05 36.28 -16.48
CA ALA B 265 9.03 37.37 -16.39
C ALA B 265 9.60 38.76 -16.60
N HIS B 266 10.90 38.85 -16.78
CA HIS B 266 11.58 40.11 -17.00
C HIS B 266 11.53 40.42 -18.51
N HIS B 267 11.04 41.60 -18.86
CA HIS B 267 10.74 41.94 -20.27
C HIS B 267 11.41 43.17 -20.89
N SER B 268 12.29 43.83 -20.15
CA SER B 268 13.08 44.91 -20.67
C SER B 268 14.20 45.26 -19.73
N GLY B 269 15.32 45.79 -20.25
CA GLY B 269 16.45 46.22 -19.42
C GLY B 269 16.19 47.52 -18.69
N VAL B 270 16.24 48.59 -19.44
CA VAL B 270 16.04 49.95 -18.87
C VAL B 270 14.66 50.09 -18.24
N GLY B 271 13.62 49.68 -18.97
CA GLY B 271 12.23 49.85 -18.50
C GLY B 271 11.99 49.24 -17.16
N ALA B 272 12.44 48.01 -17.00
CA ALA B 272 12.20 47.28 -15.75
C ALA B 272 13.04 47.85 -14.62
N ALA B 273 14.31 48.16 -14.90
CA ALA B 273 15.15 48.76 -13.85
C ALA B 273 14.50 50.04 -13.34
N LEU B 274 14.01 50.87 -14.24
CA LEU B 274 13.51 52.19 -13.78
C LEU B 274 12.13 52.09 -13.12
N ALA B 275 11.40 51.04 -13.47
CA ALA B 275 10.08 50.76 -12.92
C ALA B 275 10.08 50.00 -11.59
N GLY B 276 11.25 49.67 -11.06
CA GLY B 276 11.34 49.07 -9.74
C GLY B 276 11.86 47.64 -9.59
N LEU B 277 12.22 46.94 -10.66
CA LEU B 277 12.81 45.63 -10.52
C LEU B 277 14.27 45.74 -10.00
N ASP B 278 14.68 44.70 -9.25
CA ASP B 278 16.02 44.63 -8.62
C ASP B 278 16.84 43.42 -8.99
N MET B 279 16.18 42.30 -9.35
CA MET B 279 16.90 41.09 -9.63
C MET B 279 16.18 40.34 -10.78
N SER B 280 16.96 39.87 -11.74
CA SER B 280 16.45 39.19 -12.95
C SER B 280 16.79 37.71 -12.82
N MET B 281 15.76 36.87 -12.80
CA MET B 281 15.92 35.43 -12.68
C MET B 281 15.21 34.68 -13.80
N PRO B 282 15.79 33.61 -14.33
CA PRO B 282 17.10 33.06 -13.96
C PRO B 282 18.32 33.75 -14.61
N GLY B 283 18.08 34.87 -15.32
CA GLY B 283 19.07 35.83 -15.74
C GLY B 283 19.15 36.04 -17.27
N ASP B 284 18.68 35.04 -18.01
CA ASP B 284 18.57 35.12 -19.44
C ASP B 284 17.21 35.69 -19.90
N ILE B 285 17.14 36.02 -21.18
CA ILE B 285 15.92 36.58 -21.73
C ILE B 285 14.90 35.45 -21.71
N SER B 286 15.25 34.35 -22.39
CA SER B 286 14.52 33.12 -22.23
C SER B 286 15.53 31.99 -21.93
N PHE B 287 15.05 30.87 -21.41
CA PHE B 287 15.93 29.86 -20.82
C PHE B 287 17.04 29.46 -21.83
N ASP B 288 18.29 29.61 -21.43
CA ASP B 288 19.43 29.17 -22.21
C ASP B 288 19.57 29.79 -23.60
N ASP B 289 19.11 31.05 -23.73
CA ASP B 289 19.39 31.71 -24.98
C ASP B 289 20.71 32.47 -24.96
N GLY B 290 21.40 32.56 -23.83
CA GLY B 290 22.67 33.27 -23.77
C GLY B 290 22.60 34.78 -23.81
N LEU B 291 21.41 35.33 -23.79
CA LEU B 291 21.18 36.80 -23.85
C LEU B 291 20.58 37.25 -22.49
N SER B 292 20.75 38.51 -22.14
CA SER B 292 20.12 39.03 -20.92
C SER B 292 19.66 40.46 -21.10
N PHE B 293 18.50 40.79 -20.51
CA PHE B 293 18.11 42.18 -20.47
C PHE B 293 19.04 42.96 -19.59
N TRP B 294 19.60 42.32 -18.60
CA TRP B 294 20.61 42.95 -17.69
C TRP B 294 21.97 42.30 -17.97
N GLY B 295 22.73 41.86 -17.00
CA GLY B 295 24.11 41.46 -17.32
C GLY B 295 24.84 42.54 -18.05
N THR B 296 25.55 42.15 -19.12
CA THR B 296 26.18 43.10 -20.04
C THR B 296 25.33 44.31 -20.37
N ASN B 297 24.06 44.10 -20.64
CA ASN B 297 23.18 45.22 -20.99
C ASN B 297 22.96 46.21 -19.88
N LEU B 298 22.86 45.71 -18.67
CA LEU B 298 22.75 46.61 -17.51
C LEU B 298 24.07 47.39 -17.31
N THR B 299 25.22 46.72 -17.40
CA THR B 299 26.51 47.43 -17.34
C THR B 299 26.49 48.60 -18.35
N VAL B 300 26.11 48.26 -19.59
CA VAL B 300 26.10 49.25 -20.67
C VAL B 300 25.11 50.39 -20.40
N SER B 301 23.89 50.04 -19.92
CA SER B 301 22.85 51.01 -19.60
C SER B 301 23.33 52.01 -18.57
N VAL B 302 24.19 51.61 -17.66
CA VAL B 302 24.73 52.55 -16.62
C VAL B 302 25.91 53.35 -17.22
N LEU B 303 26.77 52.67 -17.97
CA LEU B 303 27.92 53.35 -18.56
C LEU B 303 27.47 54.38 -19.58
N ASN B 304 26.34 54.16 -20.27
CA ASN B 304 25.93 55.11 -21.28
C ASN B 304 25.06 56.24 -20.73
N GLY B 305 24.85 56.26 -19.40
CA GLY B 305 24.12 57.30 -18.73
C GLY B 305 22.63 57.08 -18.59
N THR B 306 22.03 56.01 -19.14
CA THR B 306 20.57 55.89 -19.14
C THR B 306 19.99 55.49 -17.75
N VAL B 307 20.44 54.35 -17.24
CA VAL B 307 20.09 53.96 -15.89
C VAL B 307 21.04 54.69 -14.94
N PRO B 308 20.51 55.56 -14.07
CA PRO B 308 21.42 56.28 -13.21
C PRO B 308 22.17 55.36 -12.27
N ALA B 309 23.36 55.79 -11.87
CA ALA B 309 24.15 55.04 -10.88
C ALA B 309 23.32 54.80 -9.60
N TRP B 310 22.53 55.79 -9.17
CA TRP B 310 21.77 55.61 -7.93
C TRP B 310 20.76 54.41 -7.97
N ARG B 311 20.25 54.09 -9.16
CA ARG B 311 19.33 53.03 -9.35
C ARG B 311 20.04 51.67 -9.25
N VAL B 312 21.09 51.42 -10.00
CA VAL B 312 21.83 50.15 -9.87
CA VAL B 312 21.84 50.18 -9.87
C VAL B 312 22.45 50.05 -8.46
N ASP B 313 22.88 51.17 -7.89
CA ASP B 313 23.41 51.10 -6.53
C ASP B 313 22.28 50.67 -5.53
N ASP B 314 21.09 51.22 -5.71
CA ASP B 314 19.92 50.85 -4.90
C ASP B 314 19.52 49.38 -5.04
N MET B 315 19.62 48.83 -6.25
N MET B 315 19.63 48.83 -6.25
CA MET B 315 19.38 47.41 -6.45
CA MET B 315 19.34 47.43 -6.46
C MET B 315 20.31 46.58 -5.60
C MET B 315 20.30 46.57 -5.62
N ALA B 316 21.61 46.88 -5.70
CA ALA B 316 22.60 46.13 -4.96
C ALA B 316 22.40 46.33 -3.42
N VAL B 317 22.11 47.56 -3.01
CA VAL B 317 21.87 47.79 -1.57
C VAL B 317 20.67 47.00 -1.04
N ARG B 318 19.56 46.97 -1.78
CA ARG B 318 18.37 46.21 -1.41
C ARG B 318 18.67 44.69 -1.29
N ILE B 319 19.43 44.16 -2.21
CA ILE B 319 19.76 42.75 -2.23
C ILE B 319 20.64 42.47 -1.03
N MET B 320 21.67 43.25 -0.83
CA MET B 320 22.55 43.02 0.27
C MET B 320 21.87 43.27 1.65
N THR B 321 20.90 44.21 1.71
CA THR B 321 20.14 44.46 2.93
C THR B 321 19.41 43.16 3.34
N ALA B 322 18.77 42.48 2.39
CA ALA B 322 18.13 41.23 2.69
C ALA B 322 19.12 40.16 3.16
N TYR B 323 20.26 40.08 2.48
CA TYR B 323 21.36 39.13 2.80
C TYR B 323 21.83 39.33 4.27
N TYR B 324 22.07 40.56 4.67
CA TYR B 324 22.47 40.85 6.04
C TYR B 324 21.33 40.71 7.10
N LYS B 325 20.11 41.05 6.72
CA LYS B 325 18.99 41.02 7.65
C LYS B 325 18.83 39.64 8.24
N VAL B 326 18.97 38.59 7.43
CA VAL B 326 18.75 37.26 7.95
C VAL B 326 20.02 36.55 8.36
N GLY B 327 21.20 37.16 8.18
CA GLY B 327 22.47 36.56 8.59
C GLY B 327 23.14 35.67 7.53
N ARG B 328 22.85 35.84 6.27
CA ARG B 328 23.54 34.99 5.24
C ARG B 328 25.02 35.11 5.29
N ASP B 329 25.57 36.26 5.72
CA ASP B 329 27.03 36.37 5.82
C ASP B 329 27.66 35.36 6.79
N ARG B 330 26.99 35.02 7.86
CA ARG B 330 27.52 34.01 8.72
C ARG B 330 27.01 32.63 8.49
N LEU B 331 25.83 32.48 7.89
CA LEU B 331 25.22 31.15 7.81
C LEU B 331 25.41 30.43 6.48
N ARG B 332 25.75 31.16 5.40
CA ARG B 332 25.72 30.54 4.09
C ARG B 332 26.82 29.53 3.89
N ILE B 333 26.45 28.40 3.30
CA ILE B 333 27.41 27.37 2.84
C ILE B 333 27.10 27.10 1.35
N PRO B 334 28.06 26.55 0.59
CA PRO B 334 27.71 26.31 -0.80
C PRO B 334 26.55 25.30 -0.96
N PRO B 335 25.71 25.49 -1.93
CA PRO B 335 24.70 24.47 -2.17
C PRO B 335 25.32 23.09 -2.27
N ASN B 336 24.78 22.13 -1.54
CA ASN B 336 25.33 20.76 -1.48
C ASN B 336 24.50 19.69 -2.19
N PHE B 337 23.66 20.13 -3.09
CA PHE B 337 22.87 19.29 -3.98
C PHE B 337 22.83 19.95 -5.37
N SER B 338 22.32 19.20 -6.34
CA SER B 338 21.96 19.73 -7.66
C SER B 338 20.46 19.65 -7.92
N SER B 339 19.88 20.73 -8.44
CA SER B 339 18.50 20.69 -8.91
C SER B 339 18.29 19.83 -10.16
N TRP B 340 19.35 19.54 -10.95
CA TRP B 340 19.17 19.05 -12.29
C TRP B 340 19.46 17.53 -12.41
N THR B 341 20.01 16.90 -11.40
CA THR B 341 20.23 15.51 -11.40
C THR B 341 20.24 15.02 -9.96
N ARG B 342 19.82 13.78 -9.73
CA ARG B 342 19.98 13.14 -8.42
C ARG B 342 21.25 12.31 -8.37
N ASP B 343 21.99 12.18 -9.48
CA ASP B 343 23.25 11.42 -9.44
C ASP B 343 24.30 12.14 -8.61
N GLU B 344 25.26 11.38 -8.16
CA GLU B 344 26.32 11.92 -7.38
C GLU B 344 27.21 12.91 -8.20
N TYR B 345 27.50 12.53 -9.45
CA TYR B 345 28.34 13.29 -10.35
C TYR B 345 27.57 13.84 -11.51
N GLY B 346 28.02 15.00 -11.94
CA GLY B 346 27.42 15.73 -13.07
C GLY B 346 28.33 16.90 -13.55
N TRP B 347 27.94 17.54 -14.63
CA TRP B 347 28.65 18.68 -15.10
C TRP B 347 28.34 19.85 -14.20
N GLU B 348 29.38 20.64 -13.92
CA GLU B 348 29.22 21.85 -13.10
C GLU B 348 28.14 22.80 -13.67
N HIS B 349 28.13 22.97 -15.00
CA HIS B 349 27.13 23.80 -15.70
C HIS B 349 26.25 22.87 -16.51
N SER B 350 25.16 22.50 -15.88
CA SER B 350 24.35 21.41 -16.38
C SER B 350 23.72 21.69 -17.74
N ALA B 351 23.27 22.91 -17.95
CA ALA B 351 22.60 23.26 -19.21
C ALA B 351 23.42 22.97 -20.46
N VAL B 352 24.74 23.13 -20.41
CA VAL B 352 25.57 23.04 -21.59
C VAL B 352 26.63 21.96 -21.45
N SER B 353 26.54 21.17 -20.40
CA SER B 353 27.55 20.15 -20.08
C SER B 353 28.99 20.70 -20.13
N GLU B 354 29.24 21.78 -19.41
CA GLU B 354 30.57 22.38 -19.37
C GLU B 354 30.97 22.63 -17.90
N GLY B 355 32.18 23.20 -17.71
CA GLY B 355 32.85 23.23 -16.42
C GLY B 355 33.34 21.82 -16.00
N ALA B 356 33.60 21.64 -14.70
CA ALA B 356 34.21 20.36 -14.26
C ALA B 356 33.12 19.23 -14.19
N TRP B 357 33.55 18.00 -14.46
CA TRP B 357 32.76 16.79 -14.11
C TRP B 357 33.06 16.55 -12.67
N THR B 358 32.07 16.70 -11.82
CA THR B 358 32.35 16.82 -10.41
C THR B 358 31.15 16.31 -9.52
N LYS B 359 31.42 16.19 -8.24
CA LYS B 359 30.43 15.71 -7.26
C LYS B 359 29.43 16.86 -7.07
N VAL B 360 28.24 16.70 -7.59
CA VAL B 360 27.18 17.71 -7.46
C VAL B 360 26.11 17.45 -6.38
N ASN B 361 26.14 16.25 -5.80
CA ASN B 361 25.22 15.89 -4.74
C ASN B 361 25.99 15.28 -3.61
N ASP B 362 25.85 15.91 -2.43
CA ASP B 362 26.52 15.43 -1.25
C ASP B 362 25.63 14.60 -0.36
N PHE B 363 24.34 14.50 -0.66
CA PHE B 363 23.44 13.56 0.09
C PHE B 363 23.39 13.96 1.56
N VAL B 364 23.20 15.23 1.80
CA VAL B 364 23.09 15.72 3.16
C VAL B 364 21.65 15.60 3.64
N ASN B 365 21.42 14.87 4.75
CA ASN B 365 20.10 14.73 5.26
C ASN B 365 19.70 15.95 6.11
N VAL B 366 18.64 16.65 5.74
CA VAL B 366 18.21 17.85 6.44
C VAL B 366 16.85 17.74 7.12
N GLN B 367 16.29 16.50 7.16
CA GLN B 367 14.97 16.27 7.72
C GLN B 367 14.81 16.51 9.23
N ARG B 368 15.87 16.30 10.02
CA ARG B 368 15.84 16.34 11.49
C ARG B 368 14.57 15.54 11.97
N SER B 369 13.77 16.11 12.83
CA SER B 369 12.46 15.54 13.22
C SER B 369 11.27 16.38 12.69
N HIS B 370 11.44 16.97 11.53
CA HIS B 370 10.41 17.74 10.86
C HIS B 370 9.15 16.93 10.50
N SER B 371 9.25 15.59 10.44
CA SER B 371 8.05 14.78 10.30
C SER B 371 6.99 15.04 11.38
N GLN B 372 7.41 15.42 12.58
CA GLN B 372 6.50 15.73 13.69
C GLN B 372 5.62 16.94 13.42
N ILE B 373 6.22 18.09 13.05
CA ILE B 373 5.41 19.27 12.70
C ILE B 373 4.51 19.02 11.46
N ILE B 374 4.97 18.18 10.53
CA ILE B 374 4.18 17.85 9.39
C ILE B 374 2.93 17.03 9.81
N ARG B 375 3.14 15.99 10.61
CA ARG B 375 2.04 15.17 11.10
C ARG B 375 1.02 16.06 11.90
N GLU B 376 1.55 16.90 12.75
CA GLU B 376 0.79 17.77 13.58
C GLU B 376 -0.08 18.72 12.75
N ILE B 377 0.49 19.31 11.69
CA ILE B 377 -0.21 20.29 10.87
C ILE B 377 -1.23 19.58 9.99
N GLY B 378 -0.92 18.38 9.56
CA GLY B 378 -1.90 17.59 8.82
C GLY B 378 -3.15 17.34 9.68
N ALA B 379 -2.97 16.92 10.95
CA ALA B 379 -4.08 16.63 11.81
C ALA B 379 -4.89 17.90 12.10
N ALA B 380 -4.19 19.03 12.29
CA ALA B 380 -4.81 20.30 12.57
C ALA B 380 -5.42 20.97 11.36
N SER B 381 -5.24 20.40 10.17
CA SER B 381 -5.83 20.87 8.93
C SER B 381 -6.86 19.89 8.38
N THR B 382 -7.25 18.87 9.15
CA THR B 382 -8.26 17.97 8.73
C THR B 382 -9.62 18.55 9.17
N VAL B 383 -10.38 19.06 8.20
CA VAL B 383 -11.63 19.70 8.46
C VAL B 383 -12.73 18.68 8.45
N LEU B 384 -13.36 18.55 9.60
CA LEU B 384 -14.56 17.74 9.74
C LEU B 384 -15.78 18.59 9.34
N LEU B 385 -16.30 18.32 8.14
CA LEU B 385 -17.38 19.09 7.57
C LEU B 385 -18.77 18.59 8.05
N LYS B 386 -18.90 17.28 8.18
CA LYS B 386 -20.15 16.63 8.48
C LYS B 386 -19.81 15.50 9.42
N ASN B 387 -20.62 15.34 10.48
CA ASN B 387 -20.50 14.16 11.32
C ASN B 387 -21.80 13.85 12.01
N THR B 388 -22.49 12.79 11.60
CA THR B 388 -23.73 12.44 12.29
C THR B 388 -23.48 11.27 13.24
N GLY B 389 -22.27 11.11 13.77
CA GLY B 389 -21.98 10.08 14.79
C GLY B 389 -21.05 9.01 14.32
N ALA B 390 -20.53 9.07 13.10
CA ALA B 390 -19.58 8.10 12.66
C ALA B 390 -18.23 8.21 13.37
N LEU B 391 -17.85 9.41 13.77
CA LEU B 391 -16.54 9.68 14.29
C LEU B 391 -16.60 10.26 15.72
N PRO B 392 -15.63 9.95 16.58
CA PRO B 392 -14.40 9.19 16.22
C PRO B 392 -14.62 7.69 16.15
N LEU B 393 -13.74 6.98 15.44
CA LEU B 393 -13.73 5.54 15.47
C LEU B 393 -13.27 5.14 16.89
N THR B 394 -13.71 3.99 17.37
CA THR B 394 -13.45 3.58 18.73
C THR B 394 -12.44 2.43 18.77
N GLY B 395 -12.13 1.78 17.68
CA GLY B 395 -11.34 0.54 17.79
C GLY B 395 -12.18 -0.72 17.96
N LYS B 396 -13.47 -0.60 18.07
CA LYS B 396 -14.36 -1.71 18.15
C LYS B 396 -14.98 -2.13 16.82
N GLU B 397 -14.64 -1.47 15.75
CA GLU B 397 -15.18 -1.76 14.46
C GLU B 397 -14.70 -3.18 14.00
N VAL B 398 -15.67 -4.02 13.69
CA VAL B 398 -15.37 -5.42 13.37
C VAL B 398 -14.71 -5.58 12.02
N LYS B 399 -15.24 -4.87 11.02
CA LYS B 399 -14.70 -4.86 9.66
C LYS B 399 -14.70 -3.45 9.11
N VAL B 400 -13.57 -3.05 8.55
CA VAL B 400 -13.36 -1.69 8.08
C VAL B 400 -13.04 -1.77 6.58
N GLY B 401 -13.79 -1.06 5.77
CA GLY B 401 -13.45 -0.92 4.35
C GLY B 401 -12.76 0.38 4.04
N VAL B 402 -11.71 0.30 3.22
CA VAL B 402 -10.99 1.48 2.75
C VAL B 402 -11.10 1.47 1.22
N LEU B 403 -11.83 2.43 0.66
CA LEU B 403 -12.18 2.39 -0.73
C LEU B 403 -11.66 3.63 -1.41
N GLY B 404 -11.01 3.42 -2.54
CA GLY B 404 -10.69 4.52 -3.48
C GLY B 404 -9.17 4.59 -3.71
N GLU B 405 -8.79 4.82 -4.96
CA GLU B 405 -7.42 5.05 -5.39
C GLU B 405 -6.74 6.13 -4.51
N ASP B 406 -7.46 7.17 -4.12
CA ASP B 406 -6.89 8.21 -3.27
C ASP B 406 -6.45 7.70 -1.88
N ALA B 407 -6.83 6.48 -1.47
CA ALA B 407 -6.27 5.86 -0.29
C ALA B 407 -4.89 5.20 -0.43
N GLY B 408 -4.54 4.86 -1.66
CA GLY B 408 -3.47 3.96 -1.94
C GLY B 408 -2.21 4.67 -2.43
N SER B 409 -1.26 3.86 -2.87
CA SER B 409 0.06 4.34 -3.23
C SER B 409 0.05 4.78 -4.67
N ASN B 410 0.94 5.69 -5.03
CA ASN B 410 1.24 5.98 -6.44
C ASN B 410 2.05 4.80 -6.93
N PRO B 411 1.52 4.00 -7.84
CA PRO B 411 2.36 2.85 -8.26
C PRO B 411 3.67 3.19 -9.01
N TRP B 412 3.87 4.45 -9.43
CA TRP B 412 5.13 4.90 -10.00
C TRP B 412 6.13 5.38 -8.95
N GLY B 413 5.78 5.25 -7.67
CA GLY B 413 6.59 5.77 -6.55
C GLY B 413 6.11 7.14 -6.19
N ALA B 414 6.33 7.56 -4.96
CA ALA B 414 5.80 8.83 -4.50
C ALA B 414 6.31 10.01 -5.40
N ASN B 415 7.57 9.93 -5.83
CA ASN B 415 8.14 10.92 -6.68
C ASN B 415 8.17 10.46 -8.13
N GLY B 416 7.25 9.60 -8.51
CA GLY B 416 7.33 9.01 -9.83
C GLY B 416 6.89 9.86 -11.02
N CYS B 417 6.20 10.99 -10.79
CA CYS B 417 5.82 11.92 -11.84
C CYS B 417 6.55 13.29 -11.62
N PRO B 418 7.32 13.74 -12.63
CA PRO B 418 8.06 15.05 -12.49
C PRO B 418 7.10 16.17 -12.10
N ASP B 419 7.51 16.96 -11.14
CA ASP B 419 6.75 18.06 -10.58
C ASP B 419 5.35 17.67 -10.10
N ARG B 420 5.24 16.41 -9.65
CA ARG B 420 4.01 15.78 -9.22
C ARG B 420 2.87 15.93 -10.26
N GLY B 421 3.21 15.89 -11.52
CA GLY B 421 2.24 16.13 -12.58
C GLY B 421 1.42 14.91 -12.95
N CYS B 422 0.66 14.42 -12.00
CA CYS B 422 -0.23 13.30 -12.15
C CYS B 422 -1.19 13.26 -11.01
N ASP B 423 -2.21 12.40 -11.11
CA ASP B 423 -3.10 12.22 -9.96
C ASP B 423 -3.19 10.74 -9.66
N ASN B 424 -2.04 10.13 -9.38
CA ASN B 424 -1.95 8.69 -9.08
C ASN B 424 -1.81 8.42 -7.55
N GLY B 425 -2.69 7.58 -7.03
CA GLY B 425 -2.69 7.30 -5.62
C GLY B 425 -3.14 8.51 -4.80
N THR B 426 -2.74 8.49 -3.55
CA THR B 426 -3.22 9.49 -2.62
C THR B 426 -2.69 10.84 -3.03
N LEU B 427 -3.55 11.85 -3.00
CA LEU B 427 -3.13 13.20 -3.37
C LEU B 427 -2.61 13.92 -2.09
N ALA B 428 -1.30 14.05 -1.96
CA ALA B 428 -0.70 14.74 -0.82
C ALA B 428 0.01 15.99 -1.21
N MET B 429 0.11 16.23 -2.52
CA MET B 429 0.84 17.39 -3.10
C MET B 429 0.36 17.57 -4.49
N ALA B 430 0.04 18.83 -4.81
CA ALA B 430 -0.40 19.22 -6.16
C ALA B 430 0.78 19.55 -7.12
N TRP B 431 0.60 20.02 -8.34
CA TRP B 431 1.69 19.99 -9.30
C TRP B 431 2.30 21.35 -9.64
N GLY B 432 3.53 21.28 -10.14
CA GLY B 432 4.24 22.47 -10.64
C GLY B 432 5.50 22.84 -9.89
N SER B 433 5.82 24.14 -9.87
CA SER B 433 7.02 24.60 -9.18
C SER B 433 6.84 24.65 -7.67
N GLY B 434 5.59 24.57 -7.20
CA GLY B 434 5.26 24.64 -5.79
C GLY B 434 5.37 23.29 -5.10
N THR B 435 6.38 22.50 -5.46
CA THR B 435 6.53 21.11 -5.04
C THR B 435 7.89 20.81 -4.46
N ALA B 436 7.97 19.63 -3.85
CA ALA B 436 9.21 19.09 -3.28
C ALA B 436 9.20 17.60 -3.54
N ASN B 437 10.37 16.98 -3.43
CA ASN B 437 10.40 15.54 -3.52
C ASN B 437 10.14 14.93 -2.16
N PHE B 438 9.32 13.89 -2.11
CA PHE B 438 8.96 13.28 -0.78
C PHE B 438 10.15 12.45 -0.28
N PRO B 439 10.36 12.35 1.03
CA PRO B 439 11.33 11.32 1.51
C PRO B 439 10.69 9.89 1.59
N TYR B 440 9.36 9.90 1.58
CA TYR B 440 8.45 8.72 1.71
C TYR B 440 7.06 9.34 1.71
N LEU B 441 6.05 8.51 1.61
CA LEU B 441 4.65 9.02 1.73
C LEU B 441 3.79 7.99 2.38
N VAL B 442 3.28 8.32 3.54
CA VAL B 442 2.42 7.41 4.36
C VAL B 442 1.01 7.60 3.81
N THR B 443 0.46 6.54 3.21
CA THR B 443 -0.87 6.59 2.67
C THR B 443 -1.96 6.35 3.71
N PRO B 444 -3.19 6.78 3.43
CA PRO B 444 -4.31 6.44 4.28
C PRO B 444 -4.50 4.96 4.40
N GLU B 445 -4.34 4.23 3.30
CA GLU B 445 -4.37 2.77 3.38
C GLU B 445 -3.45 2.19 4.41
N GLN B 446 -2.19 2.62 4.38
CA GLN B 446 -1.17 2.07 5.27
C GLN B 446 -1.54 2.36 6.72
N ALA B 447 -1.87 3.62 6.99
CA ALA B 447 -2.09 4.04 8.35
C ALA B 447 -3.41 3.46 8.91
N ILE B 448 -4.48 3.43 8.14
CA ILE B 448 -5.70 2.86 8.58
C ILE B 448 -5.56 1.36 8.79
N GLN B 449 -4.98 0.70 7.85
CA GLN B 449 -4.78 -0.72 8.04
C GLN B 449 -3.97 -1.07 9.34
N ARG B 450 -2.86 -0.36 9.56
CA ARG B 450 -2.10 -0.57 10.74
C ARG B 450 -2.99 -0.43 12.00
N GLU B 451 -3.69 0.67 12.03
CA GLU B 451 -4.50 0.96 13.22
C GLU B 451 -5.65 -0.06 13.46
N VAL B 452 -6.32 -0.43 12.39
CA VAL B 452 -7.41 -1.38 12.54
C VAL B 452 -6.89 -2.72 13.08
N ILE B 453 -5.78 -3.16 12.49
CA ILE B 453 -5.20 -4.45 12.83
C ILE B 453 -4.82 -4.41 14.34
N SER B 454 -4.24 -3.30 14.80
CA SER B 454 -3.85 -3.19 16.18
C SER B 454 -5.07 -3.26 17.13
N ASN B 455 -6.22 -2.86 16.68
CA ASN B 455 -7.48 -2.96 17.47
C ASN B 455 -8.22 -4.28 17.28
N GLY B 456 -7.73 -5.24 16.50
CA GLY B 456 -8.44 -6.52 16.29
C GLY B 456 -9.51 -6.48 15.16
N GLY B 457 -9.63 -5.37 14.42
CA GLY B 457 -10.53 -5.29 13.31
C GLY B 457 -9.96 -6.10 12.11
N ASN B 458 -10.84 -6.42 11.16
CA ASN B 458 -10.46 -6.91 9.82
C ASN B 458 -10.56 -5.66 8.94
N VAL B 459 -9.66 -5.57 7.94
CA VAL B 459 -9.59 -4.38 7.08
C VAL B 459 -9.19 -4.79 5.64
N PHE B 460 -9.92 -4.22 4.67
CA PHE B 460 -9.75 -4.46 3.23
C PHE B 460 -9.73 -3.15 2.47
N ALA B 461 -8.76 -3.03 1.58
CA ALA B 461 -8.55 -1.80 0.81
C ALA B 461 -8.75 -2.09 -0.65
N VAL B 462 -9.72 -1.42 -1.27
CA VAL B 462 -9.96 -1.56 -2.71
C VAL B 462 -9.61 -0.23 -3.34
N THR B 463 -8.55 -0.21 -4.17
CA THR B 463 -7.95 1.03 -4.66
C THR B 463 -7.98 1.19 -6.18
N ASP B 464 -8.63 0.29 -6.89
CA ASP B 464 -8.86 0.42 -8.31
C ASP B 464 -10.26 1.05 -8.51
N ASN B 465 -10.29 2.30 -9.02
CA ASN B 465 -11.58 3.02 -9.13
C ASN B 465 -12.52 2.53 -10.27
N GLY B 466 -12.07 1.54 -11.04
CA GLY B 466 -12.92 0.81 -11.90
C GLY B 466 -13.54 -0.45 -11.27
N ALA B 467 -13.03 -0.89 -10.10
CA ALA B 467 -13.45 -2.17 -9.50
C ALA B 467 -14.67 -1.96 -8.59
N LEU B 468 -15.77 -1.55 -9.21
CA LEU B 468 -16.90 -1.01 -8.48
C LEU B 468 -17.61 -2.16 -7.80
N SER B 469 -17.70 -3.34 -8.42
CA SER B 469 -18.42 -4.44 -7.77
C SER B 469 -17.62 -4.93 -6.56
N GLN B 470 -16.30 -4.90 -6.69
CA GLN B 470 -15.43 -5.28 -5.58
C GLN B 470 -15.59 -4.26 -4.40
N MET B 471 -15.67 -2.96 -4.69
CA MET B 471 -15.93 -1.96 -3.67
C MET B 471 -17.31 -2.15 -3.01
N ALA B 472 -18.33 -2.47 -3.83
CA ALA B 472 -19.69 -2.70 -3.31
C ALA B 472 -19.72 -3.84 -2.32
N ASP B 473 -19.06 -4.97 -2.65
CA ASP B 473 -19.04 -6.10 -1.76
C ASP B 473 -18.32 -5.79 -0.44
N VAL B 474 -17.20 -5.09 -0.49
CA VAL B 474 -16.51 -4.69 0.72
C VAL B 474 -17.38 -3.70 1.55
N ALA B 475 -17.93 -2.71 0.88
CA ALA B 475 -18.83 -1.75 1.56
C ALA B 475 -20.02 -2.46 2.22
N SER B 476 -20.62 -3.43 1.57
CA SER B 476 -21.75 -4.19 2.16
C SER B 476 -21.37 -4.96 3.41
N GLN B 477 -20.14 -5.50 3.43
CA GLN B 477 -19.69 -6.30 4.54
C GLN B 477 -19.13 -5.46 5.71
N SER B 478 -18.81 -4.16 5.49
CA SER B 478 -18.12 -3.38 6.49
C SER B 478 -18.98 -2.78 7.60
N SER B 479 -18.37 -2.56 8.75
CA SER B 479 -19.00 -1.82 9.86
C SER B 479 -18.93 -0.31 9.57
N VAL B 480 -17.84 0.11 8.94
CA VAL B 480 -17.62 1.49 8.48
C VAL B 480 -16.88 1.39 7.18
N SER B 481 -17.24 2.22 6.21
CA SER B 481 -16.49 2.35 5.02
C SER B 481 -15.93 3.73 4.92
N LEU B 482 -14.65 3.81 4.59
CA LEU B 482 -14.01 5.11 4.37
C LEU B 482 -13.63 5.23 2.92
N VAL B 483 -14.21 6.18 2.24
CA VAL B 483 -14.06 6.32 0.80
C VAL B 483 -13.28 7.57 0.56
N PHE B 484 -12.27 7.42 -0.27
CA PHE B 484 -11.28 8.44 -0.58
C PHE B 484 -11.42 8.93 -1.98
N VAL B 485 -11.49 10.25 -2.12
CA VAL B 485 -11.60 10.83 -3.43
C VAL B 485 -10.76 12.11 -3.47
N ASN B 486 -10.50 12.59 -4.70
CA ASN B 486 -9.68 13.78 -4.82
C ASN B 486 -9.99 14.65 -6.02
N ALA B 487 -9.35 15.82 -6.02
CA ALA B 487 -9.33 16.74 -7.14
C ALA B 487 -8.03 17.54 -7.13
N ASP B 488 -7.34 17.59 -8.28
CA ASP B 488 -5.99 18.11 -8.42
C ASP B 488 -5.96 19.36 -9.35
N SER B 489 -4.85 20.11 -9.28
CA SER B 489 -4.62 21.24 -10.13
C SER B 489 -3.15 21.63 -9.97
N GLY B 490 -2.68 22.59 -10.75
CA GLY B 490 -1.35 23.05 -10.61
C GLY B 490 -0.93 24.20 -11.47
N GLU B 491 0.39 24.38 -11.56
CA GLU B 491 0.94 25.40 -12.42
C GLU B 491 0.73 25.05 -13.89
N GLY B 492 0.51 26.08 -14.71
CA GLY B 492 0.14 25.90 -16.10
C GLY B 492 1.15 25.33 -17.08
N PHE B 493 2.39 25.13 -16.70
CA PHE B 493 3.35 24.46 -17.60
C PHE B 493 3.10 22.98 -17.69
N ILE B 494 2.16 22.45 -16.89
CA ILE B 494 1.73 21.06 -16.96
C ILE B 494 0.23 20.98 -17.13
N SER B 495 -0.17 20.11 -18.05
CA SER B 495 -1.58 19.79 -18.23
C SER B 495 -1.78 18.29 -17.95
N VAL B 496 -2.73 17.98 -17.09
CA VAL B 496 -3.14 16.58 -16.85
C VAL B 496 -4.60 16.48 -17.28
N ASP B 497 -4.88 15.59 -18.25
CA ASP B 497 -6.26 15.31 -18.70
C ASP B 497 -7.06 16.58 -19.04
N GLY B 498 -6.42 17.52 -19.75
CA GLY B 498 -7.08 18.72 -20.21
C GLY B 498 -7.13 19.83 -19.17
N ASN B 499 -6.55 19.67 -17.96
CA ASN B 499 -6.55 20.70 -16.94
C ASN B 499 -5.24 21.38 -17.11
N GLU B 500 -5.26 22.53 -17.77
CA GLU B 500 -4.04 23.25 -18.12
C GLU B 500 -3.68 24.16 -16.93
N GLY B 501 -3.20 23.50 -15.89
CA GLY B 501 -3.00 24.15 -14.61
C GLY B 501 -4.32 24.38 -13.86
N ASP B 502 -5.07 25.38 -14.31
CA ASP B 502 -6.42 25.62 -13.83
C ASP B 502 -7.27 24.35 -14.02
N ARG B 503 -8.19 24.14 -13.13
CA ARG B 503 -9.10 22.97 -13.26
C ARG B 503 -10.23 23.24 -14.24
N LYS B 504 -10.53 22.29 -15.10
CA LYS B 504 -11.62 22.44 -16.02
C LYS B 504 -13.02 22.20 -15.38
N ASN B 505 -13.10 21.69 -14.16
CA ASN B 505 -14.38 21.63 -13.43
C ASN B 505 -14.06 21.56 -11.95
N LEU B 506 -15.11 21.59 -11.14
CA LEU B 506 -14.97 21.52 -9.71
C LEU B 506 -15.52 20.19 -9.18
N THR B 507 -15.50 19.10 -9.95
CA THR B 507 -15.97 17.84 -9.46
C THR B 507 -14.80 16.83 -9.36
N LEU B 508 -15.10 15.62 -8.95
CA LEU B 508 -14.05 14.68 -8.54
C LEU B 508 -13.29 14.06 -9.72
N TRP B 509 -12.02 13.72 -9.45
CA TRP B 509 -11.17 13.07 -10.41
C TRP B 509 -11.27 11.55 -10.29
N LYS B 510 -10.65 10.85 -11.24
CA LYS B 510 -10.43 9.40 -11.18
C LYS B 510 -11.71 8.55 -10.88
N ASN B 511 -12.86 8.96 -11.42
CA ASN B 511 -14.12 8.20 -11.26
C ASN B 511 -14.67 8.28 -9.92
N GLY B 512 -14.27 9.32 -9.20
CA GLY B 512 -14.68 9.44 -7.81
C GLY B 512 -16.16 9.56 -7.54
N GLU B 513 -16.91 10.17 -8.45
CA GLU B 513 -18.37 10.34 -8.29
C GLU B 513 -19.08 8.93 -8.29
N ALA B 514 -18.66 8.04 -9.15
CA ALA B 514 -19.18 6.69 -9.19
C ALA B 514 -18.71 5.81 -8.00
N VAL B 515 -17.49 6.05 -7.53
CA VAL B 515 -16.96 5.37 -6.36
C VAL B 515 -17.80 5.73 -5.15
N ILE B 516 -18.01 7.03 -4.96
CA ILE B 516 -18.94 7.45 -3.88
C ILE B 516 -20.32 6.82 -4.05
N ASP B 517 -20.86 6.81 -5.24
CA ASP B 517 -22.21 6.22 -5.42
C ASP B 517 -22.27 4.76 -5.03
N THR B 518 -21.24 4.01 -5.42
CA THR B 518 -21.20 2.55 -5.20
C THR B 518 -21.09 2.30 -3.70
N VAL B 519 -20.27 3.06 -2.99
CA VAL B 519 -20.05 2.76 -1.61
C VAL B 519 -21.31 3.18 -0.82
N VAL B 520 -21.77 4.41 -1.03
CA VAL B 520 -22.88 4.93 -0.26
C VAL B 520 -24.15 4.12 -0.49
N SER B 521 -24.37 3.59 -1.70
CA SER B 521 -25.56 2.80 -1.92
C SER B 521 -25.46 1.38 -1.24
N HIS B 522 -24.26 0.95 -0.77
CA HIS B 522 -24.07 -0.34 -0.13
C HIS B 522 -23.67 -0.30 1.35
N CYS B 523 -23.43 0.89 1.91
CA CYS B 523 -23.01 1.00 3.29
C CYS B 523 -23.71 2.18 3.92
N ASN B 524 -24.40 1.95 5.02
CA ASN B 524 -25.12 3.04 5.72
C ASN B 524 -24.26 3.78 6.74
N ASN B 525 -22.96 3.43 6.82
CA ASN B 525 -22.04 4.15 7.64
C ASN B 525 -20.72 4.57 6.84
N THR B 526 -20.92 5.42 5.83
CA THR B 526 -19.89 5.78 4.88
C THR B 526 -19.28 7.14 5.29
N ILE B 527 -17.96 7.14 5.46
CA ILE B 527 -17.19 8.37 5.68
C ILE B 527 -16.47 8.75 4.40
N VAL B 528 -16.68 9.95 3.90
CA VAL B 528 -16.00 10.42 2.71
C VAL B 528 -14.84 11.34 3.08
N VAL B 529 -13.65 11.02 2.61
CA VAL B 529 -12.49 11.87 2.80
C VAL B 529 -12.04 12.42 1.48
N ILE B 530 -11.94 13.73 1.38
CA ILE B 530 -11.57 14.42 0.22
C ILE B 530 -10.16 15.00 0.42
N HIS B 531 -9.26 14.66 -0.47
CA HIS B 531 -7.97 15.40 -0.65
C HIS B 531 -8.05 16.26 -1.86
N SER B 532 -7.89 17.57 -1.74
CA SER B 532 -8.06 18.40 -2.89
C SER B 532 -7.34 19.73 -2.78
N VAL B 533 -7.15 20.35 -3.93
CA VAL B 533 -6.55 21.67 -4.03
C VAL B 533 -7.45 22.83 -3.59
N GLY B 534 -8.73 22.56 -3.43
CA GLY B 534 -9.65 23.64 -3.19
C GLY B 534 -11.05 23.05 -3.19
N PRO B 535 -12.05 23.88 -3.34
CA PRO B 535 -13.45 23.42 -3.22
C PRO B 535 -13.84 22.39 -4.32
N VAL B 536 -14.70 21.49 -3.93
CA VAL B 536 -15.28 20.54 -4.77
C VAL B 536 -16.81 20.68 -4.60
N LEU B 537 -17.58 20.49 -5.67
CA LEU B 537 -19.06 20.62 -5.64
C LEU B 537 -19.62 19.33 -5.15
N ILE B 538 -20.12 19.36 -3.92
CA ILE B 538 -20.60 18.15 -3.29
C ILE B 538 -22.11 18.04 -3.11
N ASP B 539 -22.85 18.99 -3.65
CA ASP B 539 -24.29 19.02 -3.48
C ASP B 539 -25.01 17.71 -3.85
N ARG B 540 -24.56 17.00 -4.85
CA ARG B 540 -25.24 15.77 -5.27
C ARG B 540 -25.27 14.68 -4.21
N TRP B 541 -24.28 14.62 -3.30
CA TRP B 541 -24.19 13.45 -2.39
C TRP B 541 -24.02 13.78 -0.91
N TYR B 542 -23.67 15.01 -0.55
CA TYR B 542 -23.32 15.29 0.83
C TYR B 542 -24.41 15.06 1.82
N ASP B 543 -25.64 15.22 1.39
CA ASP B 543 -26.76 15.11 2.29
C ASP B 543 -27.41 13.74 2.27
N ASN B 544 -26.83 12.76 1.59
CA ASN B 544 -27.29 11.37 1.65
C ASN B 544 -27.14 10.89 3.09
N PRO B 545 -28.21 10.33 3.70
CA PRO B 545 -28.11 9.94 5.11
C PRO B 545 -27.09 8.75 5.36
N ASN B 546 -26.72 8.00 4.34
CA ASN B 546 -25.69 7.02 4.50
C ASN B 546 -24.25 7.58 4.58
N VAL B 547 -24.10 8.86 4.20
CA VAL B 547 -22.84 9.60 4.39
C VAL B 547 -22.88 10.12 5.83
N THR B 548 -22.18 9.44 6.72
CA THR B 548 -22.21 9.76 8.14
C THR B 548 -21.09 10.66 8.58
N ALA B 549 -20.08 10.86 7.75
CA ALA B 549 -19.14 11.97 7.98
C ALA B 549 -18.46 12.35 6.69
N ILE B 550 -17.99 13.60 6.63
CA ILE B 550 -17.25 14.10 5.50
C ILE B 550 -16.08 14.89 6.04
N ILE B 551 -14.91 14.64 5.48
CA ILE B 551 -13.67 15.30 5.82
C ILE B 551 -13.04 15.91 4.57
N TRP B 552 -12.50 17.12 4.71
CA TRP B 552 -11.60 17.69 3.71
C TRP B 552 -10.26 17.78 4.39
N ALA B 553 -9.28 17.08 3.84
CA ALA B 553 -7.94 17.05 4.41
C ALA B 553 -6.87 17.77 3.57
N GLY B 554 -7.24 18.40 2.47
CA GLY B 554 -6.28 19.21 1.73
C GLY B 554 -5.16 18.38 1.08
N LEU B 555 -3.95 18.94 1.18
CA LEU B 555 -2.74 18.36 0.54
C LEU B 555 -1.74 18.18 1.68
N PRO B 556 -1.78 17.04 2.38
CA PRO B 556 -1.11 17.06 3.69
C PRO B 556 0.39 16.73 3.74
N GLY B 557 1.02 16.53 2.60
CA GLY B 557 2.47 16.23 2.67
C GLY B 557 2.70 14.75 3.11
N GLN B 558 3.94 14.50 3.54
CA GLN B 558 4.46 13.13 3.65
C GLN B 558 3.81 12.24 4.70
N GLU B 559 3.20 12.82 5.73
CA GLU B 559 2.58 12.09 6.81
C GLU B 559 1.06 11.91 6.66
N SER B 560 0.55 12.06 5.43
CA SER B 560 -0.87 12.12 5.17
C SER B 560 -1.72 11.09 5.98
N GLY B 561 -1.40 9.80 5.85
CA GLY B 561 -2.16 8.78 6.52
C GLY B 561 -2.14 8.80 8.00
N ASN B 562 -0.99 9.19 8.58
CA ASN B 562 -0.85 9.30 10.02
C ASN B 562 -1.59 10.50 10.57
N SER B 563 -1.55 11.63 9.86
CA SER B 563 -2.29 12.83 10.28
C SER B 563 -3.78 12.49 10.36
N LEU B 564 -4.22 11.72 9.37
CA LEU B 564 -5.61 11.36 9.27
C LEU B 564 -6.04 10.42 10.36
N VAL B 565 -5.31 9.33 10.60
CA VAL B 565 -5.73 8.43 11.65
C VAL B 565 -5.72 9.09 13.04
N ASP B 566 -4.81 10.03 13.27
CA ASP B 566 -4.82 10.78 14.54
C ASP B 566 -6.19 11.44 14.77
N VAL B 567 -6.83 11.97 13.73
CA VAL B 567 -8.16 12.59 13.87
C VAL B 567 -9.25 11.54 13.88
N LEU B 568 -9.17 10.55 12.99
CA LEU B 568 -10.21 9.50 12.95
C LEU B 568 -10.43 8.80 14.25
N TYR B 569 -9.35 8.47 14.98
CA TYR B 569 -9.44 7.85 16.25
C TYR B 569 -9.47 8.81 17.46
N GLY B 570 -9.48 10.10 17.23
CA GLY B 570 -9.66 11.01 18.33
C GLY B 570 -8.45 11.27 19.19
N ARG B 571 -7.25 10.83 18.79
CA ARG B 571 -6.03 11.29 19.47
C ARG B 571 -5.94 12.79 19.30
N VAL B 572 -6.29 13.30 18.13
CA VAL B 572 -6.51 14.72 17.93
C VAL B 572 -8.00 14.93 17.75
N ASN B 573 -8.54 15.88 18.48
CA ASN B 573 -9.89 16.34 18.32
C ASN B 573 -9.87 17.37 17.15
N PRO B 574 -10.56 17.06 16.05
CA PRO B 574 -10.45 18.02 14.93
C PRO B 574 -10.92 19.44 15.27
N SER B 575 -10.15 20.41 14.78
CA SER B 575 -10.37 21.86 15.02
C SER B 575 -10.26 22.69 13.77
N ALA B 576 -9.79 22.12 12.64
CA ALA B 576 -9.67 22.86 11.41
C ALA B 576 -11.04 23.44 10.94
N LYS B 577 -10.97 24.63 10.30
CA LYS B 577 -12.11 25.26 9.70
C LYS B 577 -11.83 25.51 8.24
N THR B 578 -12.83 25.34 7.41
CA THR B 578 -12.62 25.54 6.00
C THR B 578 -12.18 27.00 5.71
N PRO B 579 -11.07 27.16 4.98
CA PRO B 579 -10.57 28.50 4.66
C PRO B 579 -11.13 29.09 3.37
N PHE B 580 -12.10 28.36 2.79
CA PHE B 580 -12.89 28.79 1.67
C PHE B 580 -14.31 28.22 1.79
N THR B 581 -15.22 28.77 0.99
CA THR B 581 -16.63 28.36 0.92
C THR B 581 -16.84 27.11 0.07
N TRP B 582 -17.76 26.23 0.49
CA TRP B 582 -18.26 25.06 -0.27
C TRP B 582 -19.61 25.43 -0.78
N GLY B 583 -19.66 25.84 -2.06
CA GLY B 583 -20.87 26.28 -2.70
C GLY B 583 -21.66 25.21 -3.42
N LYS B 584 -22.89 25.58 -3.78
CA LYS B 584 -23.76 24.63 -4.51
C LYS B 584 -23.42 24.40 -5.94
N THR B 585 -22.94 25.42 -6.62
CA THR B 585 -22.66 25.35 -8.07
C THR B 585 -21.37 26.14 -8.33
N ARG B 586 -20.76 25.96 -9.50
CA ARG B 586 -19.61 26.79 -9.88
C ARG B 586 -19.98 28.27 -9.96
N GLU B 587 -21.18 28.55 -10.46
CA GLU B 587 -21.66 29.90 -10.70
C GLU B 587 -21.83 30.63 -9.36
N SER B 588 -22.08 29.90 -8.28
CA SER B 588 -22.23 30.50 -6.94
CA SER B 588 -22.26 30.56 -6.97
C SER B 588 -21.01 31.31 -6.50
N TYR B 589 -19.83 30.99 -7.03
CA TYR B 589 -18.59 31.63 -6.63
C TYR B 589 -18.31 32.96 -7.32
N GLY B 590 -18.96 33.20 -8.45
CA GLY B 590 -18.71 34.36 -9.27
C GLY B 590 -18.22 34.00 -10.67
N ALA B 591 -17.37 34.86 -11.23
CA ALA B 591 -17.11 34.83 -12.68
C ALA B 591 -16.27 33.60 -13.04
N PRO B 592 -16.47 33.01 -14.24
CA PRO B 592 -15.62 31.91 -14.66
C PRO B 592 -14.20 32.36 -14.93
N LEU B 593 -13.30 31.41 -14.90
CA LEU B 593 -11.95 31.62 -15.45
C LEU B 593 -11.99 32.24 -16.84
N LEU B 594 -11.00 33.05 -17.17
CA LEU B 594 -10.87 33.53 -18.55
C LEU B 594 -10.08 32.51 -19.35
N THR B 595 -10.78 31.77 -20.21
CA THR B 595 -10.16 30.63 -20.95
C THR B 595 -10.25 30.77 -22.47
N GLU B 596 -10.83 31.88 -22.98
CA GLU B 596 -10.81 32.20 -24.41
C GLU B 596 -10.31 33.62 -24.59
N PRO B 597 -9.43 33.83 -25.58
CA PRO B 597 -8.94 35.21 -25.74
C PRO B 597 -10.08 36.16 -26.07
N ASN B 598 -10.11 37.35 -25.48
CA ASN B 598 -11.24 38.28 -25.67
C ASN B 598 -10.79 39.63 -26.16
N ASN B 599 -9.56 39.75 -26.68
CA ASN B 599 -9.02 41.05 -27.13
C ASN B 599 -8.20 40.84 -28.40
N GLY B 600 -8.82 40.18 -29.38
CA GLY B 600 -8.12 39.80 -30.58
C GLY B 600 -7.01 38.84 -30.18
N ASN B 601 -5.84 39.07 -30.76
CA ASN B 601 -4.67 38.36 -30.38
C ASN B 601 -3.73 39.22 -29.49
N GLY B 602 -4.28 40.30 -28.93
CA GLY B 602 -3.61 41.04 -27.87
C GLY B 602 -3.75 40.35 -26.51
N ALA B 603 -3.30 41.02 -25.47
CA ALA B 603 -3.51 40.58 -24.07
C ALA B 603 -4.99 40.32 -23.75
N PRO B 604 -5.33 39.08 -23.40
CA PRO B 604 -6.67 38.86 -22.83
C PRO B 604 -6.91 39.78 -21.61
N GLN B 605 -8.13 40.31 -21.48
CA GLN B 605 -8.43 41.34 -20.46
C GLN B 605 -9.29 40.72 -19.37
N ASP B 606 -8.77 40.66 -18.15
CA ASP B 606 -9.49 40.03 -17.03
C ASP B 606 -9.91 41.16 -16.11
N ASP B 607 -11.15 41.58 -16.26
CA ASP B 607 -11.67 42.70 -15.45
C ASP B 607 -12.19 42.16 -14.11
N PHE B 608 -11.66 42.67 -13.00
CA PHE B 608 -12.01 42.16 -11.63
C PHE B 608 -13.27 42.92 -11.17
N ASN B 609 -14.34 42.70 -11.88
CA ASN B 609 -15.56 43.47 -11.66
C ASN B 609 -16.30 43.25 -10.36
N GLU B 610 -16.05 42.15 -9.70
CA GLU B 610 -16.64 41.86 -8.38
C GLU B 610 -16.02 42.66 -7.23
N GLY B 611 -14.87 43.32 -7.49
CA GLY B 611 -14.17 44.11 -6.48
C GLY B 611 -13.78 43.27 -5.28
N VAL B 612 -14.13 43.70 -4.06
CA VAL B 612 -13.75 42.93 -2.86
C VAL B 612 -14.60 41.66 -2.61
N PHE B 613 -15.58 41.42 -3.47
CA PHE B 613 -16.55 40.39 -3.20
C PHE B 613 -16.12 39.09 -3.87
N ILE B 614 -15.14 38.45 -3.24
CA ILE B 614 -14.77 37.04 -3.57
C ILE B 614 -15.10 36.14 -2.42
N ASP B 615 -15.20 34.85 -2.73
CA ASP B 615 -15.55 33.81 -1.78
C ASP B 615 -16.74 34.25 -0.89
N TYR B 616 -16.63 34.16 0.43
CA TYR B 616 -17.74 34.34 1.31
C TYR B 616 -18.33 35.71 1.15
N ARG B 617 -17.54 36.74 0.78
CA ARG B 617 -18.11 38.07 0.64
C ARG B 617 -19.14 38.06 -0.52
N HIS B 618 -18.87 37.26 -1.56
CA HIS B 618 -19.75 37.17 -2.69
C HIS B 618 -21.03 36.40 -2.34
N PHE B 619 -20.85 35.23 -1.72
CA PHE B 619 -22.01 34.51 -1.24
C PHE B 619 -22.93 35.39 -0.38
N ASP B 620 -22.36 36.12 0.54
CA ASP B 620 -23.13 37.00 1.46
C ASP B 620 -23.87 38.11 0.69
N LYS B 621 -23.21 38.76 -0.26
CA LYS B 621 -23.77 39.86 -0.97
C LYS B 621 -24.94 39.34 -1.85
N ARG B 622 -24.83 38.15 -2.45
CA ARG B 622 -25.92 37.61 -3.23
CA ARG B 622 -25.91 37.61 -3.24
C ARG B 622 -26.91 36.87 -2.38
N ASN B 623 -26.74 36.85 -1.05
CA ASN B 623 -27.65 36.10 -0.16
CA ASN B 623 -27.65 36.09 -0.19
C ASN B 623 -27.78 34.61 -0.59
N GLU B 624 -26.68 34.02 -1.05
CA GLU B 624 -26.62 32.60 -1.41
CA GLU B 624 -26.68 32.58 -1.37
C GLU B 624 -26.32 31.81 -0.14
N THR B 625 -26.83 30.61 -0.05
CA THR B 625 -26.58 29.74 1.09
C THR B 625 -25.53 28.77 0.66
N PRO B 626 -24.35 28.81 1.29
CA PRO B 626 -23.37 27.77 1.00
C PRO B 626 -23.76 26.42 1.55
N ILE B 627 -23.18 25.36 1.02
CA ILE B 627 -23.24 24.05 1.72
C ILE B 627 -22.47 24.14 3.05
N TYR B 628 -21.21 24.62 3.03
CA TYR B 628 -20.39 24.86 4.20
C TYR B 628 -19.73 26.22 4.04
N GLU B 629 -20.01 27.11 4.99
CA GLU B 629 -19.54 28.46 4.95
C GLU B 629 -18.08 28.55 5.31
N PHE B 630 -17.44 29.60 4.81
CA PHE B 630 -16.12 29.99 5.26
C PHE B 630 -16.10 30.00 6.81
N GLY B 631 -15.10 29.30 7.38
CA GLY B 631 -14.94 29.26 8.81
C GLY B 631 -15.68 28.14 9.49
N HIS B 632 -16.36 27.28 8.73
CA HIS B 632 -17.03 26.12 9.33
C HIS B 632 -16.07 24.96 9.58
N GLY B 633 -16.15 24.36 10.76
CA GLY B 633 -15.63 23.00 11.00
C GLY B 633 -16.23 22.43 12.28
N LEU B 634 -16.34 21.13 12.35
CA LEU B 634 -16.87 20.44 13.50
C LEU B 634 -15.77 19.90 14.41
N SER B 635 -16.19 19.65 15.65
CA SER B 635 -15.36 19.08 16.71
C SER B 635 -16.03 17.86 17.31
N TYR B 636 -15.29 17.01 18.03
CA TYR B 636 -15.90 15.99 18.81
C TYR B 636 -16.51 16.55 20.09
N THR B 637 -16.29 17.83 20.37
CA THR B 637 -17.03 18.51 21.44
C THR B 637 -17.85 19.69 20.87
N THR B 638 -18.50 20.48 21.76
CA THR B 638 -19.24 21.66 21.36
C THR B 638 -18.65 22.85 22.12
N PHE B 639 -18.81 24.08 21.55
CA PHE B 639 -18.31 25.28 22.15
C PHE B 639 -19.40 26.33 22.22
N GLY B 640 -19.48 27.08 23.33
CA GLY B 640 -20.50 28.11 23.53
C GLY B 640 -19.82 29.48 23.63
N TYR B 641 -20.55 30.51 23.24
CA TYR B 641 -20.02 31.90 23.16
C TYR B 641 -20.91 32.79 24.01
N SER B 642 -20.31 33.60 24.88
CA SER B 642 -21.08 34.47 25.75
C SER B 642 -20.24 35.74 26.15
N HIS B 643 -20.92 36.69 26.75
CA HIS B 643 -20.27 37.76 27.51
CA HIS B 643 -20.32 37.76 27.49
C HIS B 643 -19.36 38.66 26.60
N LEU B 644 -19.91 39.09 25.45
CA LEU B 644 -19.26 40.03 24.58
C LEU B 644 -19.01 41.36 25.28
N ARG B 645 -17.82 41.85 25.28
CA ARG B 645 -17.53 43.18 25.86
C ARG B 645 -16.70 43.98 24.87
N VAL B 646 -17.00 45.25 24.72
CA VAL B 646 -16.39 46.11 23.77
C VAL B 646 -16.01 47.43 24.44
N GLN B 647 -14.75 47.86 24.30
CA GLN B 647 -14.26 49.07 24.98
C GLN B 647 -13.35 49.86 24.04
N ALA B 648 -13.73 51.12 23.79
CA ALA B 648 -12.85 52.06 23.09
C ALA B 648 -11.60 52.29 23.92
N LEU B 649 -10.44 52.32 23.31
CA LEU B 649 -9.15 52.50 24.10
C LEU B 649 -8.91 53.95 24.48
N ASN B 650 -8.27 54.21 25.63
CA ASN B 650 -8.09 55.61 26.12
C ASN B 650 -7.33 56.40 25.11
N SER B 651 -6.35 55.77 24.50
CA SER B 651 -5.54 56.42 23.48
C SER B 651 -5.26 57.88 23.79
N ALA B 655 -4.36 60.39 17.16
CA ALA B 655 -4.99 60.25 15.87
C ALA B 655 -4.01 59.75 14.74
N TYR B 656 -4.63 59.48 13.60
CA TYR B 656 -3.94 59.10 12.35
C TYR B 656 -3.12 60.35 11.96
N VAL B 657 -1.89 60.16 11.55
CA VAL B 657 -1.02 61.32 11.18
C VAL B 657 -0.58 61.00 9.74
N PRO B 658 -1.31 61.57 8.74
CA PRO B 658 -0.90 61.36 7.31
C PRO B 658 0.57 61.75 7.17
N THR B 659 1.36 60.88 6.56
CA THR B 659 2.77 61.19 6.38
C THR B 659 2.99 62.41 5.46
N SER B 660 3.90 63.29 5.86
CA SER B 660 4.19 64.55 5.16
C SER B 660 5.68 64.81 5.17
N GLY B 661 6.26 65.25 4.05
CA GLY B 661 7.70 65.53 3.98
C GLY B 661 8.30 65.02 2.69
N GLU B 662 9.61 64.86 2.73
CA GLU B 662 10.40 64.49 1.58
C GLU B 662 11.39 63.38 1.90
N THR B 663 11.76 62.63 0.86
CA THR B 663 12.85 61.65 0.95
C THR B 663 14.18 62.44 0.98
N LYS B 664 15.24 61.69 1.22
CA LYS B 664 16.58 62.18 0.89
C LYS B 664 16.80 62.17 -0.60
N PRO B 665 17.82 62.91 -1.10
CA PRO B 665 18.22 62.69 -2.44
C PRO B 665 18.73 61.24 -2.59
N ALA B 666 18.65 60.70 -3.79
CA ALA B 666 19.11 59.37 -4.07
C ALA B 666 20.64 59.29 -3.86
N PRO B 667 21.11 58.35 -3.02
CA PRO B 667 22.55 58.26 -2.78
C PRO B 667 23.29 57.42 -3.86
N THR B 668 24.59 57.62 -4.00
CA THR B 668 25.43 56.74 -4.80
C THR B 668 26.55 56.18 -3.93
N TYR B 669 26.91 54.94 -4.18
CA TYR B 669 27.90 54.23 -3.38
C TYR B 669 28.78 53.45 -4.34
N GLY B 670 30.09 53.63 -4.22
CA GLY B 670 31.05 52.93 -5.10
C GLY B 670 31.29 53.65 -6.46
N GLU B 671 32.54 53.82 -6.86
CA GLU B 671 32.86 54.51 -8.14
C GLU B 671 32.49 53.68 -9.35
N ILE B 672 31.84 54.28 -10.32
CA ILE B 672 31.39 53.55 -11.51
C ILE B 672 32.53 53.19 -12.48
N GLY B 673 33.47 54.09 -12.69
CA GLY B 673 34.59 53.82 -13.67
C GLY B 673 34.13 53.89 -15.10
N SER B 674 34.80 53.19 -16.01
CA SER B 674 34.44 53.28 -17.41
C SER B 674 34.54 51.92 -18.08
N ALA B 675 34.18 51.83 -19.36
CA ALA B 675 34.07 50.57 -20.08
C ALA B 675 35.37 49.76 -20.04
N ALA B 676 36.50 50.44 -20.06
CA ALA B 676 37.81 49.74 -20.01
C ALA B 676 38.01 48.95 -18.73
N ASP B 677 37.25 49.28 -17.64
CA ASP B 677 37.30 48.50 -16.40
C ASP B 677 36.52 47.20 -16.44
N TYR B 678 35.69 47.01 -17.45
CA TYR B 678 34.70 45.97 -17.37
C TYR B 678 34.74 45.05 -18.58
N LEU B 679 35.92 44.92 -19.19
CA LEU B 679 36.10 43.88 -20.22
C LEU B 679 36.18 42.51 -19.57
N TYR B 680 35.88 41.48 -20.35
CA TYR B 680 36.13 40.11 -19.95
C TYR B 680 37.59 39.87 -19.58
N PRO B 681 37.90 39.37 -18.37
CA PRO B 681 39.33 39.16 -18.03
C PRO B 681 40.04 38.25 -19.00
N GLU B 682 41.28 38.60 -19.31
CA GLU B 682 42.06 37.81 -20.24
C GLU B 682 42.23 36.40 -19.66
N GLY B 683 42.08 35.37 -20.48
CA GLY B 683 42.16 33.99 -19.99
C GLY B 683 41.01 33.44 -19.16
N LEU B 684 39.95 34.19 -18.91
CA LEU B 684 38.74 33.57 -18.45
C LEU B 684 38.12 32.78 -19.59
N LYS B 685 37.93 31.49 -19.39
CA LYS B 685 37.19 30.59 -20.32
C LYS B 685 35.69 30.93 -20.20
N ARG B 686 35.07 31.53 -21.21
CA ARG B 686 33.65 31.87 -21.10
C ARG B 686 32.83 30.61 -21.27
N ILE B 687 31.90 30.35 -20.36
CA ILE B 687 31.02 29.21 -20.50
C ILE B 687 29.95 29.57 -21.51
N THR B 688 29.62 28.63 -22.39
CA THR B 688 28.59 28.80 -23.39
C THR B 688 27.27 29.15 -22.73
N LYS B 689 26.67 30.28 -23.17
CA LYS B 689 25.41 30.77 -22.74
C LYS B 689 25.28 31.22 -21.30
N PHE B 690 26.38 31.20 -20.56
CA PHE B 690 26.38 31.69 -19.19
C PHE B 690 26.16 33.20 -19.24
N ILE B 691 25.45 33.77 -18.28
CA ILE B 691 25.23 35.21 -18.25
C ILE B 691 26.28 35.95 -17.39
N TYR B 692 27.08 36.78 -18.05
CA TYR B 692 28.13 37.57 -17.42
C TYR B 692 27.79 39.09 -17.40
N PRO B 693 28.50 39.86 -16.56
CA PRO B 693 28.34 41.31 -16.49
C PRO B 693 29.21 42.15 -17.48
N TRP B 694 30.13 41.48 -18.15
CA TRP B 694 31.23 42.10 -18.79
C TRP B 694 30.96 42.48 -20.27
N LEU B 695 31.86 43.31 -20.83
CA LEU B 695 31.74 43.84 -22.18
C LEU B 695 32.74 43.20 -23.12
N ASN B 696 32.27 42.86 -24.31
CA ASN B 696 33.15 42.36 -25.36
C ASN B 696 34.13 43.43 -25.79
N SER B 697 33.73 44.70 -25.77
CA SER B 697 34.64 45.78 -26.12
C SER B 697 34.23 47.07 -25.49
N THR B 698 35.07 48.11 -25.59
CA THR B 698 34.71 49.39 -25.01
C THR B 698 33.64 50.11 -25.84
N ASP B 699 33.25 49.57 -26.99
CA ASP B 699 32.14 50.10 -27.76
C ASP B 699 30.84 49.57 -27.14
N LEU B 700 30.11 50.47 -26.50
CA LEU B 700 28.96 50.11 -25.73
C LEU B 700 27.85 49.58 -26.63
N GLU B 701 27.61 50.28 -27.72
CA GLU B 701 26.58 49.81 -28.66
C GLU B 701 26.83 48.36 -29.18
N ASP B 702 28.08 48.04 -29.53
CA ASP B 702 28.41 46.70 -30.05
C ASP B 702 28.31 45.64 -28.94
N SER B 703 28.65 46.01 -27.70
CA SER B 703 28.63 45.08 -26.61
C SER B 703 27.19 44.75 -26.22
N SER B 704 26.30 45.74 -26.30
CA SER B 704 24.88 45.54 -26.04
C SER B 704 24.19 44.79 -27.15
N ASP B 705 24.36 45.29 -28.37
CA ASP B 705 23.79 44.74 -29.56
C ASP B 705 22.25 44.87 -29.62
N ASP B 706 21.67 45.76 -28.83
CA ASP B 706 20.21 45.92 -28.85
C ASP B 706 19.82 46.45 -30.21
N PRO B 707 18.84 45.83 -30.90
CA PRO B 707 18.46 46.29 -32.24
C PRO B 707 17.93 47.73 -32.30
N ASN B 708 17.51 48.30 -31.18
CA ASN B 708 17.01 49.71 -31.13
C ASN B 708 17.89 50.61 -30.25
N TYR B 709 19.16 50.20 -30.08
CA TYR B 709 20.11 50.93 -29.23
C TYR B 709 20.19 52.42 -29.54
N GLY B 710 20.12 53.24 -28.52
CA GLY B 710 20.59 54.57 -28.55
C GLY B 710 19.62 55.68 -28.79
N TRP B 711 18.33 55.45 -28.59
CA TRP B 711 17.34 56.54 -28.72
C TRP B 711 17.51 57.62 -27.64
N GLU B 712 17.05 58.82 -27.91
CA GLU B 712 16.82 59.85 -26.91
C GLU B 712 15.89 59.30 -25.79
N ASP B 713 16.21 59.64 -24.55
CA ASP B 713 15.52 59.11 -23.40
C ASP B 713 13.98 59.28 -23.46
N SER B 714 13.55 60.45 -23.86
CA SER B 714 12.12 60.77 -23.87
C SER B 714 11.32 60.01 -24.94
N GLU B 715 11.98 59.36 -25.90
CA GLU B 715 11.27 58.51 -26.84
C GLU B 715 10.83 57.18 -26.24
N TYR B 716 11.39 56.74 -25.13
CA TYR B 716 11.02 55.42 -24.59
C TYR B 716 11.06 55.26 -23.04
N ILE B 717 11.32 56.35 -22.31
CA ILE B 717 11.45 56.36 -20.85
C ILE B 717 10.49 57.42 -20.29
N PRO B 718 9.63 57.07 -19.32
CA PRO B 718 8.72 58.12 -18.81
C PRO B 718 9.44 59.22 -18.00
N GLU B 719 8.80 60.37 -17.90
CA GLU B 719 9.32 61.50 -17.17
C GLU B 719 9.47 61.14 -15.72
N GLY B 720 10.55 61.63 -15.12
CA GLY B 720 10.85 61.41 -13.71
C GLY B 720 11.62 60.10 -13.45
N ALA B 721 11.73 59.21 -14.43
CA ALA B 721 12.35 57.89 -14.21
C ALA B 721 13.83 57.97 -13.87
N ARG B 722 14.47 59.10 -14.24
CA ARG B 722 15.90 59.33 -13.95
C ARG B 722 16.14 60.41 -12.88
N ASP B 723 15.11 60.84 -12.17
CA ASP B 723 15.16 61.98 -11.27
C ASP B 723 15.60 61.46 -9.90
N GLY B 724 16.84 61.73 -9.49
CA GLY B 724 17.29 61.40 -8.17
C GLY B 724 17.13 62.46 -7.12
N SER B 725 16.36 63.50 -7.37
CA SER B 725 16.17 64.52 -6.35
C SER B 725 15.18 64.06 -5.26
N PRO B 726 15.15 64.77 -4.11
CA PRO B 726 14.11 64.45 -3.09
C PRO B 726 12.67 64.40 -3.59
N GLN B 727 11.91 63.40 -3.12
CA GLN B 727 10.55 63.16 -3.55
C GLN B 727 9.58 63.35 -2.41
N PRO B 728 8.32 63.73 -2.72
CA PRO B 728 7.33 63.78 -1.66
C PRO B 728 7.02 62.39 -1.07
N LEU B 729 6.87 62.34 0.27
CA LEU B 729 6.37 61.15 0.96
C LEU B 729 4.87 61.01 0.74
N LEU B 730 4.39 59.79 0.49
CA LEU B 730 2.96 59.55 0.35
C LEU B 730 2.28 59.52 1.70
N LYS B 731 1.05 60.05 1.76
CA LYS B 731 0.30 60.14 3.05
C LYS B 731 0.11 58.75 3.71
N ALA B 732 -0.16 57.74 2.89
CA ALA B 732 -0.44 56.42 3.44
C ALA B 732 0.80 55.58 3.66
N GLY B 733 1.96 56.16 3.34
CA GLY B 733 3.24 55.55 3.64
C GLY B 733 3.76 56.01 4.97
N GLY B 734 5.00 55.63 5.21
CA GLY B 734 5.76 56.04 6.38
C GLY B 734 6.58 55.02 7.12
N ALA B 735 6.35 53.72 6.91
CA ALA B 735 7.13 52.65 7.55
C ALA B 735 6.79 51.40 6.77
N PRO B 736 7.57 50.32 6.98
CA PRO B 736 7.22 49.07 6.27
C PRO B 736 5.80 48.58 6.69
N GLY B 737 4.96 48.34 5.70
CA GLY B 737 3.60 48.00 5.90
C GLY B 737 2.64 49.17 5.79
N GLY B 738 3.19 50.38 5.55
CA GLY B 738 2.42 51.63 5.48
C GLY B 738 2.53 52.51 6.73
N ASN B 739 1.82 53.61 6.71
CA ASN B 739 1.85 54.60 7.77
C ASN B 739 1.71 53.90 9.16
N PRO B 740 2.64 54.14 10.08
CA PRO B 740 2.58 53.40 11.31
C PRO B 740 1.33 53.71 12.18
N THR B 741 0.71 54.86 12.00
CA THR B 741 -0.52 55.17 12.69
C THR B 741 -1.74 54.33 12.22
N LEU B 742 -1.63 53.61 11.10
CA LEU B 742 -2.57 52.57 10.81
C LEU B 742 -2.65 51.48 11.82
N TYR B 743 -1.57 51.25 12.52
CA TYR B 743 -1.47 50.07 13.43
C TYR B 743 -1.69 50.48 14.92
N GLN B 744 -2.19 51.67 15.14
CA GLN B 744 -2.62 52.06 16.47
C GLN B 744 -3.95 51.35 16.92
N ASP B 745 -3.94 50.82 18.13
CA ASP B 745 -5.08 50.07 18.65
C ASP B 745 -6.19 51.06 19.07
N LEU B 746 -7.42 50.77 18.66
CA LEU B 746 -8.54 51.68 18.93
C LEU B 746 -9.63 51.08 19.78
N VAL B 747 -9.84 49.76 19.66
CA VAL B 747 -10.97 49.10 20.40
C VAL B 747 -10.53 47.74 20.90
N ARG B 748 -10.87 47.43 22.15
CA ARG B 748 -10.62 46.11 22.73
C ARG B 748 -11.93 45.33 22.79
N VAL B 749 -11.87 44.04 22.44
CA VAL B 749 -13.05 43.18 22.36
C VAL B 749 -12.75 41.87 23.06
N SER B 750 -13.66 41.46 23.93
CA SER B 750 -13.61 40.19 24.72
C SER B 750 -14.84 39.41 24.51
N ALA B 751 -14.64 38.12 24.42
CA ALA B 751 -15.77 37.16 24.42
C ALA B 751 -15.34 35.93 25.22
N THR B 752 -16.28 35.30 25.90
CA THR B 752 -16.01 34.09 26.66
C THR B 752 -16.36 32.88 25.81
N ILE B 753 -15.40 31.96 25.69
CA ILE B 753 -15.59 30.72 24.98
C ILE B 753 -15.62 29.58 26.00
N THR B 754 -16.64 28.69 25.94
CA THR B 754 -16.81 27.58 26.87
C THR B 754 -16.84 26.28 26.10
N ASN B 755 -16.17 25.25 26.58
CA ASN B 755 -16.31 23.87 26.01
C ASN B 755 -17.56 23.32 26.68
N THR B 756 -18.63 23.22 25.92
CA THR B 756 -19.94 22.85 26.46
C THR B 756 -20.21 21.36 26.25
N GLY B 757 -19.18 20.62 25.79
CA GLY B 757 -19.32 19.16 25.57
C GLY B 757 -18.37 18.35 26.46
N ASN B 758 -18.10 17.11 26.07
CA ASN B 758 -17.48 16.18 26.94
C ASN B 758 -16.06 15.77 26.56
N VAL B 759 -15.49 16.39 25.55
CA VAL B 759 -14.15 16.00 25.06
C VAL B 759 -13.30 17.26 25.02
N ALA B 760 -12.07 17.21 25.51
CA ALA B 760 -11.16 18.32 25.36
C ALA B 760 -10.89 18.62 23.89
N GLY B 761 -10.68 19.91 23.59
CA GLY B 761 -10.24 20.23 22.20
C GLY B 761 -10.06 21.71 21.94
N TYR B 762 -9.48 22.01 20.78
CA TYR B 762 -9.30 23.39 20.34
C TYR B 762 -10.56 23.91 19.66
N GLU B 763 -10.91 25.14 19.92
CA GLU B 763 -11.90 25.88 19.15
C GLU B 763 -11.17 27.01 18.36
N VAL B 764 -11.72 27.41 17.20
CA VAL B 764 -11.23 28.59 16.46
C VAL B 764 -12.30 29.72 16.53
N PRO B 765 -12.26 30.53 17.56
CA PRO B 765 -13.18 31.67 17.53
C PRO B 765 -12.77 32.67 16.48
N GLN B 766 -13.77 33.42 15.96
CA GLN B 766 -13.61 34.32 14.84
C GLN B 766 -14.35 35.59 15.12
N LEU B 767 -13.72 36.69 14.79
CA LEU B 767 -14.29 38.01 15.01
C LEU B 767 -14.38 38.66 13.64
N TYR B 768 -15.57 39.15 13.30
CA TYR B 768 -15.84 39.78 11.99
C TYR B 768 -16.33 41.19 12.30
N VAL B 769 -16.09 42.12 11.38
CA VAL B 769 -16.66 43.45 11.50
C VAL B 769 -17.53 43.79 10.32
N SER B 770 -18.52 44.65 10.53
CA SER B 770 -19.29 45.24 9.48
C SER B 770 -18.83 46.71 9.44
N LEU B 771 -18.18 47.11 8.36
CA LEU B 771 -17.69 48.51 8.28
C LEU B 771 -18.74 49.55 7.92
N GLY B 772 -19.90 49.09 7.40
CA GLY B 772 -21.04 49.91 7.08
C GLY B 772 -20.93 50.62 5.73
N GLY B 773 -22.07 51.08 5.24
CA GLY B 773 -22.12 51.78 4.01
C GLY B 773 -22.58 50.86 2.87
N PRO B 774 -23.08 51.47 1.78
CA PRO B 774 -23.72 50.73 0.74
C PRO B 774 -22.78 49.79 -0.05
N ASN B 775 -21.50 50.15 -0.10
N ASN B 775 -21.56 50.00 -0.44
CA ASN B 775 -20.56 49.43 -0.97
CA ASN B 775 -21.05 48.76 -1.18
C ASN B 775 -19.81 48.21 -0.29
C ASN B 775 -20.00 47.97 -0.38
N GLU B 776 -20.14 47.94 0.96
CA GLU B 776 -19.25 47.21 1.87
C GLU B 776 -19.81 45.84 2.18
N PRO B 777 -18.96 44.84 2.18
CA PRO B 777 -19.48 43.52 2.60
C PRO B 777 -20.15 43.53 3.96
N ARG B 778 -21.15 42.67 4.09
CA ARG B 778 -21.92 42.54 5.35
C ARG B 778 -20.98 42.25 6.53
N VAL B 779 -20.09 41.27 6.35
CA VAL B 779 -19.08 40.97 7.36
C VAL B 779 -17.71 40.69 6.71
N VAL B 780 -16.64 41.09 7.39
CA VAL B 780 -15.28 40.69 6.95
C VAL B 780 -14.54 40.20 8.18
N LEU B 781 -13.79 39.11 8.01
CA LEU B 781 -12.96 38.58 9.06
C LEU B 781 -11.89 39.62 9.49
N ARG B 782 -11.72 39.78 10.81
CA ARG B 782 -10.62 40.62 11.38
C ARG B 782 -9.70 39.96 12.39
N LYS B 783 -10.20 39.06 13.24
CA LYS B 783 -9.40 38.40 14.26
C LYS B 783 -9.79 36.94 14.40
N PHE B 784 -8.80 36.12 14.79
CA PHE B 784 -9.07 34.74 15.06
C PHE B 784 -7.94 34.21 15.96
N ASP B 785 -8.19 33.04 16.60
CA ASP B 785 -7.15 32.33 17.33
C ASP B 785 -7.52 30.87 17.44
N ARG B 786 -6.63 30.02 17.93
CA ARG B 786 -6.97 28.66 18.21
C ARG B 786 -6.69 28.47 19.67
N ILE B 787 -7.70 28.12 20.46
CA ILE B 787 -7.64 28.09 21.89
C ILE B 787 -8.07 26.71 22.44
N PHE B 788 -7.28 26.13 23.34
CA PHE B 788 -7.56 24.80 23.88
C PHE B 788 -8.47 24.86 25.15
N LEU B 789 -9.50 24.04 25.18
CA LEU B 789 -10.40 23.99 26.35
C LEU B 789 -10.72 22.55 26.77
N ALA B 790 -10.49 22.25 28.04
CA ALA B 790 -10.94 21.01 28.65
C ALA B 790 -12.50 21.06 28.77
N PRO B 791 -13.15 19.89 28.97
CA PRO B 791 -14.61 19.92 29.10
C PRO B 791 -15.07 20.79 30.23
N GLY B 792 -16.02 21.65 29.98
CA GLY B 792 -16.52 22.61 30.93
C GLY B 792 -15.69 23.86 31.13
N GLU B 793 -14.48 23.89 30.61
CA GLU B 793 -13.63 25.03 30.84
C GLU B 793 -14.07 26.30 30.04
N GLN B 794 -13.82 27.47 30.59
CA GLN B 794 -14.07 28.74 29.91
C GLN B 794 -12.74 29.51 29.78
N LYS B 795 -12.60 30.30 28.75
CA LYS B 795 -11.50 31.27 28.63
C LYS B 795 -12.06 32.54 28.05
N VAL B 796 -11.51 33.66 28.47
CA VAL B 796 -11.87 34.94 27.90
C VAL B 796 -10.91 35.20 26.72
N TRP B 797 -11.46 35.33 25.51
CA TRP B 797 -10.69 35.67 24.33
C TRP B 797 -10.72 37.17 24.12
N THR B 798 -9.56 37.84 24.28
CA THR B 798 -9.45 39.28 24.07
C THR B 798 -8.54 39.64 22.96
N THR B 799 -8.95 40.61 22.13
CA THR B 799 -8.22 41.04 20.93
C THR B 799 -8.45 42.54 20.79
N THR B 800 -7.67 43.19 19.91
CA THR B 800 -7.81 44.61 19.67
C THR B 800 -7.93 44.87 18.21
N LEU B 801 -8.83 45.77 17.90
CA LEU B 801 -9.01 46.25 16.57
C LEU B 801 -8.17 47.54 16.42
N ASN B 802 -7.33 47.58 15.38
CA ASN B 802 -6.55 48.80 15.12
C ASN B 802 -7.19 49.65 14.02
N ARG B 803 -6.60 50.83 13.76
CA ARG B 803 -7.16 51.77 12.79
C ARG B 803 -7.36 51.11 11.40
N ARG B 804 -6.37 50.39 10.92
CA ARG B 804 -6.52 49.78 9.62
C ARG B 804 -7.69 48.77 9.60
N ASP B 805 -7.86 48.03 10.68
CA ASP B 805 -8.94 47.05 10.81
C ASP B 805 -10.35 47.63 10.59
N LEU B 806 -10.51 48.93 10.82
CA LEU B 806 -11.81 49.61 10.73
C LEU B 806 -11.86 50.62 9.56
N ALA B 807 -10.80 50.71 8.76
CA ALA B 807 -10.72 51.74 7.72
C ALA B 807 -11.10 51.23 6.35
N ASN B 808 -11.39 52.17 5.48
CA ASN B 808 -11.56 51.92 4.04
C ASN B 808 -10.53 52.76 3.30
N TRP B 809 -10.13 52.28 2.12
CA TRP B 809 -9.29 53.03 1.22
C TRP B 809 -10.16 54.07 0.54
N ASP B 810 -9.81 55.31 0.74
CA ASP B 810 -10.48 56.47 0.15
C ASP B 810 -9.64 56.94 -1.06
N VAL B 811 -10.19 56.71 -2.24
CA VAL B 811 -9.55 56.92 -3.53
C VAL B 811 -9.33 58.44 -3.79
N GLU B 812 -10.22 59.27 -3.27
CA GLU B 812 -10.11 60.71 -3.47
C GLU B 812 -8.97 61.28 -2.67
N ALA B 813 -8.85 60.85 -1.42
CA ALA B 813 -7.82 61.30 -0.52
C ALA B 813 -6.48 60.56 -0.74
N GLN B 814 -6.49 59.38 -1.37
CA GLN B 814 -5.31 58.47 -1.46
C GLN B 814 -4.78 58.19 -0.06
N ASP B 815 -5.72 57.72 0.79
CA ASP B 815 -5.45 57.43 2.19
C ASP B 815 -6.50 56.51 2.79
N TRP B 816 -6.14 55.90 3.90
CA TRP B 816 -7.04 55.06 4.68
C TRP B 816 -7.85 55.99 5.59
N VAL B 817 -9.17 55.83 5.63
CA VAL B 817 -10.08 56.65 6.45
CA VAL B 817 -10.08 56.65 6.43
C VAL B 817 -11.09 55.70 7.11
N ILE B 818 -11.33 55.88 8.39
CA ILE B 818 -12.43 55.21 9.06
C ILE B 818 -13.65 56.04 8.73
N THR B 819 -14.62 55.44 7.99
CA THR B 819 -15.76 56.22 7.54
C THR B 819 -16.75 56.49 8.66
N LYS B 820 -17.65 57.45 8.43
N LYS B 820 -17.62 57.49 8.50
CA LYS B 820 -18.69 57.83 9.36
CA LYS B 820 -18.68 57.76 9.45
C LYS B 820 -19.93 56.90 9.28
C LYS B 820 -19.97 56.90 9.27
N TYR B 821 -19.90 55.82 8.50
CA TYR B 821 -20.90 54.79 8.61
C TYR B 821 -20.74 54.04 9.93
N PRO B 822 -21.86 53.62 10.53
CA PRO B 822 -21.83 52.89 11.81
C PRO B 822 -21.24 51.50 11.59
N LYS B 823 -20.49 51.01 12.53
CA LYS B 823 -19.87 49.66 12.42
C LYS B 823 -20.35 48.73 13.55
N LYS B 824 -20.23 47.43 13.29
CA LYS B 824 -20.59 46.41 14.26
C LYS B 824 -19.47 45.39 14.33
N VAL B 825 -19.42 44.70 15.46
CA VAL B 825 -18.52 43.57 15.66
C VAL B 825 -19.36 42.35 15.93
N HIS B 826 -18.89 41.20 15.42
CA HIS B 826 -19.55 39.95 15.53
C HIS B 826 -18.49 38.88 15.97
N VAL B 827 -18.83 38.02 16.91
CA VAL B 827 -17.95 36.94 17.33
C VAL B 827 -18.74 35.62 17.33
N GLY B 828 -18.06 34.58 16.88
CA GLY B 828 -18.68 33.26 16.77
C GLY B 828 -17.72 32.22 16.16
N SER B 829 -18.32 31.15 15.66
CA SER B 829 -17.61 29.97 15.20
C SER B 829 -17.46 29.82 13.70
N SER B 830 -18.08 30.71 12.91
CA SER B 830 -17.91 30.73 11.42
C SER B 830 -18.41 32.07 10.95
N SER B 831 -18.30 32.31 9.63
CA SER B 831 -18.78 33.51 9.00
C SER B 831 -20.30 33.62 9.05
N ARG B 832 -20.99 32.52 9.34
CA ARG B 832 -22.45 32.56 9.41
C ARG B 832 -23.00 32.30 10.83
N LYS B 833 -22.24 31.66 11.72
CA LYS B 833 -22.66 31.40 13.08
C LYS B 833 -22.02 32.41 14.06
N LEU B 834 -22.71 33.52 14.22
CA LEU B 834 -22.19 34.69 14.93
C LEU B 834 -23.22 35.07 16.01
N PRO B 835 -23.28 34.34 17.13
CA PRO B 835 -24.32 34.65 18.14
C PRO B 835 -23.97 35.90 18.94
N LEU B 836 -22.73 36.40 18.92
CA LEU B 836 -22.42 37.63 19.70
C LEU B 836 -22.29 38.80 18.75
N ARG B 837 -22.93 39.94 19.04
CA ARG B 837 -22.82 41.10 18.20
C ARG B 837 -23.08 42.37 18.98
N ALA B 838 -22.47 43.47 18.55
CA ALA B 838 -22.65 44.77 19.23
C ALA B 838 -22.21 45.87 18.34
N PRO B 839 -22.80 47.04 18.52
CA PRO B 839 -22.18 48.20 17.83
C PRO B 839 -20.76 48.46 18.29
N LEU B 840 -19.92 48.95 17.41
CA LEU B 840 -18.62 49.42 17.81
C LEU B 840 -18.77 50.91 18.21
N PRO B 841 -18.02 51.35 19.22
CA PRO B 841 -17.98 52.78 19.55
C PRO B 841 -17.34 53.56 18.40
N ARG B 842 -17.70 54.83 18.28
CA ARG B 842 -17.20 55.65 17.20
C ARG B 842 -15.73 55.98 17.49
N VAL B 843 -14.84 55.57 16.65
CA VAL B 843 -13.41 55.86 16.77
C VAL B 843 -12.89 56.17 15.39
N TYR B 844 -11.85 57.01 15.29
CA TYR B 844 -11.30 57.52 13.96
C TYR B 844 -9.77 57.50 13.84
C1 NAG C . -31.49 -37.62 7.69
C2 NAG C . -32.54 -37.67 8.76
C3 NAG C . -33.62 -36.62 8.46
C4 NAG C . -33.02 -35.25 8.18
C5 NAG C . -31.90 -35.35 7.14
C6 NAG C . -31.15 -34.05 6.96
C7 NAG C . -33.02 -39.77 9.92
C8 NAG C . -33.72 -41.10 9.82
N2 NAG C . -33.12 -38.98 8.84
O3 NAG C . -34.50 -36.57 9.58
O4 NAG C . -34.05 -34.40 7.67
O5 NAG C . -30.94 -36.32 7.56
O6 NAG C . -30.55 -33.64 8.19
O7 NAG C . -32.44 -39.41 10.93
C1 NAG C . -34.52 -33.46 8.62
C2 NAG C . -35.30 -32.41 7.87
C3 NAG C . -35.92 -31.41 8.85
C4 NAG C . -36.69 -32.12 9.96
C5 NAG C . -35.81 -33.20 10.60
C6 NAG C . -36.53 -34.00 11.66
C7 NAG C . -34.88 -31.56 5.59
C8 NAG C . -33.98 -30.70 4.75
N2 NAG C . -34.51 -31.70 6.87
O3 NAG C . -36.79 -30.56 8.10
O4 NAG C . -37.05 -31.19 10.98
O5 NAG C . -35.34 -34.10 9.57
O6 NAG C . -37.76 -34.52 11.16
O7 NAG C . -35.86 -32.14 5.12
C1 BMA C . -38.37 -30.71 10.94
C2 BMA C . -38.75 -30.25 12.35
C3 BMA C . -40.11 -29.56 12.33
C4 BMA C . -40.10 -28.43 11.32
C5 BMA C . -39.72 -28.97 9.95
C6 BMA C . -39.60 -27.89 8.90
O2 BMA C . -37.74 -29.37 12.83
O3 BMA C . -40.46 -29.07 13.62
O4 BMA C . -41.38 -27.79 11.26
O5 BMA C . -38.43 -29.62 10.02
O6 BMA C . -38.59 -26.95 9.26
C1 MAN C . -38.56 -25.84 8.34
C2 MAN C . -37.21 -25.16 8.60
C3 MAN C . -37.25 -24.38 9.91
C4 MAN C . -38.47 -23.46 9.96
C5 MAN C . -39.75 -24.25 9.69
C6 MAN C . -40.98 -23.37 9.63
O2 MAN C . -36.88 -24.30 7.51
O3 MAN C . -36.06 -23.61 10.04
O4 MAN C . -38.56 -22.83 11.24
O5 MAN C . -39.64 -24.91 8.42
O6 MAN C . -42.13 -24.12 9.24
C1 MAN C . -35.51 -23.33 11.33
C2 MAN C . -34.43 -22.29 11.05
C3 MAN C . -33.31 -22.91 10.25
C4 MAN C . -32.74 -24.11 10.98
C5 MAN C . -33.84 -25.11 11.30
C6 MAN C . -33.37 -26.24 12.19
O2 MAN C . -33.89 -21.77 12.27
O3 MAN C . -32.28 -21.95 9.99
O4 MAN C . -31.73 -24.74 10.20
O5 MAN C . -34.93 -24.45 12.02
O6 MAN C . -34.45 -27.14 12.49
C1 MAN C . -34.42 -20.56 12.81
C2 MAN C . -33.51 -20.28 14.00
C3 MAN C . -33.69 -21.34 15.08
C4 MAN C . -35.16 -21.48 15.45
C5 MAN C . -36.01 -21.72 14.21
C6 MAN C . -37.50 -21.75 14.49
O2 MAN C . -33.78 -18.97 14.52
O3 MAN C . -32.92 -21.01 16.23
O4 MAN C . -35.35 -22.56 16.36
O5 MAN C . -35.78 -20.66 13.25
O6 MAN C . -37.86 -20.70 15.39
C1 MAN C . -41.19 -30.06 14.44
C2 MAN C . -42.28 -29.35 15.24
C3 MAN C . -41.65 -28.37 16.23
C4 MAN C . -40.59 -29.05 17.07
C5 MAN C . -39.57 -29.76 16.18
C6 MAN C . -38.55 -30.55 16.97
O2 MAN C . -43.08 -30.30 15.94
O3 MAN C . -42.68 -27.83 17.06
O4 MAN C . -39.90 -28.08 17.87
O5 MAN C . -40.26 -30.70 15.33
O6 MAN C . -38.13 -31.71 16.25
C1 NAG D . -0.46 -51.10 -10.89
C2 NAG D . -0.76 -51.66 -9.50
C3 NAG D . 0.49 -52.32 -8.92
C4 NAG D . 1.15 -53.24 -9.93
C5 NAG D . 1.40 -52.52 -11.25
C6 NAG D . 2.00 -53.41 -12.33
C7 NAG D . -2.59 -50.52 -8.31
C8 NAG D . -2.93 -49.46 -7.28
N2 NAG D . -1.28 -50.66 -8.59
O3 NAG D . 0.15 -53.03 -7.73
O4 NAG D . 2.40 -53.70 -9.39
O5 NAG D . 0.17 -52.02 -11.76
O6 NAG D . 1.12 -54.50 -12.63
O7 NAG D . -3.46 -51.21 -8.84
C1 NAG D . 2.36 -55.05 -9.03
C2 NAG D . 3.76 -55.60 -9.01
C3 NAG D . 3.74 -57.09 -8.70
C4 NAG D . 2.95 -57.39 -7.44
C5 NAG D . 1.63 -56.63 -7.41
C6 NAG D . 0.96 -56.65 -6.05
C7 NAG D . 5.29 -54.28 -10.38
C8 NAG D . 5.84 -54.08 -11.76
N2 NAG D . 4.49 -55.34 -10.23
O3 NAG D . 5.09 -57.51 -8.59
O4 NAG D . 2.65 -58.78 -7.34
O5 NAG D . 1.85 -55.25 -7.73
O6 NAG D . -0.31 -56.01 -6.10
O7 NAG D . 5.59 -53.54 -9.45
C1 BMA D . 3.68 -59.60 -6.83
C2 BMA D . 3.03 -60.79 -6.12
C3 BMA D . 4.09 -61.78 -5.67
C4 BMA D . 5.03 -62.16 -6.82
C5 BMA D . 5.55 -60.92 -7.52
C6 BMA D . 6.33 -61.24 -8.78
O2 BMA D . 2.09 -61.40 -6.99
O3 BMA D . 3.47 -62.95 -5.16
O4 BMA D . 6.13 -62.91 -6.30
O5 BMA D . 4.45 -60.09 -7.92
O6 BMA D . 7.42 -60.33 -8.97
C1 MAN D . 3.29 -63.00 -3.74
C2 MAN D . 2.95 -64.44 -3.34
C3 MAN D . 1.58 -64.83 -3.88
C4 MAN D . 0.53 -63.82 -3.42
C5 MAN D . 0.93 -62.42 -3.85
C6 MAN D . -0.01 -61.35 -3.33
O2 MAN D . 2.98 -64.55 -1.92
O3 MAN D . 1.22 -66.14 -3.46
O4 MAN D . -0.74 -64.16 -3.97
O5 MAN D . 2.25 -62.11 -3.32
O6 MAN D . 0.02 -60.20 -4.18
C1 MAN D . 3.48 -65.79 -1.41
C2 MAN D . 3.40 -65.80 0.11
C3 MAN D . 4.39 -64.82 0.70
C4 MAN D . 5.79 -65.11 0.17
C5 MAN D . 5.78 -65.06 -1.35
C6 MAN D . 7.11 -65.42 -1.96
O2 MAN D . 3.66 -67.11 0.61
O3 MAN D . 4.37 -64.88 2.13
O4 MAN D . 6.72 -64.17 0.69
O5 MAN D . 4.82 -66.02 -1.86
O6 MAN D . 7.15 -65.06 -3.33
C1 MAN D . 2.63 -68.15 0.63
C2 MAN D . 3.24 -69.33 1.38
C3 MAN D . 4.36 -69.96 0.56
C4 MAN D . 3.89 -70.29 -0.84
C5 MAN D . 3.28 -69.07 -1.50
C6 MAN D . 2.70 -69.35 -2.86
O2 MAN D . 2.23 -70.30 1.66
O3 MAN D . 4.83 -71.13 1.22
O4 MAN D . 4.98 -70.77 -1.62
O5 MAN D . 2.22 -68.55 -0.68
O6 MAN D . 2.05 -70.62 -2.88
C1 NAG E . -29.26 -44.29 -8.16
C2 NAG E . -30.01 -43.03 -8.52
C3 NAG E . -30.23 -42.97 -10.03
C4 NAG E . -28.92 -43.18 -10.79
C5 NAG E . -28.18 -44.42 -10.29
C6 NAG E . -26.78 -44.53 -10.88
C7 NAG E . -31.64 -42.00 -6.98
C8 NAG E . -32.90 -42.25 -6.20
N2 NAG E . -31.27 -42.98 -7.82
O3 NAG E . -30.83 -41.73 -10.35
O4 NAG E . -29.17 -43.37 -12.17
O5 NAG E . -28.03 -44.34 -8.86
O6 NAG E . -26.15 -45.74 -10.47
O7 NAG E . -30.97 -40.98 -6.85
C1 NAG E . -29.73 -42.39 -12.95
C2 NAG E . -28.91 -42.28 -14.21
C3 NAG E . -29.62 -41.37 -15.22
C4 NAG E . -31.07 -41.77 -15.42
C5 NAG E . -31.79 -41.89 -14.06
C6 NAG E . -33.20 -42.43 -14.19
C7 NAG E . -26.47 -42.52 -14.06
C8 NAG E . -25.17 -41.79 -13.85
N2 NAG E . -27.58 -41.79 -13.97
O3 NAG E . -28.90 -41.46 -16.44
O4 NAG E . -31.71 -40.77 -16.21
O5 NAG E . -31.06 -42.81 -13.23
O6 NAG E . -33.19 -43.80 -14.58
O7 NAG E . -26.50 -43.73 -14.24
C1 BMA E . -32.50 -41.25 -17.33
C2 BMA E . -33.68 -40.28 -17.37
C3 BMA E . -34.61 -40.63 -18.54
C4 BMA E . -33.82 -40.69 -19.84
C5 BMA E . -32.65 -41.66 -19.70
C6 BMA E . -31.76 -41.68 -20.93
O2 BMA E . -33.20 -38.95 -17.48
O3 BMA E . -35.67 -39.68 -18.64
O4 BMA E . -34.67 -41.12 -20.90
O5 BMA E . -31.82 -41.25 -18.59
O6 BMA E . -31.01 -40.47 -21.05
C1 NAG F . -29.67 -53.49 -5.50
C2 NAG F . -29.57 -54.11 -6.92
C3 NAG F . -28.40 -53.49 -7.69
C4 NAG F . -28.38 -51.97 -7.59
C5 NAG F . -28.56 -51.50 -6.15
C6 NAG F . -28.71 -50.00 -6.02
C7 NAG F . -30.53 -56.36 -6.84
C8 NAG F . -30.25 -57.84 -6.70
N2 NAG F . -29.45 -55.56 -6.90
O3 NAG F . -28.47 -53.92 -9.04
O4 NAG F . -27.12 -51.47 -8.05
O5 NAG F . -29.75 -52.08 -5.61
O6 NAG F . -29.53 -49.47 -7.06
O7 NAG F . -31.67 -55.92 -6.88
C1 NAG F . -26.85 -51.19 -9.36
C2 NAG F . -25.69 -50.14 -9.39
C3 NAG F . -25.14 -50.00 -10.80
C4 NAG F . -24.97 -51.34 -11.53
C5 NAG F . -26.24 -52.17 -11.39
C6 NAG F . -26.13 -53.55 -12.04
C7 NAG F . -25.90 -48.30 -7.77
C8 NAG F . -26.65 -47.03 -7.48
N2 NAG F . -26.21 -48.87 -8.94
O3 NAG F . -23.89 -49.32 -10.72
O4 NAG F . -24.72 -51.07 -12.91
O5 NAG F . -26.51 -52.39 -10.00
O6 NAG F . -27.34 -54.29 -11.85
O7 NAG F . -25.11 -48.81 -6.97
C1 BMA F . -23.52 -51.54 -13.46
C2 BMA F . -23.56 -51.15 -14.93
C3 BMA F . -22.26 -51.53 -15.61
C4 BMA F . -21.07 -50.95 -14.86
C5 BMA F . -21.13 -51.35 -13.39
C6 BMA F . -20.05 -50.68 -12.56
O2 BMA F . -23.82 -49.75 -15.06
O3 BMA F . -22.28 -51.05 -16.96
O4 BMA F . -19.84 -51.42 -15.43
O5 BMA F . -22.39 -50.94 -12.83
O6 BMA F . -19.85 -49.34 -12.98
C1 MAN F . -21.69 -51.97 -17.92
C2 MAN F . -20.70 -51.19 -18.78
C3 MAN F . -21.43 -50.13 -19.60
C4 MAN F . -22.60 -50.74 -20.36
C5 MAN F . -23.50 -51.52 -19.41
C6 MAN F . -24.64 -52.23 -20.11
O2 MAN F . -19.97 -52.05 -19.65
O3 MAN F . -20.51 -49.52 -20.51
O4 MAN F . -23.37 -49.72 -21.00
O5 MAN F . -22.73 -52.53 -18.73
O6 MAN F . -24.13 -53.19 -21.04
C1 MAN F . -18.87 -52.77 -19.08
C2 MAN F . -18.10 -53.26 -20.30
C3 MAN F . -18.90 -54.31 -21.05
C4 MAN F . -19.23 -55.46 -20.12
C5 MAN F . -19.95 -54.95 -18.87
C6 MAN F . -20.14 -56.03 -17.82
O2 MAN F . -16.85 -53.81 -19.90
O3 MAN F . -18.19 -54.77 -22.19
O4 MAN F . -20.04 -56.42 -20.78
O5 MAN F . -19.17 -53.90 -18.24
O6 MAN F . -20.51 -55.46 -16.56
C1 MAN F . -15.68 -52.99 -19.99
C2 MAN F . -14.49 -53.95 -20.03
C3 MAN F . -14.36 -54.69 -18.71
C4 MAN F . -14.29 -53.70 -17.55
C5 MAN F . -15.48 -52.76 -17.58
C6 MAN F . -15.38 -51.65 -16.54
O2 MAN F . -13.29 -53.24 -20.33
O3 MAN F . -13.20 -55.51 -18.72
O4 MAN F . -14.27 -54.41 -16.31
O5 MAN F . -15.56 -52.10 -18.87
O6 MAN F . -16.45 -50.71 -16.68
C1 MAN F . -18.93 -48.62 -12.13
C2 MAN F . -18.81 -47.23 -12.74
C3 MAN F . -18.13 -47.30 -14.11
C4 MAN F . -16.81 -48.06 -14.02
C5 MAN F . -17.02 -49.41 -13.35
C6 MAN F . -15.73 -50.15 -13.11
O2 MAN F . -18.11 -46.39 -11.83
O3 MAN F . -17.88 -45.99 -14.61
O4 MAN F . -16.28 -48.27 -15.32
O5 MAN F . -17.63 -49.23 -12.07
O6 MAN F . -15.99 -51.46 -12.65
C1 MAN F . -18.73 -45.42 -15.57
C2 MAN F . -17.98 -44.30 -16.29
C3 MAN F . -17.65 -43.17 -15.34
C4 MAN F . -18.92 -42.69 -14.67
C5 MAN F . -19.60 -43.85 -13.94
C6 MAN F . -20.91 -43.45 -13.29
O2 MAN F . -18.73 -43.78 -17.37
O3 MAN F . -17.01 -42.10 -16.01
O4 MAN F . -18.63 -41.60 -13.79
O5 MAN F . -19.88 -44.91 -14.88
O6 MAN F . -21.69 -42.64 -14.15
C1 MAN F . -18.40 -44.29 -18.66
C2 MAN F . -18.78 -43.23 -19.70
C3 MAN F . -20.29 -42.99 -19.69
C4 MAN F . -21.05 -44.31 -19.81
C5 MAN F . -20.58 -45.26 -18.72
C6 MAN F . -21.25 -46.62 -18.80
O2 MAN F . -18.34 -43.64 -21.00
O3 MAN F . -20.65 -42.11 -20.75
O4 MAN F . -22.45 -44.08 -19.70
O5 MAN F . -19.18 -45.48 -18.85
O6 MAN F . -20.89 -47.43 -17.68
C1 MAN F . -14.87 -52.17 -12.20
C2 MAN F . -15.37 -53.60 -12.05
C3 MAN F . -16.48 -53.65 -11.02
C4 MAN F . -16.02 -53.06 -9.69
C5 MAN F . -15.42 -51.66 -9.89
C6 MAN F . -14.73 -51.13 -8.65
O2 MAN F . -14.33 -54.48 -11.65
O3 MAN F . -16.90 -55.01 -10.84
O4 MAN F . -17.12 -52.98 -8.78
O5 MAN F . -14.41 -51.71 -10.93
O6 MAN F . -14.12 -49.86 -8.90
C1 MAN F . -13.41 -54.81 -12.69
C2 MAN F . -12.90 -56.20 -12.30
C3 MAN F . -12.10 -56.11 -11.03
C4 MAN F . -10.95 -55.10 -11.18
C5 MAN F . -11.47 -53.76 -11.67
C6 MAN F . -10.37 -52.81 -12.07
O2 MAN F . -12.11 -56.74 -13.35
O3 MAN F . -11.59 -57.40 -10.68
O4 MAN F . -10.30 -54.92 -9.92
O5 MAN F . -12.29 -53.94 -12.86
O6 MAN F . -10.89 -51.66 -12.74
C1 NAG G . -6.88 -8.57 -10.84
C2 NAG G . -6.49 -7.61 -11.97
C3 NAG G . -7.36 -7.84 -13.20
C4 NAG G . -7.51 -9.33 -13.54
C5 NAG G . -7.85 -10.15 -12.30
C6 NAG G . -7.91 -11.64 -12.57
C7 NAG G . -5.56 -5.46 -11.19
C8 NAG G . -5.88 -4.04 -10.83
N2 NAG G . -6.61 -6.23 -11.53
O3 NAG G . -6.77 -7.14 -14.28
O4 NAG G . -8.56 -9.48 -14.49
O5 NAG G . -6.86 -9.91 -11.29
O6 NAG G . -6.66 -12.14 -13.06
O7 NAG G . -4.42 -5.88 -11.16
C1 NAG G . -8.19 -10.27 -15.59
C2 NAG G . -9.45 -10.84 -16.25
C3 NAG G . -9.10 -11.47 -17.60
C4 NAG G . -8.23 -10.56 -18.45
C5 NAG G . -7.01 -10.08 -17.64
C6 NAG G . -6.15 -9.09 -18.41
C7 NAG G . -11.18 -11.49 -14.62
C8 NAG G . -11.76 -12.63 -13.85
N2 NAG G . -10.15 -11.80 -15.43
O3 NAG G . -10.31 -11.78 -18.27
O4 NAG G . -7.78 -11.27 -19.60
O5 NAG G . -7.46 -9.41 -16.46
O6 NAG G . -6.84 -7.85 -18.57
O7 NAG G . -11.59 -10.34 -14.53
C1 BMA G . -8.19 -10.62 -20.81
C2 BMA G . -7.38 -11.28 -21.92
C3 BMA G . -7.69 -10.62 -23.26
C4 BMA G . -9.19 -10.64 -23.52
C5 BMA G . -9.94 -10.01 -22.34
C6 BMA G . -11.46 -10.11 -22.48
O2 BMA G . -7.68 -12.67 -21.96
O3 BMA G . -7.00 -11.28 -24.31
O4 BMA G . -9.48 -9.90 -24.71
O5 BMA G . -9.58 -10.70 -21.12
O6 BMA G . -11.87 -11.44 -22.75
C1 MAN G . -6.00 -10.43 -24.89
C2 MAN G . -5.63 -11.04 -26.24
C3 MAN G . -4.95 -12.38 -26.05
C4 MAN G . -3.78 -12.26 -25.07
C5 MAN G . -4.24 -11.63 -23.77
C6 MAN G . -3.11 -11.38 -22.79
O2 MAN G . -4.80 -10.13 -26.97
O3 MAN G . -4.48 -12.89 -27.30
O4 MAN G . -3.22 -13.55 -24.80
O5 MAN G . -4.85 -10.35 -24.04
O6 MAN G . -3.56 -10.67 -21.65
C1 NAG H . 5.17 -17.82 -18.23
C2 NAG H . 5.32 -16.93 -19.46
C3 NAG H . 4.92 -15.49 -19.13
C4 NAG H . 3.61 -15.41 -18.37
C5 NAG H . 3.59 -16.41 -17.21
C6 NAG H . 2.26 -16.47 -16.51
C7 NAG H . 6.97 -17.18 -21.25
C8 NAG H . 8.37 -16.83 -21.67
N2 NAG H . 6.68 -16.96 -19.97
O3 NAG H . 4.80 -14.84 -20.38
O4 NAG H . 3.43 -14.13 -17.78
O5 NAG H . 3.86 -17.71 -17.71
O6 NAG H . 1.24 -16.92 -17.39
O7 NAG H . 6.15 -17.61 -22.05
C1 NAG H . 3.19 -13.01 -18.64
C1 NAG H . 3.18 -13.03 -18.63
C2 NAG H . 2.38 -11.95 -17.93
C2 NAG H . 2.41 -11.96 -17.86
C3 NAG H . 2.20 -10.73 -18.84
C3 NAG H . 2.23 -10.72 -18.72
C4 NAG H . 3.52 -10.26 -19.43
C4 NAG H . 3.53 -10.29 -19.41
C5 NAG H . 4.34 -11.44 -19.98
C5 NAG H . 4.23 -11.48 -20.06
C6 NAG H . 5.76 -11.06 -20.34
C6 NAG H . 5.61 -11.14 -20.59
C7 NAG H . 0.78 -12.78 -16.27
C7 NAG H . 0.79 -12.72 -16.17
C8 NAG H . -0.62 -13.24 -16.04
C8 NAG H . -0.66 -13.06 -15.95
N2 NAG H . 1.08 -12.43 -17.52
N2 NAG H . 1.12 -12.45 -17.44
O3 NAG H . 1.57 -9.70 -18.10
O3 NAG H . 1.75 -9.68 -17.89
O4 NAG H . 3.24 -9.35 -20.50
O4 NAG H . 3.20 -9.35 -20.43
O5 NAG H . 4.44 -12.45 -18.98
O5 NAG H . 4.41 -12.51 -19.08
O6 NAG H . 6.52 -12.22 -20.67
O6 NAG H . 6.42 -10.52 -19.59
O7 NAG H . 1.61 -12.74 -15.37
O7 NAG H . 1.60 -12.71 -15.25
C1 BMA H . 4.10 -8.22 -20.56
C2 BMA H . 3.99 -7.71 -21.99
C3 BMA H . 4.74 -6.40 -22.14
C4 BMA H . 4.30 -5.40 -21.08
C5 BMA H . 4.43 -6.00 -19.69
C6 BMA H . 3.86 -5.12 -18.62
O2 BMA H . 2.61 -7.54 -22.34
O3 BMA H . 4.56 -5.86 -23.45
O4 BMA H . 5.08 -4.21 -21.17
O5 BMA H . 3.67 -7.22 -19.62
O6 BMA H . 2.49 -4.86 -18.86
C1 MAN H . 1.94 -3.81 -18.07
C2 MAN H . 0.44 -3.72 -18.35
C3 MAN H . 0.20 -3.27 -19.79
C4 MAN H . 0.98 -1.99 -20.07
C5 MAN H . 2.45 -2.21 -19.76
C6 MAN H . 3.30 -0.99 -19.99
O2 MAN H . -0.15 -2.83 -17.42
O3 MAN H . -1.19 -3.06 -20.03
O4 MAN H . 0.81 -1.57 -21.42
O5 MAN H . 2.60 -2.59 -18.38
O6 MAN H . 2.77 0.12 -19.27
C1 MAN H . 3.59 1.23 -19.54
C2 MAN H . 3.18 2.34 -18.57
C3 MAN H . 1.76 2.82 -18.89
C4 MAN H . 1.59 3.14 -20.36
C5 MAN H . 2.07 1.98 -21.22
C6 MAN H . 2.00 2.27 -22.71
O2 MAN H . 4.11 3.42 -18.65
O3 MAN H . 1.46 3.98 -18.10
O4 MAN H . 0.22 3.40 -20.67
O5 MAN H . 3.43 1.67 -20.89
O6 MAN H . 2.88 3.32 -23.07
C1 MAN H . 5.50 3.19 -18.57
C2 MAN H . 6.12 4.43 -17.93
C3 MAN H . 5.94 5.64 -18.83
C4 MAN H . 6.50 5.36 -20.22
C5 MAN H . 5.89 4.08 -20.80
C6 MAN H . 6.55 3.66 -22.10
O2 MAN H . 7.51 4.18 -17.68
O3 MAN H . 6.59 6.78 -18.28
O4 MAN H . 6.21 6.43 -21.11
O5 MAN H . 6.07 2.98 -19.87
O6 MAN H . 5.79 2.64 -22.75
C1 MAN H . -1.55 -3.43 -21.39
C2 MAN H . -3.02 -3.01 -21.40
C3 MAN H . -3.81 -3.87 -20.43
C4 MAN H . -3.66 -5.34 -20.80
C5 MAN H . -2.18 -5.72 -20.88
C6 MAN H . -1.97 -7.12 -21.46
O2 MAN H . -3.53 -3.11 -22.72
O3 MAN H . -5.18 -3.47 -20.46
O4 MAN H . -4.28 -6.17 -19.83
O5 MAN H . -1.48 -4.81 -21.77
O6 MAN H . -0.59 -7.39 -21.67
C1 MAN H . 5.63 -6.27 -24.34
C2 MAN H . 5.81 -5.14 -25.35
C3 MAN H . 4.56 -5.00 -26.20
C4 MAN H . 4.14 -6.33 -26.81
C5 MAN H . 4.03 -7.40 -25.73
C6 MAN H . 3.74 -8.78 -26.29
O2 MAN H . 6.93 -5.37 -26.19
O3 MAN H . 4.79 -4.05 -27.23
O4 MAN H . 2.87 -6.21 -27.46
O5 MAN H . 5.28 -7.49 -25.01
O6 MAN H . 4.34 -9.80 -25.49
C1 MAN H . 8.22 -5.04 -25.64
C2 MAN H . 9.16 -4.91 -26.84
C3 MAN H . 9.31 -6.25 -27.55
C4 MAN H . 9.74 -7.33 -26.56
C5 MAN H . 8.79 -7.37 -25.36
C6 MAN H . 9.24 -8.32 -24.28
O2 MAN H . 10.42 -4.42 -26.39
O3 MAN H . 10.27 -6.15 -28.59
O4 MAN H . 9.75 -8.61 -27.20
O5 MAN H . 8.73 -6.06 -24.76
O6 MAN H . 8.13 -8.84 -23.55
C1 NAG I . 25.63 -3.17 -11.61
C2 NAG I . 25.62 -3.19 -13.13
C3 NAG I . 26.33 -1.95 -13.67
C4 NAG I . 25.80 -0.68 -13.02
C5 NAG I . 25.83 -0.80 -11.50
C6 NAG I . 25.22 0.39 -10.80
C7 NAG I . 25.57 -5.45 -14.13
C8 NAG I . 26.39 -6.66 -14.45
N2 NAG I . 26.25 -4.40 -13.63
O3 NAG I . 26.15 -1.90 -15.08
O4 NAG I . 26.61 0.43 -13.43
O5 NAG I . 25.09 -1.96 -11.09
O6 NAG I . 25.42 0.32 -9.40
O7 NAG I . 24.36 -5.42 -14.32
C1 NAG I . 25.77 1.47 -13.99
C2 NAG I . 26.63 2.65 -14.37
C3 NAG I . 25.78 3.71 -15.07
C4 NAG I . 24.93 3.12 -16.19
C5 NAG I . 24.16 1.89 -15.69
C6 NAG I . 23.47 1.12 -16.80
C7 NAG I . 28.51 2.94 -12.84
C8 NAG I . 29.01 3.67 -11.64
N2 NAG I . 27.25 3.20 -13.20
O3 NAG I . 26.65 4.72 -15.58
O4 NAG I . 24.03 4.12 -16.65
O5 NAG I . 25.07 0.95 -15.10
O6 NAG I . 22.10 1.50 -16.90
O7 NAG I . 29.22 2.16 -13.48
C1 BMA I . 23.94 4.17 -18.09
C2 BMA I . 22.83 5.17 -18.46
C3 BMA I . 22.67 5.26 -19.98
C4 BMA I . 24.02 5.51 -20.65
C5 BMA I . 25.03 4.47 -20.19
C6 BMA I . 26.42 4.70 -20.78
O2 BMA I . 23.13 6.42 -17.87
O3 BMA I . 21.76 6.31 -20.30
O4 BMA I . 23.88 5.45 -22.07
O5 BMA I . 25.16 4.52 -18.76
O6 BMA I . 26.95 5.95 -20.37
C1 NAG J . 30.54 37.57 -11.66
C2 NAG J . 32.01 37.65 -11.31
C3 NAG J . 32.80 36.58 -12.06
C4 NAG J . 32.16 35.20 -11.92
C5 NAG J . 30.66 35.24 -12.18
C6 NAG J . 29.96 33.94 -11.85
C7 NAG J . 33.03 39.83 -10.72
C8 NAG J . 33.48 41.16 -11.26
N2 NAG J . 32.52 38.97 -11.63
O3 NAG J . 34.12 36.58 -11.56
O4 NAG J . 32.75 34.31 -12.87
O5 NAG J . 30.07 36.26 -11.36
O6 NAG J . 30.08 33.61 -10.46
O7 NAG J . 33.12 39.55 -9.53
C1 NAG J . 33.66 33.44 -12.23
C2 NAG J . 34.04 32.32 -13.20
C3 NAG J . 35.07 31.39 -12.56
C4 NAG J . 36.23 32.17 -11.95
C5 NAG J . 35.70 33.29 -11.05
C6 NAG J . 36.80 34.18 -10.49
C7 NAG J . 32.52 31.38 -14.89
C8 NAG J . 31.30 30.53 -15.11
N2 NAG J . 32.87 31.58 -13.61
O3 NAG J . 35.52 30.47 -13.55
O4 NAG J . 37.05 31.31 -11.17
O5 NAG J . 34.81 34.12 -11.80
O6 NAG J . 37.79 34.45 -11.48
O7 NAG J . 33.16 31.83 -15.82
C1 BMA J . 38.15 30.73 -11.87
C2 BMA J . 39.17 30.31 -10.80
C3 BMA J . 40.35 29.61 -11.44
C4 BMA J . 39.88 28.44 -12.29
C5 BMA J . 38.85 28.92 -13.31
C6 BMA J . 38.22 27.78 -14.09
O2 BMA J . 38.52 29.46 -9.86
O3 BMA J . 41.26 29.15 -10.45
O4 BMA J . 40.98 27.83 -12.96
O5 BMA J . 37.76 29.58 -12.64
O6 BMA J . 37.58 26.86 -13.20
C1 MAN J . 37.00 25.74 -13.89
C2 MAN J . 36.03 25.05 -12.93
C3 MAN J . 36.80 24.42 -11.77
C4 MAN J . 37.92 23.52 -12.28
C5 MAN J . 38.80 24.27 -13.28
C6 MAN J . 39.84 23.39 -13.93
O2 MAN J . 35.29 24.07 -13.65
O3 MAN J . 35.90 23.67 -10.96
O4 MAN J . 38.74 23.08 -11.19
O5 MAN J . 37.98 24.79 -14.34
O6 MAN J . 40.79 24.17 -14.64
C1 MAN J . 36.12 23.51 -9.55
C2 MAN J . 35.03 22.50 -9.16
C3 MAN J . 33.65 23.11 -9.36
C4 MAN J . 33.54 24.40 -8.55
C5 MAN J . 34.67 25.36 -8.93
C6 MAN J . 34.72 26.59 -8.05
O2 MAN J . 35.18 22.10 -7.80
O3 MAN J . 32.64 22.19 -8.96
O4 MAN J . 32.28 25.02 -8.79
O5 MAN J . 35.95 24.70 -8.79
O6 MAN J . 35.98 27.25 -8.17
C1 MAN J . 35.91 20.91 -7.49
C2 MAN J . 35.48 20.66 -6.04
C3 MAN J . 35.99 21.76 -5.14
C4 MAN J . 37.50 21.90 -5.30
C5 MAN J . 37.86 22.13 -6.76
C6 MAN J . 39.36 22.14 -7.00
O2 MAN J . 35.96 19.39 -5.61
O3 MAN J . 35.65 21.49 -3.78
O4 MAN J . 37.98 22.99 -4.51
O5 MAN J . 37.33 21.05 -7.56
O6 MAN J . 39.83 23.47 -7.20
C1 MAN J . 42.44 29.95 -10.24
C2 MAN J . 43.37 29.07 -9.40
C3 MAN J . 42.77 28.85 -8.03
C4 MAN J . 42.45 30.17 -7.35
C5 MAN J . 41.55 31.02 -8.24
C6 MAN J . 41.30 32.41 -7.69
O2 MAN J . 44.65 29.69 -9.29
O3 MAN J . 43.66 28.08 -7.21
O4 MAN J . 41.81 29.94 -6.09
O5 MAN J . 42.16 31.18 -9.55
O6 MAN J . 40.24 33.06 -8.40
C1 NAG K . -5.87 50.38 -12.84
C2 NAG K . -4.91 51.06 -11.86
C3 NAG K . -5.70 51.76 -10.75
C4 NAG K . -6.79 52.64 -11.32
C5 NAG K . -7.66 51.87 -12.30
C6 NAG K . -8.70 52.73 -13.01
C7 NAG K . -2.65 50.11 -11.68
C8 NAG K . -1.77 49.17 -10.91
N2 NAG K . -3.93 50.17 -11.28
O3 NAG K . -4.79 52.50 -9.95
O4 NAG K . -7.61 53.13 -10.25
O5 NAG K . -6.83 51.30 -13.34
O6 NAG K . -8.07 53.77 -13.76
O7 NAG K . -2.24 50.77 -12.63
C1 NAG K . -7.44 54.51 -10.07
C2 NAG K . -8.63 55.07 -9.40
C3 NAG K . -8.48 56.59 -9.24
C4 NAG K . -7.17 56.94 -8.55
C5 NAG K . -6.00 56.14 -9.11
C6 NAG K . -4.77 56.20 -8.20
C7 NAG K . -10.67 53.74 -9.70
C8 NAG K . -11.84 53.46 -10.60
N2 NAG K . -9.86 54.76 -10.07
O3 NAG K . -9.60 57.08 -8.51
O4 NAG K . -6.90 58.33 -8.73
O5 NAG K . -6.35 54.76 -9.21
O6 NAG K . -3.64 55.65 -8.87
O7 NAG K . -10.43 53.05 -8.72
C1 BMA K . -7.56 59.23 -7.85
C1 BMA K . -7.53 59.23 -7.84
C2 BMA K . -6.65 60.45 -7.69
C2 BMA K . -6.64 60.44 -7.63
C3 BMA K . -7.30 61.47 -6.76
C3 BMA K . -7.35 61.48 -6.77
C4 BMA K . -8.71 61.81 -7.21
C4 BMA K . -8.74 61.81 -7.33
C5 BMA K . -9.53 60.54 -7.43
C5 BMA K . -9.53 60.53 -7.57
C6 BMA K . -10.88 60.81 -8.06
C6 BMA K . -10.84 60.77 -8.28
O2 BMA K . -6.38 61.02 -8.96
O2 BMA K . -6.26 61.01 -8.88
O3 BMA K . -6.51 62.66 -6.74
O3 BMA K . -6.57 62.67 -6.71
O4 BMA K . -9.35 62.62 -6.22
O4 BMA K . -9.45 62.63 -6.41
O5 BMA K . -8.83 59.66 -8.34
O5 BMA K . -8.77 59.63 -8.42
O6 BMA K . -11.82 59.79 -7.73
O6 BMA K . -10.63 61.40 -9.54
C1 MAN K . -5.64 62.79 -5.63
C2 MAN K . -5.18 64.25 -5.60
C3 MAN K . -4.29 64.55 -6.81
C4 MAN K . -3.14 63.57 -6.87
C5 MAN K . -3.67 62.14 -6.90
C6 MAN K . -2.58 61.09 -6.86
O2 MAN K . -4.48 64.51 -4.39
O3 MAN K . -3.78 65.89 -6.72
O4 MAN K . -2.34 63.81 -8.04
O5 MAN K . -4.51 61.92 -5.73
O6 MAN K . -3.07 59.81 -7.28
C1 MAN K . -4.75 65.79 -3.80
C2 MAN K . -3.89 65.91 -2.54
C3 MAN K . -4.42 64.98 -1.46
C4 MAN K . -5.89 65.28 -1.20
C5 MAN K . -6.69 65.14 -2.49
C6 MAN K . -8.14 65.52 -2.32
O2 MAN K . -3.90 67.26 -2.06
O3 MAN K . -3.67 65.13 -0.26
O4 MAN K . -6.42 64.38 -0.21
O5 MAN K . -6.13 66.01 -3.50
O6 MAN K . -8.90 65.14 -3.47
C1 MAN K . -2.90 68.18 -2.49
C2 MAN K . -2.98 69.30 -1.45
C3 MAN K . -4.33 70.01 -1.54
C4 MAN K . -4.61 70.45 -2.97
C5 MAN K . -4.48 69.28 -3.92
C6 MAN K . -4.64 69.67 -5.37
O2 MAN K . -1.92 70.23 -1.64
O3 MAN K . -4.33 71.14 -0.66
O4 MAN K . -5.93 71.00 -3.06
O5 MAN K . -3.17 68.68 -3.80
O6 MAN K . -3.79 70.77 -5.70
C1 NAG L . 20.52 43.24 -24.72
C2 NAG L . 20.95 41.94 -25.29
C3 NAG L . 20.37 41.76 -26.69
C4 NAG L . 18.85 41.92 -26.67
C5 NAG L . 18.47 43.21 -25.95
C6 NAG L . 16.98 43.33 -25.71
C7 NAG L . 23.12 40.89 -24.72
C8 NAG L . 24.60 41.10 -24.72
N2 NAG L . 22.39 41.85 -25.32
O3 NAG L . 20.73 40.47 -27.17
O4 NAG L . 18.31 41.99 -27.98
O5 NAG L . 19.11 43.25 -24.66
O6 NAG L . 16.63 44.61 -25.16
O7 NAG L . 22.60 39.90 -24.20
C1 NAG L . 18.42 40.88 -28.86
C2 NAG L . 17.09 40.78 -29.54
C3 NAG L . 17.15 39.77 -30.68
C4 NAG L . 18.34 40.04 -31.59
C5 NAG L . 19.63 40.16 -30.80
C6 NAG L . 20.81 40.60 -31.63
C7 NAG L . 15.04 41.21 -28.23
C8 NAG L . 14.04 40.60 -27.29
N2 NAG L . 16.05 40.41 -28.60
O3 NAG L . 15.93 39.81 -31.40
O4 NAG L . 18.46 38.97 -32.53
O5 NAG L . 19.47 41.15 -29.76
O6 NAG L . 20.65 41.96 -32.06
O7 NAG L . 14.97 42.37 -28.61
C1 BMA L . 18.39 39.22 -33.94
C2 BMA L . 19.34 38.20 -34.55
C3 BMA L . 19.36 38.33 -36.07
C4 BMA L . 17.93 38.25 -36.62
C5 BMA L . 17.05 39.29 -35.93
C6 BMA L . 15.60 39.19 -36.37
O2 BMA L . 18.97 36.89 -34.15
O3 BMA L . 20.17 37.30 -36.65
O4 BMA L . 17.94 38.47 -38.03
O5 BMA L . 17.08 39.08 -34.51
O6 BMA L . 15.08 37.88 -36.19
C1 NAG M . 22.08 52.58 -23.25
C2 NAG M . 21.29 53.08 -24.45
C3 NAG M . 19.89 52.45 -24.46
C4 NAG M . 19.95 50.94 -24.26
C5 NAG M . 20.85 50.57 -23.09
C6 NAG M . 21.07 49.08 -22.95
C7 NAG M . 22.11 55.28 -25.10
C8 NAG M . 21.92 56.77 -24.97
N2 NAG M . 21.20 54.52 -24.48
O3 NAG M . 19.26 52.78 -25.69
O4 NAG M . 18.64 50.45 -23.98
O5 NAG M . 22.14 51.16 -23.27
O6 NAG M . 21.25 48.47 -24.23
O7 NAG M . 23.01 54.82 -25.77
C1 NAG M . 17.73 50.09 -24.96
C2 NAG M . 16.73 49.07 -24.31
C3 NAG M . 15.54 48.85 -25.24
C4 NAG M . 15.02 50.14 -25.86
C5 NAG M . 16.15 50.97 -26.44
C6 NAG M . 15.71 52.29 -27.03
C7 NAG M . 17.78 47.36 -22.89
C8 NAG M . 18.60 46.10 -22.91
N2 NAG M . 17.42 47.82 -24.09
O3 NAG M . 14.52 48.20 -24.49
O4 NAG M . 14.10 49.80 -26.90
O5 NAG M . 17.10 51.25 -25.41
O6 NAG M . 16.83 53.02 -27.55
O7 NAG M . 17.50 47.94 -21.84
C1 BMA M . 12.79 50.27 -26.79
C2 BMA M . 12.12 49.77 -28.08
C3 BMA M . 10.63 50.11 -28.05
C4 BMA M . 9.97 49.62 -26.78
C5 BMA M . 10.74 50.12 -25.55
C6 BMA M . 10.23 49.53 -24.25
O2 BMA M . 12.30 48.37 -28.22
O3 BMA M . 9.99 49.52 -29.19
O4 BMA M . 8.62 50.09 -26.69
O5 BMA M . 12.12 49.73 -25.66
O6 BMA M . 9.85 48.17 -24.42
C1 MAN M . 9.03 50.38 -29.85
C2 MAN M . 7.76 49.56 -30.08
C3 MAN M . 8.03 48.43 -31.06
C4 MAN M . 8.72 48.94 -32.33
C5 MAN M . 9.95 49.75 -31.96
C6 MAN M . 10.64 50.35 -33.18
O2 MAN M . 6.68 50.35 -30.56
O3 MAN M . 6.80 47.80 -31.40
O4 MAN M . 9.10 47.85 -33.17
O5 MAN M . 9.57 50.83 -31.10
O6 MAN M . 9.79 51.27 -33.85
C1 MAN M . 5.95 51.11 -29.57
C2 MAN M . 4.62 51.44 -30.24
C3 MAN M . 4.85 52.32 -31.44
C4 MAN M . 5.58 53.59 -31.01
C5 MAN M . 6.87 53.24 -30.28
C6 MAN M . 7.55 54.45 -29.68
O2 MAN M . 3.77 52.09 -29.30
O3 MAN M . 3.62 52.66 -32.08
O4 MAN M . 5.87 54.40 -32.15
O5 MAN M . 6.58 52.33 -29.18
O6 MAN M . 8.55 54.07 -28.72
C1 MAN M . 2.75 51.32 -28.65
C2 MAN M . 1.71 52.33 -28.17
C3 MAN M . 2.29 53.20 -27.06
C4 MAN M . 2.83 52.32 -25.93
C5 MAN M . 3.84 51.32 -26.48
C6 MAN M . 4.30 50.32 -25.45
O2 MAN M . 0.54 51.67 -27.71
O3 MAN M . 1.29 54.08 -26.54
O4 MAN M . 3.43 53.12 -24.93
O5 MAN M . 3.24 50.56 -27.56
O6 MAN M . 5.15 49.34 -26.05
C1 MAN M . 9.52 47.52 -23.18
C2 MAN M . 9.13 46.09 -23.55
C3 MAN M . 7.85 46.09 -24.39
C4 MAN M . 6.74 46.88 -23.69
C5 MAN M . 7.25 48.28 -23.32
C6 MAN M . 6.24 49.06 -22.51
O2 MAN M . 8.98 45.33 -22.35
O3 MAN M . 7.39 44.75 -24.59
O4 MAN M . 5.62 47.00 -24.55
O5 MAN M . 8.43 48.16 -22.51
O6 MAN M . 6.69 50.39 -22.33
C1 MAN M . 7.66 44.11 -25.83
C2 MAN M . 6.65 42.98 -25.99
C3 MAN M . 6.85 41.92 -24.92
C4 MAN M . 8.29 41.43 -24.96
C5 MAN M . 9.23 42.61 -24.73
C6 MAN M . 10.70 42.23 -24.80
O2 MAN M . 6.75 42.35 -27.27
O3 MAN M . 5.96 40.82 -25.12
O4 MAN M . 8.48 40.43 -23.95
O5 MAN M . 9.00 43.62 -25.77
O6 MAN M . 10.95 41.34 -25.86
C1 MAN M . 5.81 42.81 -28.25
C2 MAN M . 5.60 41.69 -29.26
C3 MAN M . 6.91 41.36 -29.97
C4 MAN M . 7.53 42.63 -30.55
C5 MAN M . 7.68 43.68 -29.46
C6 MAN M . 8.23 44.99 -29.97
O2 MAN M . 4.58 42.04 -30.18
O3 MAN M . 6.67 40.40 -31.00
O4 MAN M . 8.80 42.33 -31.12
O5 MAN M . 6.40 43.95 -28.88
O6 MAN M . 8.47 45.89 -28.88
C1 MAN M . 5.93 51.16 -21.42
C2 MAN M . 6.44 52.58 -21.64
C3 MAN M . 7.91 52.66 -21.30
C4 MAN M . 8.17 52.15 -19.89
C5 MAN M . 7.56 50.76 -19.69
C6 MAN M . 7.59 50.30 -18.23
O2 MAN M . 5.71 53.50 -20.84
O3 MAN M . 8.36 54.02 -21.44
O4 MAN M . 9.58 52.09 -19.63
O5 MAN M . 6.16 50.78 -20.07
O6 MAN M . 6.96 49.04 -18.08
C1 MAN M . 4.40 53.79 -21.30
C2 MAN M . 4.13 55.20 -20.78
C3 MAN M . 4.05 55.19 -19.27
C4 MAN M . 2.99 54.21 -18.80
C5 MAN M . 3.24 52.82 -19.39
C6 MAN M . 2.09 51.86 -19.14
O2 MAN M . 2.92 55.69 -21.34
O3 MAN M . 3.75 56.50 -18.78
O4 MAN M . 3.02 54.10 -17.37
O5 MAN M . 3.36 52.92 -20.84
O6 MAN M . 2.23 50.68 -19.90
C1 NAG N . 0.56 7.83 -13.41
C2 NAG N . -0.36 6.85 -14.16
C3 NAG N . -0.19 7.02 -15.67
C4 NAG N . -0.24 8.49 -16.08
C5 NAG N . 0.70 9.33 -15.22
C6 NAG N . 0.63 10.82 -15.53
C7 NAG N . -0.77 4.76 -12.92
C8 NAG N . -0.33 3.33 -12.75
N2 NAG N . -0.02 5.50 -13.77
O3 NAG N . -1.21 6.29 -16.34
O4 NAG N . 0.16 8.58 -17.45
O5 NAG N . 0.37 9.15 -13.85
O6 NAG N . -0.71 11.30 -15.41
O7 NAG N . -1.71 5.25 -12.32
C1 NAG N . -0.82 9.21 -18.26
C2 NAG N . -0.03 9.69 -19.47
C3 NAG N . -0.98 10.25 -20.52
C4 NAG N . -2.15 9.30 -20.79
C5 NAG N . -2.82 8.87 -19.48
C6 NAG N . -3.89 7.80 -19.69
C7 NAG N . 2.27 10.46 -19.03
C8 NAG N . 3.12 11.66 -18.71
N2 NAG N . 0.95 10.69 -19.13
O3 NAG N . -0.24 10.49 -21.71
O4 NAG N . -3.12 9.98 -21.60
O5 NAG N . -1.84 8.29 -18.61
O6 NAG N . -3.31 6.61 -20.24
O7 NAG N . 2.74 9.34 -19.12
C1 BMA N . -3.32 9.31 -22.81
C2 BMA N . -4.63 9.88 -23.36
C3 BMA N . -4.97 9.24 -24.69
C4 BMA N . -3.79 9.32 -25.66
C5 BMA N . -2.51 8.79 -25.00
C6 BMA N . -1.29 8.98 -25.87
O2 BMA N . -4.55 11.30 -23.48
O3 BMA N . -6.11 9.90 -25.24
O4 BMA N . -4.07 8.56 -26.83
O5 BMA N . -2.28 9.50 -23.77
O6 BMA N . -1.10 10.35 -26.23
C1 MAN N . -7.30 9.08 -25.18
C2 MAN N . -8.30 9.73 -26.13
C3 MAN N . -8.76 11.07 -25.58
C4 MAN N . -9.34 10.88 -24.19
C5 MAN N . -8.31 10.21 -23.28
C6 MAN N . -8.87 9.86 -21.92
O2 MAN N . -9.42 8.88 -26.36
O3 MAN N . -9.75 11.65 -26.44
O4 MAN N . -9.70 12.14 -23.63
O5 MAN N . -7.87 8.96 -23.87
O6 MAN N . -7.88 9.24 -21.10
C1 MAN N . -9.27 7.73 -27.19
C2 MAN N . -10.71 7.28 -27.43
C3 MAN N . -11.33 6.79 -26.13
C4 MAN N . -10.46 5.70 -25.49
C5 MAN N . -9.03 6.22 -25.32
C6 MAN N . -8.08 5.16 -24.82
O2 MAN N . -10.73 6.28 -28.43
O3 MAN N . -12.64 6.27 -26.37
O4 MAN N . -10.98 5.33 -24.22
O5 MAN N . -8.52 6.66 -26.60
O6 MAN N . -6.76 5.69 -24.66
C1 NAG O . -13.81 16.86 -14.35
C2 NAG O . -14.51 15.85 -15.27
C3 NAG O . -13.91 14.46 -15.09
C4 NAG O . -12.39 14.47 -15.08
C5 NAG O . -11.85 15.55 -14.16
C6 NAG O . -10.35 15.70 -14.24
C7 NAG O . -16.87 15.90 -15.99
C8 NAG O . -18.28 15.58 -15.57
N2 NAG O . -15.93 15.80 -15.03
O3 NAG O . -14.42 13.67 -16.16
O4 NAG O . -11.90 13.21 -14.63
O5 NAG O . -12.41 16.83 -14.52
O6 NAG O . -9.91 15.86 -15.57
O7 NAG O . -16.60 16.31 -17.12
C1 NAG O . -12.19 12.04 -15.33
C2 NAG O . -11.11 10.99 -15.02
C3 NAG O . -11.38 9.70 -15.80
C4 NAG O . -12.83 9.24 -15.68
C5 NAG O . -13.79 10.41 -15.93
C6 NAG O . -15.24 10.05 -15.69
C7 NAG O . -8.90 11.84 -14.38
C8 NAG O . -7.59 12.34 -14.90
N2 NAG O . -9.80 11.48 -15.32
O3 NAG O . -10.48 8.71 -15.34
O4 NAG O . -13.04 8.22 -16.66
O5 NAG O . -13.45 11.49 -15.05
O6 NAG O . -15.45 9.63 -14.35
O7 NAG O . -9.17 11.84 -13.19
C1 BMA O . -13.78 7.10 -16.25
C2 BMA O . -14.40 6.48 -17.50
C3 BMA O . -15.12 5.19 -17.15
C4 BMA O . -14.18 4.24 -16.41
C5 BMA O . -13.56 4.94 -15.20
C6 BMA O . -12.51 4.11 -14.51
O2 BMA O . -13.41 6.23 -18.49
O3 BMA O . -15.61 4.56 -18.34
O4 BMA O . -14.90 3.08 -15.98
O5 BMA O . -12.90 6.16 -15.63
O6 BMA O . -11.42 3.84 -15.39
C1 MAN O . -10.63 2.80 -14.91
C2 MAN O . -9.46 2.66 -15.90
C3 MAN O . -9.94 2.12 -17.23
C4 MAN O . -10.75 0.85 -17.04
C5 MAN O . -11.89 1.13 -16.07
C6 MAN O . -12.74 -0.09 -15.78
O2 MAN O . -8.48 1.80 -15.32
O3 MAN O . -8.81 1.87 -18.07
O4 MAN O . -11.27 0.38 -18.28
O5 MAN O . -11.36 1.57 -14.82
O6 MAN O . -11.96 -1.14 -15.24
C1 MAN O . -12.72 -2.29 -15.02
C2 MAN O . -11.86 -3.38 -14.37
C3 MAN O . -10.83 -3.91 -15.36
C4 MAN O . -11.49 -4.30 -16.67
C5 MAN O . -12.29 -3.13 -17.21
C6 MAN O . -13.00 -3.45 -18.52
O2 MAN O . -12.69 -4.44 -13.88
O3 MAN O . -10.16 -5.05 -14.80
O4 MAN O . -10.50 -4.69 -17.62
O5 MAN O . -13.28 -2.75 -16.24
O6 MAN O . -14.01 -4.43 -18.32
C1 MAN O . -13.84 -4.15 -13.12
C2 MAN O . -14.06 -5.34 -12.19
C3 MAN O . -14.32 -6.61 -12.99
C4 MAN O . -15.49 -6.41 -13.94
C5 MAN O . -15.29 -5.17 -14.81
C6 MAN O . -16.52 -4.80 -15.61
O2 MAN O . -15.15 -5.05 -11.31
O3 MAN O . -14.59 -7.70 -12.11
O4 MAN O . -15.61 -7.54 -14.81
O5 MAN O . -14.99 -4.02 -13.96
O6 MAN O . -16.22 -3.80 -16.58
C1 MAN O . -9.08 1.99 -19.49
C2 MAN O . -7.73 1.63 -20.11
C3 MAN O . -6.68 2.67 -19.75
C4 MAN O . -7.14 4.06 -20.17
C5 MAN O . -8.53 4.36 -19.60
C6 MAN O . -9.13 5.64 -20.13
O2 MAN O . -7.89 1.52 -21.52
O3 MAN O . -5.44 2.35 -20.38
O4 MAN O . -6.22 5.05 -19.72
O5 MAN O . -9.45 3.30 -19.95
O6 MAN O . -10.38 5.92 -19.49
C1 MAN O . -16.94 4.95 -18.74
C2 MAN O . -17.54 3.73 -19.44
C3 MAN O . -16.79 3.46 -20.73
C4 MAN O . -16.73 4.70 -21.61
C5 MAN O . -16.15 5.87 -20.81
C6 MAN O . -16.18 7.18 -21.57
O2 MAN O . -18.93 3.92 -19.71
O3 MAN O . -17.44 2.40 -21.45
O4 MAN O . -15.90 4.46 -22.74
O5 MAN O . -16.93 6.08 -19.62
O6 MAN O . -15.94 8.28 -20.70
C1 MAN O . -19.75 3.66 -18.54
C2 MAN O . -21.16 3.51 -19.08
C3 MAN O . -21.69 4.85 -19.58
C4 MAN O . -21.56 5.92 -18.50
C5 MAN O . -20.12 5.98 -17.99
C6 MAN O . -19.94 6.95 -16.82
O2 MAN O . -21.99 2.96 -18.06
O3 MAN O . -23.06 4.72 -19.97
O4 MAN O . -21.93 7.19 -19.01
O5 MAN O . -19.72 4.68 -17.52
O6 MAN O . -18.71 7.67 -16.95
C1 NAG P . -27.84 3.01 2.57
C2 NAG P . -28.64 2.98 1.25
C3 NAG P . -29.53 1.73 1.20
C4 NAG P . -28.74 0.48 1.53
C5 NAG P . -28.05 0.65 2.88
C6 NAG P . -27.20 -0.56 3.27
C7 NAG P . -29.10 5.17 0.21
C8 NAG P . -29.98 6.39 0.26
N2 NAG P . -29.43 4.17 1.06
O3 NAG P . -30.09 1.65 -0.10
O4 NAG P . -29.62 -0.64 1.58
O5 NAG P . -27.16 1.79 2.83
O6 NAG P . -26.54 -0.35 4.51
O7 NAG P . -28.15 5.08 -0.56
C1 NAG P . -29.14 -1.80 0.84
C2 NAG P . -30.16 -2.95 1.02
C3 NAG P . -29.81 -4.12 0.10
C4 NAG P . -29.38 -3.68 -1.29
C5 NAG P . -28.31 -2.59 -1.21
C6 NAG P . -27.83 -2.11 -2.56
C7 NAG P . -30.92 -2.93 3.35
C8 NAG P . -30.48 -3.21 4.75
N2 NAG P . -30.13 -3.40 2.39
O3 NAG P . -30.95 -4.98 0.04
O4 NAG P . -28.86 -4.80 -2.02
O5 NAG P . -28.85 -1.47 -0.50
O6 NAG P . -28.86 -1.40 -3.23
O7 NAG P . -31.96 -2.33 3.11
C1 BMA P . -29.53 -4.92 -3.27
C2 BMA P . -28.83 -5.99 -4.13
C3 BMA P . -29.51 -6.11 -5.49
C4 BMA P . -31.01 -6.34 -5.32
C5 BMA P . -31.60 -5.23 -4.44
C6 BMA P . -33.10 -5.41 -4.18
O2 BMA P . -28.85 -7.23 -3.43
O3 BMA P . -28.93 -7.19 -6.22
O4 BMA P . -31.66 -6.34 -6.59
O5 BMA P . -30.93 -5.21 -3.17
O6 BMA P . -33.46 -6.79 -4.10
C1 NAG Q . 28.74 -0.55 -5.70
C2 NAG Q . 29.71 -1.12 -4.65
C3 NAG Q . 30.47 0.01 -3.98
C4 NAG Q . 31.04 1.00 -4.98
C5 NAG Q . 29.92 1.51 -5.91
C6 NAG Q . 30.43 2.46 -6.99
C7 NAG Q . 28.93 -3.26 -3.69
C8 NAG Q . 27.68 -3.86 -3.09
N2 NAG Q . 29.00 -1.92 -3.67
O3 NAG Q . 31.51 -0.55 -3.18
O4 NAG Q . 31.62 2.10 -4.30
O5 NAG Q . 29.33 0.38 -6.58
O6 NAG Q . 30.36 1.87 -8.28
O7 NAG Q . 29.82 -3.95 -4.17
C1 NAG R . -39.39 -39.69 -5.82
C2 NAG R . -38.81 -39.55 -7.27
C3 NAG R . -38.50 -38.08 -7.56
C4 NAG R . -39.65 -37.16 -7.19
C5 NAG R . -40.06 -37.40 -5.74
C6 NAG R . -41.24 -36.55 -5.30
C7 NAG R . -37.73 -41.67 -7.82
C8 NAG R . -36.48 -42.48 -7.69
N2 NAG R . -37.64 -40.37 -7.46
O3 NAG R . -38.17 -37.95 -8.94
O4 NAG R . -39.25 -35.81 -7.37
O5 NAG R . -40.44 -38.77 -5.56
O6 NAG R . -42.38 -36.79 -6.11
O7 NAG R . -38.77 -42.15 -8.23
C1 EDO S . 12.82 9.14 -8.52
O1 EDO S . 13.37 9.75 -7.30
C2 EDO S . 12.68 10.18 -9.66
O2 EDO S . 13.97 10.70 -10.09
C1 EDO T . 15.71 -2.61 13.06
O1 EDO T . 14.80 -1.72 12.35
C2 EDO T . 17.18 -2.20 12.99
O2 EDO T . 17.36 -0.96 13.71
C1 EDO U . 2.09 1.21 8.75
O1 EDO U . 2.84 2.26 9.44
C2 EDO U . 2.61 -0.24 8.62
O2 EDO U . 2.40 -1.30 9.62
C1 EDO V . 1.72 -7.72 14.03
O1 EDO V . 2.15 -9.08 13.74
C2 EDO V . 0.24 -7.48 13.62
O2 EDO V . 0.06 -7.39 12.22
C1 EDO W . -18.95 -16.85 -0.07
O1 EDO W . -19.39 -15.62 -0.67
C2 EDO W . -17.42 -16.94 0.08
O2 EDO W . -16.70 -16.06 1.02
C1 EDO X . -31.56 -50.54 15.47
O1 EDO X . -31.47 -51.80 16.14
C2 EDO X . -32.79 -49.79 15.94
O2 EDO X . -33.91 -50.21 15.16
C1 EDO Y . -31.76 -39.51 -3.33
O1 EDO Y . -31.08 -39.85 -2.10
C2 EDO Y . -32.53 -38.21 -3.20
O2 EDO Y . -33.05 -38.01 -1.90
C1 EDO Z . -23.94 -38.71 21.08
O1 EDO Z . -22.68 -39.42 21.19
C2 EDO Z . -24.03 -37.85 19.82
O2 EDO Z . -23.07 -36.78 19.87
C1 EDO AA . -15.39 -27.00 -4.53
O1 EDO AA . -14.12 -27.13 -3.87
C2 EDO AA . -15.31 -26.01 -5.72
O2 EDO AA . -15.23 -24.62 -5.35
C1 EDO BA . -19.22 -20.33 -3.12
O1 EDO BA . -19.11 -18.97 -2.68
C2 EDO BA . -18.64 -20.60 -4.50
O2 EDO BA . -19.53 -21.50 -5.19
C1 EDO CA . -7.81 -55.95 9.16
O1 EDO CA . -8.05 -55.95 10.57
C2 EDO CA . -6.38 -55.57 8.87
O2 EDO CA . -6.15 -54.27 9.41
C1 EDO DA . 29.83 -14.69 11.50
O1 EDO DA . 28.44 -14.66 11.91
C2 EDO DA . 30.10 -15.50 10.24
O2 EDO DA . 29.27 -15.14 9.14
C1 EDO EA . -16.68 -38.54 25.14
O1 EDO EA . -16.81 -39.90 24.70
C2 EDO EA . -15.66 -37.77 24.23
O2 EDO EA . -15.37 -38.30 22.92
C1 EDO FA . -5.21 -32.67 23.64
O1 EDO FA . -6.48 -33.32 23.53
C2 EDO FA . -5.35 -31.38 24.44
O2 EDO FA . -5.07 -30.22 23.65
C1 EDO GA . 26.93 -43.07 20.36
O1 EDO GA . 26.58 -44.34 19.83
C2 EDO GA . 25.74 -42.17 20.08
O2 EDO GA . 24.99 -42.68 18.96
C1 EDO HA . 20.92 6.96 7.67
O1 EDO HA . 21.82 6.27 8.55
C2 EDO HA . 19.56 6.32 7.88
O2 EDO HA . 19.04 7.05 8.95
C1 EDO IA . -9.14 -34.38 22.03
O1 EDO IA . -8.64 -34.37 20.68
C2 EDO IA . -9.64 -33.00 22.41
O2 EDO IA . -10.97 -33.08 22.96
C1 EDO JA . -13.51 -30.05 -1.51
O1 EDO JA . -13.03 -28.81 -2.00
C2 EDO JA . -12.35 -30.98 -1.37
O2 EDO JA . -11.41 -30.44 -0.43
C1 EDO KA . -16.70 -31.24 -9.35
O1 EDO KA . -16.11 -31.34 -10.64
C2 EDO KA . -16.62 -29.79 -8.98
O2 EDO KA . -15.27 -29.41 -9.22
N1 IMD LA . -24.52 -57.83 -18.06
C2 IMD LA . -23.24 -57.49 -18.18
N3 IMD LA . -23.02 -57.10 -19.47
C4 IMD LA . -24.18 -57.21 -20.13
C5 IMD LA . -25.10 -57.66 -19.24
N1 IMD MA . -8.23 -11.27 17.43
C2 IMD MA . -9.42 -10.68 17.74
N3 IMD MA . -9.82 -9.92 16.69
C4 IMD MA . -8.89 -10.04 15.70
C5 IMD MA . -7.88 -10.85 16.18
N1 IMD NA . -28.88 -59.83 -3.47
C2 IMD NA . -27.64 -59.76 -4.03
N3 IMD NA . -26.99 -60.94 -3.79
C4 IMD NA . -27.81 -61.75 -3.07
C5 IMD NA . -28.99 -61.05 -2.88
C1 EDO OA . -12.28 -15.33 -23.60
O1 EDO OA . -11.49 -16.51 -23.43
C2 EDO OA . -11.93 -14.69 -24.94
O2 EDO OA . -12.76 -13.56 -25.20
C1 NAG PA . -27.28 0.75 9.58
C2 NAG PA . -27.61 1.45 10.95
C3 NAG PA . -27.74 0.40 12.06
C4 NAG PA . -28.52 -0.81 11.59
C5 NAG PA . -27.83 -1.42 10.37
C6 NAG PA . -28.47 -2.71 9.91
C7 NAG PA . -26.66 3.73 10.91
C8 NAG PA . -25.32 4.39 10.79
N2 NAG PA . -26.64 2.45 11.33
O3 NAG PA . -28.36 1.01 13.19
O4 NAG PA . -28.60 -1.78 12.64
O5 NAG PA . -27.88 -0.50 9.28
O6 NAG PA . -27.84 -3.83 10.51
O7 NAG PA . -27.71 4.31 10.67
C1 NAG QA . 30.72 38.51 -27.51
C2 NAG QA . 29.44 38.26 -28.29
C3 NAG QA . 29.06 36.79 -28.25
C4 NAG QA . 30.22 35.90 -28.64
C5 NAG QA . 31.46 36.23 -27.81
C6 NAG QA . 32.70 35.47 -28.25
C7 NAG QA . 27.99 40.22 -28.51
C8 NAG QA . 26.96 41.08 -27.84
N2 NAG QA . 28.34 39.10 -27.86
O3 NAG QA . 27.94 36.57 -29.09
O4 NAG QA . 29.88 34.52 -28.46
O5 NAG QA . 31.77 37.64 -27.94
O6 NAG QA . 33.67 36.33 -28.82
O7 NAG QA . 28.48 40.53 -29.59
C1 EDO RA . 11.05 36.25 -22.54
O1 EDO RA . 9.65 36.14 -22.80
C2 EDO RA . 11.31 37.58 -21.80
O2 EDO RA . 10.86 38.72 -22.56
C1 EDO SA . -15.03 -9.38 -0.39
O1 EDO SA . -14.98 -9.85 1.01
C2 EDO SA . -15.50 -10.49 -1.34
O2 EDO SA . -16.82 -10.97 -0.93
C1 EDO TA . 30.34 38.32 2.72
O1 EDO TA . 29.28 37.64 3.40
C2 EDO TA . 29.95 39.80 2.67
O2 EDO TA . 29.87 40.40 3.98
C1 EDO UA . -5.28 37.94 13.85
O1 EDO UA . -6.06 37.75 15.06
C2 EDO UA . -5.44 39.33 13.20
O2 EDO UA . -4.73 40.36 13.97
C1 EDO VA . 25.13 38.78 -21.50
O1 EDO VA . 25.19 39.12 -20.10
C2 EDO VA . 25.86 37.46 -21.71
O2 EDO VA . 27.00 37.26 -20.86
C1 EDO WA . 5.58 8.83 12.42
O1 EDO WA . 5.00 10.14 12.23
C2 EDO WA . 6.66 8.55 11.36
O2 EDO WA . 6.06 8.32 10.08
C1 EDO XA . 10.52 26.39 -13.78
O1 EDO XA . 10.24 26.66 -12.40
C2 EDO XA . 9.72 25.20 -14.34
O2 EDO XA . 10.18 23.91 -13.84
C1 EDO YA . 9.75 29.97 -10.44
O1 EDO YA . 10.26 28.67 -10.13
C2 EDO YA . 9.94 30.84 -9.23
O2 EDO YA . 9.05 30.42 -8.20
C1 EDO ZA . 9.18 55.71 1.31
O1 EDO ZA . 9.62 54.37 1.26
C2 EDO ZA . 10.15 56.45 0.44
O2 EDO ZA . 11.42 56.49 1.11
C1 EDO AB . 13.46 31.00 17.43
O1 EDO AB . 12.61 30.39 16.45
C2 EDO AB . 13.98 32.29 16.86
O2 EDO AB . 14.98 31.94 15.90
C1 EDO BB . 34.50 50.86 -5.21
O1 EDO BB . 34.66 52.28 -5.27
C2 EDO BB . 34.74 50.27 -6.58
O2 EDO BB . 36.08 50.50 -7.04
C1 EDO CB . -18.87 58.56 5.29
O1 EDO CB . -17.62 58.89 5.90
C2 EDO CB . -18.73 58.52 3.77
O2 EDO CB . -17.72 57.56 3.46
C1 EDO DB . -13.28 44.26 26.49
O1 EDO DB . -11.94 43.82 26.70
C2 EDO DB . -13.77 44.82 27.82
O2 EDO DB . -13.01 45.98 28.14
C1 EDO EB . 1.44 24.91 19.50
O1 EDO EB . 1.46 23.89 18.50
C2 EDO EB . 0.12 25.66 19.53
O2 EDO EB . -0.62 25.45 18.33
C1 EDO FB . -3.30 20.83 24.33
O1 EDO FB . -2.38 21.69 24.99
C2 EDO FB . -2.56 19.58 23.95
O2 EDO FB . -3.27 18.99 22.87
C1 EDO GB . 29.21 21.25 -3.36
O1 EDO GB . 29.26 21.64 -1.97
C2 EDO GB . 28.78 19.77 -3.53
O2 EDO GB . 29.88 18.83 -3.47
C1 EDO HB . 29.42 45.02 5.47
O1 EDO HB . 29.47 45.30 6.90
C2 EDO HB . 30.46 43.96 5.16
O2 EDO HB . 31.77 44.42 5.47
C1 EDO IB . -7.76 3.59 19.96
O1 EDO IB . -8.21 2.27 20.33
C2 EDO IB . -7.39 3.58 18.48
O2 EDO IB . -6.23 2.81 18.01
N1 IMD JB . -11.54 47.76 -13.42
C2 IMD JB . -12.14 47.10 -14.43
N3 IMD JB . -13.18 46.45 -13.89
C4 IMD JB . -13.26 46.71 -12.57
C5 IMD JB . -12.22 47.55 -12.28
N1 IMD KB . 15.72 12.32 10.25
C2 IMD KB . 16.93 11.90 9.85
N3 IMD KB . 16.76 11.04 8.79
C4 IMD KB . 15.42 10.94 8.51
C5 IMD KB . 14.78 11.72 9.46
N1 IMD LB . -11.85 -5.67 17.77
C2 IMD LB . -12.78 -5.77 16.81
N3 IMD LB . -14.02 -5.69 17.39
C4 IMD LB . -13.85 -5.52 18.71
C5 IMD LB . -12.49 -5.51 18.95
N1 IMD MB . 15.65 36.97 11.35
C2 IMD MB . 16.26 38.12 11.61
N3 IMD MB . 15.42 39.13 11.32
C4 IMD MB . 14.27 38.61 10.89
C5 IMD MB . 14.43 37.25 10.90
C1 EDO NB . -1.81 12.45 -28.74
O1 EDO NB . -1.17 11.18 -28.89
C2 EDO NB . -0.86 13.44 -28.08
O2 EDO NB . -1.62 14.41 -27.33
#